data_9JR0
#
_entry.id   9JR0
#
loop_
_entity.id
_entity.type
_entity.pdbx_description
1 polymer 'Metabotropic GABA-B receptor subtype 1'
2 polymer 'Gamma-aminobutyric acid type B receptor subunit 2'
3 polymer 'Guanine nucleotide-binding protein G(i) subunit alpha-1'
4 polymer 'Guanine nucleotide-binding protein G(I)/G(S)/G(T) subunit beta-1'
5 polymer 'Guanine nucleotide-binding protein G(I)/G(S)/G(O) subunit gamma-2'
6 non-polymer 'GAMMA-AMINO-BUTANOIC ACID'
#
loop_
_entity_poly.entity_id
_entity_poly.type
_entity_poly.pdbx_seq_one_letter_code
_entity_poly.pdbx_strand_id
1 'polypeptide(L)'
;GVAGRPDELHIGGIFPIAGKGGWQGGQACMPATRLALDDVNKQPNLLPGFKLILHSNDSECEPGLGASVMYNLLYNKPQK
LMLLAGCSTVCTTVAEAAKMWNLIVLCYGASSPALSDRKRFPTLFRTHPSATVHNPTRIKLMKKFGWSRVAILQQAEEVF
ISTVEDLENRCMEAGVEIVTRQSFLSDPTDAVRNLRRQDARIIVGLFYVVAARRVLCEMYKQQLYGRAHVWFFIGWYEDN
WYEVNLKAEGITCTVEQMRIAAEGHLTTEALMWNQNNQTTISGMTAEEFRHRLNQALIEEGYDINHDRYPEGYQEAPLAY
DAVWSVALAFNKTMERLTTGKKSLRDFTYTDKEIADEIYAAMNSTQFLGVSGVVAFSSQGDRIALTQIEQMIDGKYEKLG
YYDTQLDNLSWLNTEQWIGGKVPQDRTIVTHVLRTVSLPLFVCMCTISSCGIFVAFALIIFNIWNKHRRVIQSSHPVCNT
IMLFGVIICLISVILLGIDGRFVSPEEYPKICQARAWLLSTGFTLAYGAMFSKVWRVHRFTTKAKTDPKKKVEPWKLYTM
VSGLLSIDLVILLSWQIFDPLQRYLETFPLEDPVSTTDDIKIRPELEHCESQRNSMWLGLVYGFKGLILVFGLFLAYETR
SIKVKQINDSRYVGMSIYNVVVLCLITAPVGMVIASQQDASFAFVALAVIFCCFLSMLLIFVPKVIEVIRHPKDKAESKY
NPDSAISKEDEERYQKLVTENEQLQRLITQKEEKIRVLRQRLVERGDAKGTELEVLFQGP
;
A
2 'polypeptide(L)'
;RTAKRSDVYIAGFFPYGDGVENSYTGRGVMPSVKLALGHVNEHGKILANYRLHMWWNDTQCNAAVGVKSFFDMMHSGPNK
VMLFGAACTHVTDPIAKASKHWHLTQLSYADTHPMFTKDAFPNFFRVVPSENAFNAPRLALLKEFNWTRVGTVYQNEPRY
SLPHNHMVADLDAMEVEVVETQSFVNDVAESLKKLREKDVRIILGNFNEHFARKAFCEAYKLDMYGRAYQWLIMATYSTD
WWNVTQDSECSVEEIATALEGAILVDLLPLSTSGDITVAGITADEYLVEYDRLRGTEYSRFHGYTYDGIWAAALAIQYVA
EKREDLLTHFDYRVKDWESVFLEALRNTSFEGVTGPVRFYNNERKANILINQFQLGQMEKIGEYHSQKSHLDLSLGKPVK
WVGKTPPKDRTLIYIEHSQVNPTIYIVSASASVIGVIIATVFLAFNIKYRNQRYIKMSSPHLNNLIIVGCMITYLSIIFL
GLDTTLSSVAAFPYICTARAWILMAGFSLSFGAMFSKTWRVHSIFTDLKLNKKVIKDYQLFMVVGVLLAIDIAIITTWQI
ADPFYRETKQLEPLHHENIDDVLVIPENEYCQSEHMTIFVSIIYAYKGLLLVFGAFLAWETRHVSIPALNDSKHIGFSVY
NVFITCLAGAAISLVLSDRKDLVFVLLSFFIIFCTTATLCLVFVPKLVELKRNPQGVVDKRVRATLRPMSKNGRRDSSVC
ELEQRLRDVKNTNCRFRKALMEKENELQALIRKLGPEARKWIDGVTC
;
B
3 'polypeptide(L)'
;MGCTLSAEDKAAVERSKMIDRNLREDGEKAAREVKLLLLGAGESGKNTIVKQMKIIHEAGYSEEECKQYKAVVYSNTIQS
IIAIIRAMGRLKIDFGDSARADDARQLFVLAGAAEEGFMTAELAGVIKRLWKDSGVQACFNRSREYQLNDSAAYYLNDLD
RIAQPNYIPTQQDVLRTRVKTTGIVETHFTFKDLHFKMFDVGAQRSERKKWIHCFEGVTAIIFCVALSDYDLVLAEDEEM
NRMHASMKLFDSICNNKWFTDTSIILFLNKKDLFEEKIKKSPLTICYPEYAGSNTYEEAAAYIQCQFEDLNKRKDTKEIY
THFTCSTDTKNVQFVFDAVTDVIIKNNLKDCGLF
;
C
4 'polypeptide(L)'
;MHHHHHHLEVLFQGPGSSGSELDQLRQEAEQLKNQIRDARKACADATLSQITNNIDPVGRIQMRTRRTLRGHLAKIYAMH
WGTDSRLLVSASQDGKLIIWDSYTTNKVHAIPLRSSWVMTCAYAPSGNYVACGGLDNICSIYNLKTREGNVRVSRELAGH
TGYLSCCRFLDDNQIVTSSGDTTCALWDIETGQQTTTFTGHTGDVMSLSLAPDTRLFVSGACDASAKLWDVREGMCRQTF
TGHESDINAICFFPNGNAFATGSDDATCRLFDLRADQELMTYSHDNIICGITSVSFSKSGRLLLAGYDDFNCNVWDALKA
DRAGVLAGHDNRVSCLGVTDDGMAVATGSWDSFLKIWN
;
D
5 'polypeptide(L)' MASNNTASIAQARKLVEQLKMEANIDRIKVSKAAADLMAYCEAHAKEDPLLTPVPASENPFREKKFFCAIL E
#
loop_
_chem_comp.id
_chem_comp.type
_chem_comp.name
_chem_comp.formula
ABU non-polymer 'GAMMA-AMINO-BUTANOIC ACID' 'C4 H9 N O2'
#
# COMPACT_ATOMS: atom_id res chain seq x y z
N GLU A 8 86.88 30.59 39.93
CA GLU A 8 86.02 29.45 40.20
C GLU A 8 85.03 29.23 39.07
N LEU A 9 84.81 27.97 38.71
CA LEU A 9 83.95 27.63 37.57
C LEU A 9 82.52 28.10 37.80
N HIS A 10 82.06 29.04 36.99
CA HIS A 10 80.72 29.59 37.10
C HIS A 10 79.99 29.42 35.77
N ILE A 11 78.70 29.06 35.86
CA ILE A 11 77.87 28.79 34.70
C ILE A 11 76.56 29.55 34.85
N GLY A 12 75.86 29.71 33.73
CA GLY A 12 74.57 30.37 33.71
C GLY A 12 73.43 29.36 33.66
N GLY A 13 72.29 29.76 34.21
CA GLY A 13 71.13 28.89 34.24
C GLY A 13 69.86 29.67 33.96
N ILE A 14 68.92 29.01 33.31
CA ILE A 14 67.62 29.57 32.97
C ILE A 14 66.54 28.58 33.39
N PHE A 15 65.62 29.02 34.25
CA PHE A 15 64.62 28.12 34.82
C PHE A 15 63.24 28.76 34.73
N PRO A 16 62.26 28.06 34.16
CA PRO A 16 60.91 28.62 34.06
C PRO A 16 60.08 28.43 35.32
N ILE A 17 60.19 29.35 36.27
CA ILE A 17 59.58 29.19 37.59
C ILE A 17 58.24 29.90 37.69
N ALA A 18 58.17 31.16 37.28
CA ALA A 18 57.05 32.04 37.64
C ALA A 18 55.71 31.54 37.16
N GLY A 19 55.49 31.49 35.84
CA GLY A 19 54.21 31.03 35.35
C GLY A 19 53.79 31.56 33.99
N LYS A 20 52.59 32.15 33.94
CA LYS A 20 51.98 32.67 32.72
C LYS A 20 51.59 31.54 31.77
N GLY A 21 52.59 30.91 31.15
CA GLY A 21 52.31 29.84 30.21
C GLY A 21 53.52 28.96 30.02
N GLY A 22 53.37 27.98 29.14
CA GLY A 22 54.46 27.06 28.87
C GLY A 22 54.56 25.95 29.90
N TRP A 23 55.75 25.39 30.02
CA TRP A 23 56.04 24.29 30.95
C TRP A 23 56.85 24.86 32.10
N GLN A 24 56.17 25.20 33.19
CA GLN A 24 56.81 25.80 34.36
C GLN A 24 57.46 24.73 35.24
N GLY A 25 58.39 23.99 34.64
CA GLY A 25 59.10 22.95 35.37
C GLY A 25 60.23 23.45 36.25
N GLY A 26 60.49 24.75 36.23
CA GLY A 26 61.54 25.30 37.06
C GLY A 26 61.26 25.13 38.55
N GLN A 27 60.00 25.17 38.94
CA GLN A 27 59.66 25.09 40.37
C GLN A 27 60.11 23.78 40.99
N ALA A 28 60.24 22.72 40.19
CA ALA A 28 60.74 21.45 40.68
C ALA A 28 62.14 21.11 40.16
N CYS A 29 62.61 21.80 39.12
CA CYS A 29 63.94 21.53 38.58
C CYS A 29 65.02 22.45 39.15
N MET A 30 64.65 23.53 39.83
CA MET A 30 65.62 24.40 40.47
C MET A 30 66.10 23.82 41.81
N PRO A 31 65.20 23.30 42.67
CA PRO A 31 65.70 22.58 43.85
C PRO A 31 66.56 21.38 43.50
N ALA A 32 66.24 20.67 42.42
CA ALA A 32 67.09 19.57 41.98
C ALA A 32 68.47 20.08 41.57
N THR A 33 68.51 21.23 40.89
CA THR A 33 69.80 21.82 40.53
C THR A 33 70.58 22.22 41.77
N ARG A 34 69.91 22.77 42.78
CA ARG A 34 70.59 23.13 44.02
C ARG A 34 71.14 21.90 44.73
N LEU A 35 70.36 20.83 44.78
CA LEU A 35 70.84 19.59 45.38
C LEU A 35 72.04 19.03 44.62
N ALA A 36 71.99 19.06 43.29
CA ALA A 36 73.11 18.58 42.50
C ALA A 36 74.36 19.41 42.73
N LEU A 37 74.20 20.74 42.82
CA LEU A 37 75.35 21.60 43.08
C LEU A 37 75.93 21.36 44.47
N ASP A 38 75.06 21.14 45.46
CA ASP A 38 75.53 20.81 46.80
C ASP A 38 76.32 19.50 46.79
N ASP A 39 75.82 18.49 46.07
CA ASP A 39 76.52 17.23 45.99
C ASP A 39 77.86 17.36 45.27
N VAL A 40 77.89 18.15 44.20
CA VAL A 40 79.11 18.30 43.40
C VAL A 40 80.17 19.06 44.19
N ASN A 41 79.78 20.16 44.85
CA ASN A 41 80.74 20.96 45.61
C ASN A 41 81.21 20.26 46.87
N LYS A 42 80.53 19.22 47.32
CA LYS A 42 80.94 18.47 48.49
C LYS A 42 81.87 17.31 48.16
N GLN A 43 82.16 17.09 46.88
CA GLN A 43 83.06 16.02 46.47
C GLN A 43 84.46 16.58 46.27
N PRO A 44 85.46 16.15 47.05
CA PRO A 44 86.79 16.76 46.91
C PRO A 44 87.54 16.31 45.68
N ASN A 45 87.28 15.10 45.17
CA ASN A 45 88.01 14.57 44.04
C ASN A 45 87.36 14.89 42.70
N LEU A 46 86.18 15.51 42.70
CA LEU A 46 85.51 15.81 41.43
C LEU A 46 86.14 17.00 40.73
N LEU A 47 86.13 18.17 41.37
CA LEU A 47 86.79 19.35 40.83
C LEU A 47 87.91 19.76 41.78
N PRO A 48 89.16 19.40 41.50
CA PRO A 48 90.24 19.70 42.46
C PRO A 48 90.50 21.19 42.60
N GLY A 49 90.26 21.72 43.80
CA GLY A 49 90.44 23.13 44.05
C GLY A 49 89.51 24.02 43.25
N PHE A 50 88.28 23.57 43.02
CA PHE A 50 87.30 24.32 42.25
C PHE A 50 85.91 24.05 42.79
N LYS A 51 85.03 25.03 42.63
CA LYS A 51 83.63 24.89 42.99
C LYS A 51 82.77 25.41 41.85
N LEU A 52 81.57 24.85 41.75
CA LEU A 52 80.64 25.19 40.67
C LEU A 52 79.62 26.20 41.19
N ILE A 53 79.52 27.33 40.51
CA ILE A 53 78.61 28.41 40.88
C ILE A 53 77.64 28.63 39.73
N LEU A 54 76.35 28.69 40.04
CA LEU A 54 75.30 28.85 39.05
C LEU A 54 74.62 30.20 39.23
N HIS A 55 74.57 30.98 38.15
CA HIS A 55 73.88 32.27 38.14
C HIS A 55 72.55 32.06 37.42
N SER A 56 71.56 31.60 38.18
CA SER A 56 70.27 31.24 37.61
C SER A 56 69.37 32.47 37.46
N ASN A 57 68.30 32.30 36.69
CA ASN A 57 67.30 33.34 36.49
C ASN A 57 66.01 32.68 36.03
N ASP A 58 64.93 33.46 36.05
CA ASP A 58 63.60 32.97 35.75
C ASP A 58 63.17 33.49 34.38
N SER A 59 62.69 32.57 33.53
CA SER A 59 62.28 32.91 32.18
C SER A 59 60.79 32.74 31.91
N GLU A 60 60.09 31.99 32.75
CA GLU A 60 58.63 31.81 32.64
C GLU A 60 58.22 31.22 31.29
N CYS A 61 59.09 30.39 30.70
CA CYS A 61 58.86 29.78 29.40
C CYS A 61 58.64 30.80 28.29
N GLU A 62 58.97 32.07 28.55
CA GLU A 62 58.80 33.11 27.55
C GLU A 62 60.08 33.25 26.75
N PRO A 63 60.05 33.11 25.42
CA PRO A 63 61.29 33.27 24.65
C PRO A 63 61.91 34.65 24.80
N GLY A 64 61.10 35.70 24.90
CA GLY A 64 61.64 37.04 25.07
C GLY A 64 62.33 37.22 26.42
N LEU A 65 61.71 36.73 27.50
CA LEU A 65 62.34 36.81 28.80
C LEU A 65 63.60 35.94 28.85
N GLY A 66 63.58 34.79 28.18
CA GLY A 66 64.78 33.98 28.07
C GLY A 66 65.91 34.70 27.35
N ALA A 67 65.58 35.42 26.27
CA ALA A 67 66.58 36.20 25.57
C ALA A 67 67.12 37.33 26.44
N SER A 68 66.24 38.00 27.19
CA SER A 68 66.69 39.05 28.09
C SER A 68 67.62 38.50 29.18
N VAL A 69 67.26 37.34 29.74
CA VAL A 69 68.09 36.72 30.76
C VAL A 69 69.44 36.31 30.18
N MET A 70 69.44 35.76 28.95
CA MET A 70 70.69 35.40 28.30
C MET A 70 71.55 36.64 28.05
N TYR A 71 70.93 37.75 27.66
CA TYR A 71 71.68 38.98 27.47
C TYR A 71 72.30 39.45 28.78
N ASN A 72 71.55 39.38 29.87
CA ASN A 72 72.09 39.77 31.17
C ASN A 72 73.24 38.86 31.58
N LEU A 73 73.12 37.56 31.33
CA LEU A 73 74.17 36.63 31.70
C LEU A 73 75.43 36.85 30.86
N LEU A 74 75.27 37.12 29.57
CA LEU A 74 76.39 37.19 28.65
C LEU A 74 77.03 38.58 28.58
N TYR A 75 76.50 39.55 29.31
CA TYR A 75 77.05 40.90 29.32
C TYR A 75 77.30 41.36 30.76
N ASN A 76 77.66 40.41 31.62
CA ASN A 76 78.01 40.67 33.01
C ASN A 76 79.50 40.38 33.20
N LYS A 77 79.99 40.70 34.40
CA LYS A 77 81.42 40.57 34.68
C LYS A 77 81.92 39.14 34.59
N PRO A 78 81.31 38.14 35.24
CA PRO A 78 81.87 36.78 35.18
C PRO A 78 81.55 36.11 33.85
N GLN A 79 82.58 35.60 33.18
CA GLN A 79 82.41 34.93 31.90
C GLN A 79 81.92 33.51 32.12
N LYS A 80 80.69 33.22 31.68
CA LYS A 80 80.08 31.92 31.90
C LYS A 80 80.71 30.88 30.96
N LEU A 81 81.03 29.72 31.53
CA LEU A 81 81.65 28.66 30.72
C LEU A 81 80.61 27.96 29.85
N MET A 82 79.41 27.75 30.38
CA MET A 82 78.33 27.09 29.64
C MET A 82 77.00 27.55 30.22
N LEU A 83 75.92 27.14 29.56
CA LEU A 83 74.59 27.62 29.89
C LEU A 83 73.64 26.45 30.10
N LEU A 84 72.73 26.59 31.06
CA LEU A 84 71.68 25.62 31.33
C LEU A 84 70.34 26.27 31.03
N ALA A 85 69.49 25.57 30.27
CA ALA A 85 68.20 26.11 29.89
C ALA A 85 67.13 25.05 30.08
N GLY A 86 65.89 25.52 30.24
CA GLY A 86 64.77 24.67 30.58
C GLY A 86 63.76 24.48 29.46
N CYS A 87 62.71 25.29 29.49
CA CYS A 87 61.61 25.22 28.53
C CYS A 87 62.12 25.03 27.11
N SER A 88 61.38 24.23 26.33
CA SER A 88 61.77 23.96 24.95
C SER A 88 61.74 25.22 24.10
N THR A 89 60.73 26.09 24.31
CA THR A 89 60.66 27.33 23.55
C THR A 89 61.84 28.24 23.87
N VAL A 90 62.20 28.36 25.14
CA VAL A 90 63.36 29.15 25.52
C VAL A 90 64.65 28.46 25.06
N CYS A 91 64.67 27.13 25.13
CA CYS A 91 65.85 26.38 24.71
C CYS A 91 66.16 26.60 23.24
N THR A 92 65.12 26.65 22.40
CA THR A 92 65.35 26.85 20.97
C THR A 92 66.08 28.16 20.70
N THR A 93 65.56 29.26 21.23
CA THR A 93 66.18 30.57 20.99
C THR A 93 67.57 30.64 21.62
N VAL A 94 67.72 30.14 22.85
CA VAL A 94 69.02 30.24 23.52
C VAL A 94 70.06 29.40 22.79
N ALA A 95 69.71 28.18 22.39
CA ALA A 95 70.67 27.31 21.72
C ALA A 95 71.01 27.83 20.34
N GLU A 96 70.03 28.42 19.63
CA GLU A 96 70.35 29.00 18.34
C GLU A 96 71.27 30.20 18.48
N ALA A 97 71.02 31.07 19.47
CA ALA A 97 71.83 32.27 19.63
C ALA A 97 73.20 31.99 20.21
N ALA A 98 73.36 30.91 20.99
CA ALA A 98 74.61 30.67 21.70
C ALA A 98 75.75 30.27 20.77
N LYS A 99 75.47 29.88 19.53
CA LYS A 99 76.54 29.55 18.60
C LYS A 99 77.45 30.74 18.31
N MET A 100 76.95 31.96 18.50
CA MET A 100 77.75 33.16 18.25
C MET A 100 78.67 33.52 19.40
N TRP A 101 78.47 32.95 20.59
CA TRP A 101 79.32 33.19 21.74
C TRP A 101 80.18 32.00 22.09
N ASN A 102 80.20 30.97 21.24
CA ASN A 102 80.95 29.73 21.50
C ASN A 102 80.54 29.13 22.84
N LEU A 103 79.24 29.17 23.14
CA LEU A 103 78.71 28.70 24.41
C LEU A 103 78.06 27.34 24.24
N ILE A 104 78.31 26.45 25.18
CA ILE A 104 77.69 25.13 25.21
C ILE A 104 76.40 25.23 26.04
N VAL A 105 75.30 24.74 25.46
CA VAL A 105 74.00 24.84 26.09
C VAL A 105 73.52 23.43 26.41
N LEU A 106 73.14 23.20 27.66
CA LEU A 106 72.60 21.94 28.12
C LEU A 106 71.15 22.15 28.51
N CYS A 107 70.24 21.53 27.75
CA CYS A 107 68.81 21.67 27.98
C CYS A 107 68.33 20.45 28.76
N TYR A 108 67.98 20.68 30.03
CA TYR A 108 67.54 19.58 30.90
C TYR A 108 66.08 19.22 30.69
N GLY A 109 65.27 20.11 30.14
CA GLY A 109 63.84 19.86 30.03
C GLY A 109 63.24 20.23 28.70
N ALA A 110 64.01 20.11 27.62
CA ALA A 110 63.58 20.46 26.28
C ALA A 110 63.35 19.19 25.49
N SER A 111 62.09 18.93 25.11
CA SER A 111 61.72 17.72 24.39
C SER A 111 61.55 17.96 22.89
N SER A 112 61.83 19.15 22.40
CA SER A 112 61.55 19.48 21.01
C SER A 112 62.36 18.60 20.08
N PRO A 113 61.73 17.83 19.19
CA PRO A 113 62.50 17.04 18.23
C PRO A 113 63.33 17.88 17.27
N ALA A 114 62.98 19.15 17.09
CA ALA A 114 63.73 20.03 16.20
C ALA A 114 65.09 20.41 16.77
N LEU A 115 65.37 20.08 18.03
CA LEU A 115 66.65 20.39 18.65
C LEU A 115 67.73 19.36 18.32
N SER A 116 67.40 18.31 17.58
CA SER A 116 68.39 17.34 17.15
C SER A 116 69.17 17.79 15.92
N ASP A 117 68.76 18.88 15.28
CA ASP A 117 69.44 19.39 14.10
C ASP A 117 70.80 19.96 14.51
N ARG A 118 71.87 19.26 14.15
CA ARG A 118 73.21 19.71 14.50
C ARG A 118 73.65 20.94 13.73
N LYS A 119 72.93 21.33 12.68
CA LYS A 119 73.29 22.54 11.94
C LYS A 119 72.74 23.78 12.63
N ARG A 120 71.47 23.75 13.05
CA ARG A 120 70.88 24.88 13.74
C ARG A 120 71.35 24.98 15.19
N PHE A 121 71.58 23.83 15.85
CA PHE A 121 71.99 23.80 17.25
C PHE A 121 73.25 22.95 17.37
N PRO A 122 74.41 23.50 16.97
CA PRO A 122 75.65 22.71 17.04
C PRO A 122 76.11 22.44 18.46
N THR A 123 76.20 23.47 19.29
CA THR A 123 76.70 23.34 20.66
C THR A 123 75.54 23.18 21.64
N LEU A 124 74.75 22.13 21.43
CA LEU A 124 73.60 21.85 22.27
C LEU A 124 73.62 20.39 22.72
N PHE A 125 73.35 20.17 24.01
CA PHE A 125 73.21 18.85 24.58
C PHE A 125 71.92 18.79 25.38
N ARG A 126 71.36 17.58 25.50
CA ARG A 126 70.05 17.41 26.12
C ARG A 126 70.07 16.15 26.96
N THR A 127 69.83 16.30 28.27
CA THR A 127 69.49 15.15 29.09
C THR A 127 68.06 14.69 28.84
N HIS A 128 67.18 15.61 28.47
CA HIS A 128 65.77 15.28 28.25
C HIS A 128 65.61 14.50 26.95
N PRO A 129 64.86 13.40 26.94
CA PRO A 129 64.58 12.71 25.69
C PRO A 129 63.71 13.56 24.76
N SER A 130 63.82 13.27 23.47
CA SER A 130 63.00 13.95 22.48
C SER A 130 61.54 13.55 22.64
N ALA A 131 60.65 14.44 22.21
CA ALA A 131 59.22 14.19 22.33
C ALA A 131 58.73 13.10 21.39
N THR A 132 59.57 12.63 20.47
CA THR A 132 59.20 11.53 19.59
C THR A 132 59.08 10.20 20.31
N VAL A 133 59.48 10.14 21.59
CA VAL A 133 59.39 8.90 22.34
C VAL A 133 57.94 8.47 22.51
N HIS A 134 57.03 9.44 22.67
CA HIS A 134 55.62 9.11 22.83
C HIS A 134 54.98 8.57 21.56
N ASN A 135 55.56 8.85 20.39
CA ASN A 135 54.93 8.46 19.14
C ASN A 135 54.81 6.96 18.96
N PRO A 136 55.88 6.15 19.14
CA PRO A 136 55.68 4.69 19.06
C PRO A 136 54.70 4.17 20.09
N THR A 137 54.69 4.75 21.29
CA THR A 137 53.71 4.34 22.30
C THR A 137 52.29 4.65 21.83
N ARG A 138 52.07 5.83 21.26
CA ARG A 138 50.75 6.20 20.76
C ARG A 138 50.32 5.27 19.63
N ILE A 139 51.24 4.93 18.72
CA ILE A 139 50.89 4.06 17.61
C ILE A 139 50.60 2.64 18.09
N LYS A 140 51.37 2.16 19.07
CA LYS A 140 51.09 0.86 19.66
C LYS A 140 49.73 0.86 20.34
N LEU A 141 49.39 1.95 21.02
CA LEU A 141 48.08 2.06 21.65
C LEU A 141 46.97 2.05 20.61
N MET A 142 47.17 2.75 19.50
CA MET A 142 46.17 2.73 18.42
C MET A 142 46.01 1.33 17.83
N LYS A 143 47.14 0.64 17.61
CA LYS A 143 47.08 -0.71 17.05
C LYS A 143 46.39 -1.68 18.00
N LYS A 144 46.64 -1.53 19.31
CA LYS A 144 46.06 -2.45 20.28
C LYS A 144 44.54 -2.39 20.28
N PHE A 145 43.97 -1.19 20.21
CA PHE A 145 42.53 -1.00 20.26
C PHE A 145 41.88 -0.92 18.88
N GLY A 146 42.66 -1.14 17.81
CA GLY A 146 42.11 -1.14 16.47
C GLY A 146 41.63 0.22 16.01
N TRP A 147 42.54 1.18 15.91
CA TRP A 147 42.24 2.52 15.44
C TRP A 147 43.09 2.82 14.22
N SER A 148 42.45 3.39 13.18
CA SER A 148 43.15 3.73 11.95
C SER A 148 42.88 5.14 11.44
N ARG A 149 41.84 5.81 11.92
CA ARG A 149 41.50 7.18 11.50
C ARG A 149 41.62 8.07 12.74
N VAL A 150 42.72 8.79 12.84
CA VAL A 150 43.04 9.59 14.01
C VAL A 150 43.27 11.03 13.58
N ALA A 151 42.66 11.96 14.30
CA ALA A 151 42.87 13.38 14.07
C ALA A 151 43.97 13.90 14.98
N ILE A 152 44.51 15.06 14.61
CA ILE A 152 45.57 15.71 15.37
C ILE A 152 45.16 17.15 15.66
N LEU A 153 45.21 17.54 16.93
CA LEU A 153 44.99 18.91 17.34
C LEU A 153 46.26 19.37 18.07
N GLN A 154 46.92 20.38 17.51
CA GLN A 154 48.24 20.78 18.00
C GLN A 154 48.29 22.29 18.18
N GLN A 155 49.18 22.72 19.06
CA GLN A 155 49.47 24.14 19.24
C GLN A 155 50.63 24.53 18.33
N ALA A 156 50.53 25.73 17.75
CA ALA A 156 51.48 26.19 16.74
C ALA A 156 52.81 26.54 17.42
N GLU A 157 53.56 25.50 17.79
CA GLU A 157 54.89 25.64 18.36
C GLU A 157 55.82 24.64 17.69
N GLU A 158 57.12 24.97 17.69
CA GLU A 158 58.09 24.12 17.01
C GLU A 158 58.16 22.72 17.61
N VAL A 159 58.05 22.63 18.95
CA VAL A 159 58.11 21.33 19.61
C VAL A 159 56.95 20.45 19.16
N PHE A 160 55.72 20.99 19.19
CA PHE A 160 54.57 20.20 18.81
C PHE A 160 54.51 19.98 17.31
N ILE A 161 54.99 20.94 16.52
CA ILE A 161 55.03 20.75 15.06
C ILE A 161 55.98 19.61 14.70
N SER A 162 57.16 19.57 15.32
CA SER A 162 58.11 18.49 15.06
C SER A 162 57.58 17.15 15.55
N THR A 163 56.95 17.14 16.73
CA THR A 163 56.36 15.90 17.23
C THR A 163 55.27 15.39 16.29
N VAL A 164 54.44 16.29 15.77
CA VAL A 164 53.37 15.91 14.86
C VAL A 164 53.96 15.39 13.55
N GLU A 165 55.02 16.02 13.06
CA GLU A 165 55.66 15.56 11.83
C GLU A 165 56.18 14.14 12.00
N ASP A 166 56.89 13.88 13.11
CA ASP A 166 57.39 12.54 13.35
C ASP A 166 56.25 11.54 13.52
N LEU A 167 55.18 11.94 14.22
CA LEU A 167 54.06 11.04 14.43
C LEU A 167 53.37 10.69 13.12
N GLU A 168 53.20 11.66 12.23
CA GLU A 168 52.59 11.39 10.94
C GLU A 168 53.50 10.51 10.08
N ASN A 169 54.82 10.74 10.12
CA ASN A 169 55.73 9.88 9.38
C ASN A 169 55.62 8.43 9.85
N ARG A 170 55.61 8.22 11.16
CA ARG A 170 55.49 6.87 11.69
C ARG A 170 54.11 6.27 11.43
N CYS A 171 53.06 7.09 11.43
CA CYS A 171 51.73 6.60 11.10
C CYS A 171 51.64 6.15 9.64
N MET A 172 52.25 6.92 8.74
CA MET A 172 52.31 6.50 7.34
C MET A 172 53.12 5.22 7.20
N GLU A 173 54.24 5.11 7.92
CA GLU A 173 55.02 3.88 7.90
C GLU A 173 54.31 2.72 8.59
N ALA A 174 53.26 2.98 9.36
CA ALA A 174 52.52 1.94 10.07
C ALA A 174 51.19 1.59 9.40
N GLY A 175 50.49 2.58 8.87
CA GLY A 175 49.22 2.31 8.22
C GLY A 175 48.03 2.96 8.90
N VAL A 176 48.26 4.10 9.55
CA VAL A 176 47.22 4.87 10.22
C VAL A 176 47.02 6.16 9.45
N GLU A 177 45.77 6.48 9.14
CA GLU A 177 45.43 7.63 8.31
C GLU A 177 45.12 8.83 9.20
N ILE A 178 45.77 9.96 8.89
CA ILE A 178 45.53 11.21 9.61
C ILE A 178 44.34 11.90 8.96
N VAL A 179 43.29 12.12 9.74
CA VAL A 179 42.05 12.69 9.22
C VAL A 179 42.10 14.21 9.21
N THR A 180 42.54 14.82 10.31
CA THR A 180 42.47 16.25 10.47
C THR A 180 43.71 16.73 11.20
N ARG A 181 44.20 17.92 10.85
CA ARG A 181 45.43 18.49 11.35
C ARG A 181 45.21 19.90 11.88
N GLN A 182 44.18 20.08 12.72
CA GLN A 182 43.88 21.39 13.26
C GLN A 182 45.03 21.92 14.10
N SER A 183 45.29 23.22 13.97
CA SER A 183 46.32 23.89 14.74
C SER A 183 45.82 25.28 15.14
N PHE A 184 46.32 25.76 16.28
CA PHE A 184 45.89 27.05 16.81
C PHE A 184 47.07 27.70 17.52
N LEU A 185 46.94 29.00 17.79
CA LEU A 185 47.97 29.73 18.50
C LEU A 185 47.70 29.77 20.00
N SER A 186 46.59 30.36 20.41
CA SER A 186 46.20 30.37 21.81
C SER A 186 44.76 29.93 22.04
N ASP A 187 43.84 30.29 21.14
CA ASP A 187 42.44 29.97 21.31
C ASP A 187 42.06 28.77 20.46
N PRO A 188 41.69 27.64 21.06
CA PRO A 188 41.32 26.45 20.29
C PRO A 188 39.87 26.35 19.87
N THR A 189 39.09 27.43 19.95
CA THR A 189 37.66 27.35 19.66
C THR A 189 37.42 26.94 18.21
N ASP A 190 38.04 27.66 17.26
CA ASP A 190 37.85 27.33 15.85
C ASP A 190 38.41 25.97 15.51
N ALA A 191 39.57 25.62 16.09
CA ALA A 191 40.17 24.32 15.82
C ALA A 191 39.30 23.18 16.33
N VAL A 192 38.73 23.34 17.52
CA VAL A 192 37.84 22.30 18.06
C VAL A 192 36.55 22.23 17.25
N ARG A 193 36.05 23.38 16.81
CA ARG A 193 34.86 23.37 15.94
C ARG A 193 35.12 22.63 14.64
N ASN A 194 36.30 22.84 14.06
CA ASN A 194 36.67 22.11 12.84
C ASN A 194 36.90 20.63 13.12
N LEU A 195 37.38 20.29 14.32
CA LEU A 195 37.49 18.88 14.71
C LEU A 195 36.12 18.22 14.73
N ARG A 196 35.13 18.91 15.32
CA ARG A 196 33.77 18.38 15.32
C ARG A 196 33.20 18.31 13.91
N ARG A 197 33.49 19.31 13.08
CA ARG A 197 32.95 19.37 11.73
C ARG A 197 33.46 18.20 10.88
N GLN A 198 34.75 17.88 11.00
CA GLN A 198 35.35 16.82 10.20
C GLN A 198 35.01 15.42 10.71
N ASP A 199 34.17 15.31 11.74
CA ASP A 199 33.77 14.03 12.31
C ASP A 199 34.99 13.22 12.76
N ALA A 200 35.72 13.78 13.72
CA ALA A 200 36.92 13.18 14.26
C ALA A 200 36.59 12.45 15.55
N ARG A 201 37.02 11.19 15.65
CA ARG A 201 36.74 10.36 16.81
C ARG A 201 37.95 10.20 17.72
N ILE A 202 39.10 9.83 17.16
CA ILE A 202 40.34 9.68 17.92
C ILE A 202 41.20 10.91 17.66
N ILE A 203 41.51 11.66 18.72
CA ILE A 203 42.20 12.93 18.60
C ILE A 203 43.44 12.91 19.48
N VAL A 204 44.58 13.28 18.91
CA VAL A 204 45.83 13.42 19.65
C VAL A 204 46.01 14.89 20.01
N GLY A 205 46.25 15.17 21.29
CA GLY A 205 46.41 16.53 21.75
C GLY A 205 47.82 16.86 22.19
N LEU A 206 48.43 17.86 21.55
CA LEU A 206 49.78 18.31 21.87
C LEU A 206 49.71 19.81 22.17
N PHE A 207 49.62 20.13 23.46
CA PHE A 207 49.47 21.51 23.91
C PHE A 207 50.36 21.74 25.12
N TYR A 208 50.28 22.94 25.67
CA TYR A 208 50.75 23.21 27.02
C TYR A 208 49.54 23.18 27.96
N VAL A 209 49.79 23.41 29.25
CA VAL A 209 48.76 23.20 30.25
C VAL A 209 47.59 24.17 30.06
N VAL A 210 47.90 25.44 29.81
CA VAL A 210 46.83 26.43 29.64
C VAL A 210 46.02 26.13 28.38
N ALA A 211 46.70 25.81 27.28
CA ALA A 211 45.99 25.42 26.07
C ALA A 211 45.23 24.13 26.27
N ALA A 212 45.74 23.22 27.10
CA ALA A 212 45.01 21.99 27.41
C ALA A 212 43.71 22.31 28.17
N ARG A 213 43.77 23.24 29.11
CA ARG A 213 42.56 23.64 29.83
C ARG A 213 41.55 24.29 28.90
N ARG A 214 42.01 25.16 27.99
CA ARG A 214 41.10 25.77 27.04
C ARG A 214 40.50 24.72 26.10
N VAL A 215 41.29 23.73 25.71
CA VAL A 215 40.78 22.64 24.88
C VAL A 215 39.74 21.83 25.64
N LEU A 216 39.94 21.64 26.95
CA LEU A 216 38.93 20.96 27.76
C LEU A 216 37.64 21.76 27.82
N CYS A 217 37.75 23.09 27.97
CA CYS A 217 36.56 23.93 27.98
C CYS A 217 35.83 23.86 26.65
N GLU A 218 36.57 23.86 25.54
CA GLU A 218 35.93 23.70 24.23
C GLU A 218 35.31 22.32 24.08
N MET A 219 35.96 21.29 24.64
CA MET A 219 35.39 19.95 24.66
C MET A 219 34.02 19.95 25.30
N TYR A 220 33.92 20.55 26.49
CA TYR A 220 32.63 20.56 27.19
C TYR A 220 31.61 21.41 26.44
N LYS A 221 32.01 22.61 26.00
CA LYS A 221 31.06 23.51 25.35
C LYS A 221 30.62 23.01 23.98
N GLN A 222 31.35 22.09 23.37
CA GLN A 222 31.00 21.56 22.06
C GLN A 222 30.70 20.06 22.11
N GLN A 223 30.62 19.47 23.29
CA GLN A 223 30.28 18.05 23.46
C GLN A 223 31.24 17.14 22.70
N LEU A 224 32.52 17.48 22.73
CA LEU A 224 33.55 16.67 22.06
C LEU A 224 34.17 15.68 23.06
N TYR A 225 33.30 14.87 23.66
CA TYR A 225 33.70 13.86 24.63
C TYR A 225 32.58 12.85 24.75
N GLY A 226 32.73 11.92 25.70
CA GLY A 226 31.70 10.92 25.93
C GLY A 226 32.11 9.52 25.56
N ARG A 227 31.21 8.78 24.93
CA ARG A 227 31.45 7.39 24.54
C ARG A 227 31.95 7.24 23.12
N ALA A 228 32.18 8.35 22.41
CA ALA A 228 32.61 8.30 21.02
C ALA A 228 33.98 8.90 20.76
N HIS A 229 34.49 9.77 21.64
CA HIS A 229 35.73 10.48 21.42
C HIS A 229 36.78 10.02 22.42
N VAL A 230 37.93 9.59 21.92
CA VAL A 230 39.09 9.25 22.73
C VAL A 230 40.17 10.28 22.47
N TRP A 231 40.67 10.89 23.53
CA TRP A 231 41.64 11.98 23.44
C TRP A 231 42.97 11.52 24.02
N PHE A 232 44.03 11.63 23.22
CA PHE A 232 45.39 11.39 23.70
C PHE A 232 45.99 12.72 24.16
N PHE A 233 46.44 12.77 25.40
CA PHE A 233 47.05 13.96 25.97
C PHE A 233 48.53 13.71 26.22
N ILE A 234 49.19 14.71 26.78
CA ILE A 234 50.59 14.61 27.14
C ILE A 234 50.68 14.28 28.63
N GLY A 235 51.68 13.48 28.98
CA GLY A 235 51.75 12.91 30.32
C GLY A 235 52.42 13.74 31.38
N TRP A 236 53.16 14.79 31.02
CA TRP A 236 53.92 15.53 32.03
C TRP A 236 53.15 16.73 32.58
N TYR A 237 51.84 16.80 32.37
CA TYR A 237 51.04 17.79 33.09
C TYR A 237 50.99 17.43 34.56
N GLU A 238 50.61 18.41 35.38
CA GLU A 238 50.33 18.11 36.78
C GLU A 238 49.15 17.16 36.88
N ASP A 239 49.22 16.25 37.85
CA ASP A 239 48.14 15.27 38.00
C ASP A 239 46.81 15.96 38.33
N ASN A 240 46.84 16.95 39.22
CA ASN A 240 45.63 17.67 39.56
C ASN A 240 45.25 18.69 38.49
N TRP A 241 46.24 19.36 37.91
CA TRP A 241 46.00 20.46 36.99
C TRP A 241 45.75 20.03 35.56
N TYR A 242 45.82 18.73 35.27
CA TYR A 242 45.56 18.27 33.91
C TYR A 242 44.15 18.62 33.47
N GLU A 243 43.16 18.41 34.34
CA GLU A 243 41.79 18.84 34.02
C GLU A 243 41.59 20.31 34.37
N VAL A 244 41.59 20.63 35.66
CA VAL A 244 41.74 22.01 36.12
C VAL A 244 42.11 22.00 37.59
N ASN A 245 43.20 22.68 37.96
CA ASN A 245 43.50 22.92 39.36
C ASN A 245 44.04 24.31 39.68
N LEU A 246 44.65 25.02 38.73
CA LEU A 246 45.46 26.18 39.05
C LEU A 246 44.75 27.51 38.78
N LYS A 247 44.35 27.74 37.53
CA LYS A 247 43.90 29.06 37.09
C LYS A 247 42.60 28.94 36.31
N ALA A 248 41.63 28.20 36.86
CA ALA A 248 40.32 28.08 36.21
C ALA A 248 39.51 29.38 36.26
N GLU A 249 40.06 30.47 36.79
CA GLU A 249 39.33 31.73 36.80
C GLU A 249 39.09 32.24 35.38
N GLY A 250 40.10 32.12 34.52
CA GLY A 250 39.90 32.52 33.13
C GLY A 250 38.91 31.64 32.39
N ILE A 251 38.92 30.34 32.70
CA ILE A 251 37.98 29.42 32.07
C ILE A 251 36.59 29.68 32.62
N THR A 252 35.60 29.75 31.72
CA THR A 252 34.23 29.98 32.15
C THR A 252 33.61 28.74 32.77
N CYS A 253 34.18 27.56 32.50
CA CYS A 253 33.64 26.33 33.06
C CYS A 253 34.03 26.19 34.53
N THR A 254 33.39 25.23 35.19
CA THR A 254 33.58 24.95 36.60
C THR A 254 34.23 23.58 36.75
N VAL A 255 34.96 23.40 37.86
CA VAL A 255 35.78 22.22 38.09
C VAL A 255 35.01 20.94 37.79
N GLU A 256 33.72 20.90 38.12
CA GLU A 256 32.92 19.72 37.83
C GLU A 256 32.80 19.48 36.33
N GLN A 257 32.60 20.56 35.56
CA GLN A 257 32.52 20.43 34.11
C GLN A 257 33.82 19.93 33.52
N MET A 258 34.96 20.43 34.00
CA MET A 258 36.24 19.94 33.54
C MET A 258 36.42 18.47 33.91
N ARG A 259 36.01 18.09 35.11
CA ARG A 259 36.18 16.70 35.55
C ARG A 259 35.37 15.74 34.69
N ILE A 260 34.11 16.09 34.37
CA ILE A 260 33.32 15.21 33.53
C ILE A 260 33.85 15.22 32.10
N ALA A 261 34.28 16.39 31.61
CA ALA A 261 34.84 16.46 30.27
C ALA A 261 36.13 15.65 30.16
N ALA A 262 36.98 15.72 31.19
CA ALA A 262 38.24 14.97 31.21
C ALA A 262 37.99 13.63 31.89
N GLU A 263 37.40 12.70 31.14
CA GLU A 263 37.07 11.38 31.65
C GLU A 263 37.45 10.34 30.61
N GLY A 264 38.44 9.51 30.93
CA GLY A 264 38.84 8.44 30.03
C GLY A 264 39.82 8.81 28.96
N HIS A 265 40.52 9.94 29.09
CA HIS A 265 41.54 10.32 28.14
C HIS A 265 42.88 9.70 28.52
N LEU A 266 43.61 9.24 27.50
CA LEU A 266 44.87 8.54 27.72
C LEU A 266 46.04 9.50 27.62
N THR A 267 47.01 9.32 28.51
CA THR A 267 48.24 10.12 28.50
C THR A 267 49.43 9.19 28.46
N THR A 268 50.48 9.60 27.75
CA THR A 268 51.73 8.86 27.67
C THR A 268 52.88 9.77 28.06
N GLU A 269 53.87 9.21 28.74
CA GLU A 269 55.02 9.98 29.19
C GLU A 269 56.20 9.06 29.45
N ALA A 270 57.40 9.59 29.24
CA ALA A 270 58.60 8.86 29.60
C ALA A 270 58.77 8.85 31.12
N LEU A 271 59.50 7.84 31.61
CA LEU A 271 59.63 7.66 33.06
C LEU A 271 60.55 8.71 33.67
N MET A 272 61.78 8.80 33.17
CA MET A 272 62.79 9.80 33.53
C MET A 272 63.35 9.58 34.93
N TRP A 273 62.88 8.57 35.66
CA TRP A 273 63.43 8.19 36.95
C TRP A 273 64.12 6.85 36.82
N ASN A 274 65.21 6.66 37.56
CA ASN A 274 65.94 5.40 37.52
C ASN A 274 65.06 4.30 38.11
N GLN A 275 64.58 3.40 37.26
CA GLN A 275 63.71 2.31 37.69
C GLN A 275 64.53 1.08 38.07
N ASN A 276 65.51 1.28 38.94
CA ASN A 276 66.42 0.24 39.39
C ASN A 276 66.68 0.44 40.87
N ASN A 277 67.68 -0.27 41.39
CA ASN A 277 68.13 -0.10 42.77
C ASN A 277 69.60 0.24 42.88
N GLN A 278 70.35 0.21 41.78
CA GLN A 278 71.78 0.47 41.82
C GLN A 278 72.05 1.93 42.17
N THR A 279 73.14 2.14 42.90
CA THR A 279 73.55 3.49 43.26
C THR A 279 74.01 4.26 42.03
N THR A 280 73.71 5.55 41.99
CA THR A 280 74.11 6.41 40.89
C THR A 280 75.57 6.83 41.09
N ILE A 281 76.04 7.80 40.30
CA ILE A 281 77.41 8.27 40.43
C ILE A 281 77.62 8.97 41.76
N SER A 282 76.60 9.68 42.24
CA SER A 282 76.66 10.35 43.53
C SER A 282 76.50 9.40 44.71
N GLY A 283 76.53 8.09 44.47
CA GLY A 283 76.38 7.11 45.53
C GLY A 283 75.04 7.13 46.21
N MET A 284 73.98 7.43 45.47
CA MET A 284 72.63 7.47 46.03
C MET A 284 71.65 6.80 45.07
N THR A 285 70.64 6.15 45.63
CA THR A 285 69.62 5.50 44.85
C THR A 285 68.61 6.53 44.32
N ALA A 286 67.76 6.09 43.39
CA ALA A 286 66.69 6.95 42.91
C ALA A 286 65.72 7.31 44.04
N GLU A 287 65.43 6.35 44.92
CA GLU A 287 64.57 6.64 46.05
C GLU A 287 65.25 7.53 47.08
N GLU A 288 66.57 7.47 47.17
CA GLU A 288 67.30 8.40 48.03
C GLU A 288 67.20 9.82 47.51
N PHE A 289 67.14 9.99 46.19
CA PHE A 289 66.88 11.30 45.61
C PHE A 289 65.41 11.64 45.58
N ARG A 290 64.53 10.67 45.83
CA ARG A 290 63.11 10.99 45.96
C ARG A 290 62.78 11.46 47.36
N HIS A 291 63.44 10.90 48.38
CA HIS A 291 63.30 11.43 49.73
C HIS A 291 63.86 12.84 49.81
N ARG A 292 65.03 13.07 49.21
CA ARG A 292 65.45 14.42 48.91
C ARG A 292 64.56 14.96 47.78
N LEU A 293 64.54 16.29 47.66
CA LEU A 293 63.75 16.97 46.63
C LEU A 293 62.26 16.86 46.96
N ASN A 294 61.92 16.04 47.96
CA ASN A 294 60.59 16.05 48.54
C ASN A 294 60.57 16.90 49.80
N GLN A 295 61.54 16.70 50.69
CA GLN A 295 61.74 17.64 51.79
C GLN A 295 62.11 19.01 51.25
N ALA A 296 62.95 19.05 50.21
CA ALA A 296 63.35 20.32 49.62
C ALA A 296 62.16 21.08 49.05
N LEU A 297 61.26 20.37 48.35
CA LEU A 297 60.06 21.03 47.85
C LEU A 297 59.08 21.34 48.97
N ILE A 298 59.14 20.59 50.08
CA ILE A 298 58.30 20.90 51.23
C ILE A 298 58.73 22.22 51.85
N GLU A 299 60.04 22.47 51.96
CA GLU A 299 60.52 23.74 52.47
C GLU A 299 60.23 24.91 51.54
N GLU A 300 59.87 24.64 50.29
CA GLU A 300 59.51 25.68 49.33
C GLU A 300 58.01 25.93 49.25
N GLY A 301 57.22 25.22 50.07
CA GLY A 301 55.79 25.47 50.17
C GLY A 301 54.91 24.49 49.43
N TYR A 302 55.47 23.65 48.57
CA TYR A 302 54.65 22.71 47.80
C TYR A 302 54.19 21.55 48.69
N ASP A 303 52.91 21.24 48.61
CA ASP A 303 52.29 20.23 49.47
C ASP A 303 52.52 18.86 48.84
N ILE A 304 53.70 18.27 49.10
CA ILE A 304 54.01 16.94 48.61
C ILE A 304 53.25 15.85 49.35
N ASN A 305 52.54 16.20 50.42
CA ASN A 305 51.81 15.19 51.19
C ASN A 305 50.69 14.57 50.35
N HIS A 306 49.97 15.39 49.58
CA HIS A 306 48.87 14.90 48.75
C HIS A 306 49.20 15.00 47.27
N ASP A 307 49.55 16.19 46.78
CA ASP A 307 49.91 16.37 45.38
C ASP A 307 51.39 16.04 45.20
N ARG A 308 51.68 15.19 44.22
CA ARG A 308 53.06 14.75 44.00
C ARG A 308 53.88 15.85 43.34
N TYR A 309 54.08 16.96 44.06
CA TYR A 309 54.97 18.05 43.69
C TYR A 309 54.45 18.83 42.49
N PRO A 310 54.97 20.03 42.23
CA PRO A 310 54.47 20.83 41.09
C PRO A 310 54.97 20.30 39.75
N GLU A 311 54.68 21.05 38.69
CA GLU A 311 55.13 20.68 37.36
C GLU A 311 56.66 20.66 37.31
N GLY A 312 57.19 19.71 36.54
CA GLY A 312 58.62 19.49 36.48
C GLY A 312 59.16 18.46 37.44
N TYR A 313 58.30 17.87 38.29
CA TYR A 313 58.74 16.82 39.19
C TYR A 313 59.15 15.57 38.42
N GLN A 314 58.42 15.26 37.35
CA GLN A 314 58.77 14.09 36.54
C GLN A 314 60.12 14.26 35.86
N GLU A 315 60.50 15.50 35.54
CA GLU A 315 61.76 15.81 34.90
C GLU A 315 62.84 16.25 35.89
N ALA A 316 62.54 16.20 37.20
CA ALA A 316 63.51 16.63 38.20
C ALA A 316 64.84 15.89 38.14
N PRO A 317 64.89 14.57 37.96
CA PRO A 317 66.21 13.91 37.84
C PRO A 317 67.04 14.41 36.68
N LEU A 318 66.39 14.94 35.64
CA LEU A 318 67.14 15.42 34.48
C LEU A 318 68.02 16.61 34.82
N ALA A 319 67.53 17.53 35.66
CA ALA A 319 68.35 18.66 36.08
C ALA A 319 69.53 18.21 36.93
N TYR A 320 69.30 17.28 37.84
CA TYR A 320 70.37 16.71 38.66
C TYR A 320 71.44 16.07 37.78
N ASP A 321 71.01 15.26 36.81
CA ASP A 321 71.96 14.61 35.90
C ASP A 321 72.68 15.63 35.03
N ALA A 322 71.98 16.69 34.63
CA ALA A 322 72.61 17.73 33.81
C ALA A 322 73.72 18.43 34.58
N VAL A 323 73.46 18.78 35.85
CA VAL A 323 74.50 19.42 36.64
C VAL A 323 75.67 18.47 36.89
N TRP A 324 75.38 17.19 37.16
CA TRP A 324 76.45 16.23 37.37
C TRP A 324 77.29 16.05 36.10
N SER A 325 76.63 16.02 34.94
CA SER A 325 77.35 15.89 33.69
C SER A 325 78.18 17.14 33.39
N VAL A 326 77.68 18.31 33.77
CA VAL A 326 78.45 19.54 33.61
C VAL A 326 79.72 19.47 34.46
N ALA A 327 79.58 19.02 35.71
CA ALA A 327 80.75 18.88 36.57
C ALA A 327 81.73 17.86 36.01
N LEU A 328 81.22 16.73 35.51
CA LEU A 328 82.09 15.70 34.94
C LEU A 328 82.83 16.22 33.72
N ALA A 329 82.14 16.93 32.83
CA ALA A 329 82.78 17.44 31.62
C ALA A 329 83.78 18.55 31.94
N PHE A 330 83.53 19.32 33.01
CA PHE A 330 84.53 20.29 33.45
C PHE A 330 85.74 19.60 34.05
N ASN A 331 85.54 18.47 34.73
CA ASN A 331 86.66 17.71 35.26
C ASN A 331 87.39 16.91 34.18
N LYS A 332 86.67 16.44 33.16
CA LYS A 332 87.22 15.54 32.17
C LYS A 332 88.07 16.26 31.10
N THR A 333 88.09 17.59 31.12
CA THR A 333 88.84 18.34 30.10
C THR A 333 90.29 17.91 30.06
N MET A 334 91.04 18.19 31.13
CA MET A 334 92.44 17.82 31.30
C MET A 334 93.33 18.38 30.19
N GLU A 335 92.83 19.30 29.37
CA GLU A 335 93.64 19.91 28.32
C GLU A 335 94.69 20.84 28.87
N ARG A 336 94.59 21.24 30.15
CA ARG A 336 95.65 22.03 30.76
C ARG A 336 96.94 21.22 30.91
N LEU A 337 96.82 19.90 31.08
CA LEU A 337 98.01 19.06 31.13
C LEU A 337 98.75 19.08 29.80
N THR A 338 98.03 19.02 28.68
CA THR A 338 98.66 19.06 27.37
C THR A 338 99.27 20.44 27.10
N THR A 339 98.55 21.49 27.44
CA THR A 339 99.04 22.87 27.26
C THR A 339 98.71 23.64 28.53
N GLY A 340 99.74 23.98 29.30
CA GLY A 340 99.53 24.67 30.57
C GLY A 340 98.99 26.08 30.44
N LYS A 341 99.22 26.72 29.29
CA LYS A 341 98.73 28.09 29.10
C LYS A 341 97.20 28.12 29.06
N LYS A 342 96.58 27.17 28.37
CA LYS A 342 95.13 27.15 28.23
C LYS A 342 94.49 26.54 29.47
N SER A 343 93.46 27.21 29.99
CA SER A 343 92.74 26.73 31.16
C SER A 343 91.29 27.18 31.06
N LEU A 344 90.42 26.49 31.80
CA LEU A 344 88.99 26.81 31.77
C LEU A 344 88.73 28.21 32.32
N ARG A 345 89.50 28.64 33.31
CA ARG A 345 89.32 29.97 33.88
C ARG A 345 89.57 31.08 32.85
N ASP A 346 90.35 30.82 31.81
CA ASP A 346 90.67 31.81 30.80
C ASP A 346 89.80 31.68 29.55
N PHE A 347 88.62 31.08 29.69
CA PHE A 347 87.70 30.94 28.57
C PHE A 347 87.05 32.29 28.27
N THR A 348 86.98 32.64 26.99
CA THR A 348 86.29 33.82 26.52
C THR A 348 85.35 33.41 25.39
N TYR A 349 84.32 34.24 25.17
CA TYR A 349 83.33 33.93 24.15
C TYR A 349 83.93 33.87 22.75
N THR A 350 85.07 34.54 22.53
CA THR A 350 85.73 34.46 21.23
C THR A 350 86.50 33.16 21.05
N ASP A 351 86.97 32.56 22.13
CA ASP A 351 87.83 31.38 22.03
C ASP A 351 86.99 30.16 21.65
N LYS A 352 87.22 29.65 20.45
CA LYS A 352 86.56 28.45 19.96
C LYS A 352 87.36 27.18 20.22
N GLU A 353 88.55 27.30 20.82
CA GLU A 353 89.35 26.12 21.10
C GLU A 353 88.93 25.46 22.41
N ILE A 354 88.86 26.23 23.50
CA ILE A 354 88.34 25.70 24.75
C ILE A 354 86.90 25.28 24.61
N ALA A 355 86.12 26.00 23.81
CA ALA A 355 84.74 25.59 23.53
C ALA A 355 84.72 24.24 22.82
N ASP A 356 85.63 24.03 21.88
CA ASP A 356 85.71 22.74 21.19
C ASP A 356 86.10 21.62 22.16
N GLU A 357 87.03 21.90 23.07
CA GLU A 357 87.42 20.90 24.05
C GLU A 357 86.27 20.57 25.01
N ILE A 358 85.52 21.60 25.41
CA ILE A 358 84.35 21.37 26.26
C ILE A 358 83.32 20.52 25.53
N TYR A 359 83.09 20.81 24.25
CA TYR A 359 82.15 20.01 23.47
C TYR A 359 82.63 18.56 23.36
N ALA A 360 83.93 18.37 23.14
CA ALA A 360 84.47 17.01 23.03
C ALA A 360 84.30 16.25 24.34
N ALA A 361 84.57 16.90 25.47
CA ALA A 361 84.39 16.25 26.77
C ALA A 361 82.92 15.96 27.04
N MET A 362 82.03 16.90 26.67
CA MET A 362 80.61 16.72 26.90
C MET A 362 80.06 15.57 26.06
N ASN A 363 80.54 15.43 24.82
CA ASN A 363 80.05 14.39 23.93
C ASN A 363 80.45 13.00 24.38
N SER A 364 81.61 12.87 25.02
CA SER A 364 82.15 11.57 25.41
C SER A 364 81.78 11.16 26.83
N THR A 365 81.04 11.99 27.56
CA THR A 365 80.69 11.65 28.93
C THR A 365 79.63 10.55 28.95
N GLN A 366 79.70 9.69 29.97
CA GLN A 366 78.77 8.56 30.09
C GLN A 366 78.84 8.04 31.51
N PHE A 367 77.68 8.01 32.19
CA PHE A 367 77.61 7.55 33.56
C PHE A 367 76.18 7.13 33.86
N LEU A 368 75.95 6.70 35.10
CA LEU A 368 74.64 6.27 35.56
C LEU A 368 74.13 7.29 36.57
N GLY A 369 73.06 8.00 36.20
CA GLY A 369 72.46 9.02 37.02
C GLY A 369 71.10 8.62 37.56
N VAL A 370 70.49 9.57 38.28
CA VAL A 370 69.17 9.36 38.86
C VAL A 370 68.12 9.20 37.77
N SER A 371 68.36 9.72 36.57
CA SER A 371 67.47 9.54 35.44
C SER A 371 67.81 8.31 34.61
N GLY A 372 68.78 7.52 35.04
CA GLY A 372 69.22 6.36 34.27
C GLY A 372 70.63 6.50 33.76
N VAL A 373 70.86 6.10 32.52
CA VAL A 373 72.16 6.21 31.88
C VAL A 373 72.21 7.53 31.11
N VAL A 374 73.22 8.35 31.38
CA VAL A 374 73.39 9.64 30.74
C VAL A 374 74.56 9.51 29.78
N ALA A 375 74.26 9.40 28.48
CA ALA A 375 75.29 9.22 27.47
C ALA A 375 75.41 10.39 26.49
N PHE A 376 74.39 11.23 26.38
CA PHE A 376 74.41 12.40 25.50
C PHE A 376 74.57 11.93 24.05
N SER A 377 75.22 12.74 23.21
CA SER A 377 75.25 12.45 21.78
C SER A 377 76.06 11.19 21.48
N SER A 378 76.78 10.67 22.47
CA SER A 378 77.53 9.43 22.29
C SER A 378 76.60 8.28 21.89
N GLN A 379 75.65 7.94 22.77
CA GLN A 379 74.67 6.92 22.46
C GLN A 379 73.37 7.57 22.01
N GLY A 380 72.82 8.44 22.84
CA GLY A 380 71.66 9.25 22.45
C GLY A 380 70.28 8.65 22.51
N ASP A 381 69.98 7.70 21.62
CA ASP A 381 68.60 7.21 21.48
C ASP A 381 68.10 6.56 22.75
N ARG A 382 68.64 5.38 23.10
CA ARG A 382 68.34 4.65 24.32
C ARG A 382 66.89 4.80 24.76
N ILE A 383 65.95 4.55 23.85
CA ILE A 383 64.55 4.95 23.99
C ILE A 383 64.01 4.53 25.35
N ALA A 384 63.57 5.51 26.14
CA ALA A 384 63.17 5.26 27.51
C ALA A 384 61.85 4.51 27.56
N LEU A 385 61.62 3.82 28.68
CA LEU A 385 60.35 3.14 28.90
C LEU A 385 59.26 4.17 29.17
N THR A 386 58.15 4.05 28.45
CA THR A 386 57.05 4.98 28.56
C THR A 386 55.93 4.40 29.43
N GLN A 387 55.16 5.29 30.05
CA GLN A 387 54.07 4.91 30.93
C GLN A 387 52.76 5.43 30.37
N ILE A 388 51.74 4.57 30.38
CA ILE A 388 50.42 4.89 29.85
C ILE A 388 49.44 4.97 31.01
N GLU A 389 48.69 6.07 31.08
CA GLU A 389 47.74 6.30 32.16
C GLU A 389 46.43 6.83 31.58
N GLN A 390 45.36 6.63 32.33
CA GLN A 390 44.03 7.08 31.93
C GLN A 390 43.38 7.79 33.10
N MET A 391 42.68 8.88 32.82
CA MET A 391 42.00 9.65 33.86
C MET A 391 40.56 9.15 33.99
N ILE A 392 40.24 8.57 35.15
CA ILE A 392 38.89 8.16 35.48
C ILE A 392 38.52 8.77 36.83
N ASP A 393 37.34 9.38 36.90
CA ASP A 393 36.84 10.01 38.13
C ASP A 393 37.81 11.07 38.64
N GLY A 394 38.47 11.77 37.73
CA GLY A 394 39.40 12.82 38.09
C GLY A 394 40.74 12.36 38.61
N LYS A 395 41.05 11.06 38.51
CA LYS A 395 42.31 10.51 38.98
C LYS A 395 42.94 9.68 37.87
N TYR A 396 44.27 9.60 37.90
CA TYR A 396 45.03 8.91 36.87
C TYR A 396 45.36 7.49 37.33
N GLU A 397 44.92 6.51 36.55
CA GLU A 397 45.19 5.10 36.82
C GLU A 397 46.08 4.57 35.71
N LYS A 398 47.21 3.99 36.08
CA LYS A 398 48.16 3.49 35.11
C LYS A 398 47.58 2.28 34.36
N LEU A 399 47.81 2.24 33.05
CA LEU A 399 47.31 1.17 32.21
C LEU A 399 48.39 0.21 31.73
N GLY A 400 49.65 0.58 31.83
CA GLY A 400 50.72 -0.30 31.41
C GLY A 400 51.97 0.47 31.07
N TYR A 401 52.97 -0.29 30.62
CA TYR A 401 54.26 0.25 30.22
C TYR A 401 54.65 -0.32 28.88
N TYR A 402 55.37 0.46 28.09
CA TYR A 402 55.79 0.07 26.75
C TYR A 402 57.27 0.39 26.57
N ASP A 403 58.04 -0.60 26.11
CA ASP A 403 59.46 -0.44 25.83
C ASP A 403 59.64 -0.47 24.33
N THR A 404 59.96 0.69 23.74
CA THR A 404 60.03 0.80 22.29
C THR A 404 61.15 -0.05 21.71
N GLN A 405 62.32 -0.07 22.37
CA GLN A 405 63.46 -0.81 21.84
C GLN A 405 63.18 -2.30 21.78
N LEU A 406 62.58 -2.86 22.83
CA LEU A 406 62.26 -4.28 22.87
C LEU A 406 60.86 -4.60 22.35
N ASP A 407 60.08 -3.58 22.00
CA ASP A 407 58.72 -3.77 21.48
C ASP A 407 57.86 -4.56 22.46
N ASN A 408 58.05 -4.32 23.75
CA ASN A 408 57.36 -5.03 24.81
C ASN A 408 56.38 -4.11 25.50
N LEU A 409 55.10 -4.50 25.49
CA LEU A 409 54.03 -3.74 26.13
C LEU A 409 53.48 -4.58 27.28
N SER A 410 53.82 -4.22 28.51
CA SER A 410 53.30 -4.88 29.69
C SER A 410 51.99 -4.21 30.06
N TRP A 411 50.88 -4.86 29.75
CA TRP A 411 49.55 -4.26 29.88
C TRP A 411 48.89 -4.70 31.16
N LEU A 412 48.46 -3.72 31.96
CA LEU A 412 47.63 -3.96 33.13
C LEU A 412 46.19 -3.59 32.77
N ASN A 413 45.30 -4.59 32.74
CA ASN A 413 43.95 -4.39 32.26
C ASN A 413 43.12 -3.60 33.27
N THR A 414 43.14 -2.28 33.15
CA THR A 414 42.38 -1.40 34.04
C THR A 414 41.59 -0.35 33.25
N GLU A 415 41.55 -0.45 31.93
CA GLU A 415 40.83 0.51 31.11
C GLU A 415 39.35 0.51 31.46
N GLN A 416 38.75 1.69 31.46
CA GLN A 416 37.39 1.92 31.95
C GLN A 416 36.55 2.61 30.89
N TRP A 417 36.57 2.07 29.68
CA TRP A 417 35.79 2.62 28.57
C TRP A 417 34.32 2.76 28.94
N ILE A 418 33.68 3.79 28.41
CA ILE A 418 32.28 4.06 28.72
C ILE A 418 31.42 2.96 28.13
N GLY A 419 30.78 2.18 28.99
CA GLY A 419 29.97 1.07 28.57
C GLY A 419 30.71 -0.25 28.41
N GLY A 420 32.01 -0.28 28.67
CA GLY A 420 32.79 -1.49 28.55
C GLY A 420 33.23 -1.84 27.15
N LYS A 421 32.90 -1.03 26.15
CA LYS A 421 33.27 -1.27 24.77
C LYS A 421 34.22 -0.19 24.29
N VAL A 422 35.28 -0.61 23.61
CA VAL A 422 36.25 0.36 23.10
C VAL A 422 35.59 1.25 22.05
N PRO A 423 35.72 2.57 22.14
CA PRO A 423 35.16 3.43 21.09
C PRO A 423 35.83 3.16 19.75
N GLN A 424 35.03 3.30 18.68
CA GLN A 424 35.53 3.07 17.34
C GLN A 424 36.02 4.38 16.73
N ASP A 425 36.95 4.25 15.78
CA ASP A 425 37.52 5.42 15.11
C ASP A 425 36.56 6.06 14.12
N ARG A 426 35.45 5.42 13.81
CA ARG A 426 34.51 5.93 12.81
C ARG A 426 33.17 5.24 13.01
N THR A 427 32.22 5.58 12.15
CA THR A 427 30.95 4.88 12.04
C THR A 427 31.00 4.04 10.76
N ILE A 428 30.96 2.73 10.91
CA ILE A 428 31.10 1.81 9.79
C ILE A 428 29.73 1.19 9.50
N VAL A 429 29.52 0.84 8.23
CA VAL A 429 28.29 0.18 7.84
C VAL A 429 28.40 -1.31 8.10
N THR A 430 27.25 -1.93 8.35
CA THR A 430 27.17 -3.37 8.62
C THR A 430 26.37 -4.03 7.51
N HIS A 431 26.96 -5.06 6.90
CA HIS A 431 26.29 -5.82 5.84
C HIS A 431 25.30 -6.79 6.49
N VAL A 432 24.01 -6.50 6.34
CA VAL A 432 22.94 -7.29 6.94
C VAL A 432 22.21 -8.02 5.82
N LEU A 433 22.10 -9.33 5.94
CA LEU A 433 21.41 -10.14 4.93
C LEU A 433 19.92 -10.18 5.21
N ARG A 434 19.13 -9.87 4.19
CA ARG A 434 17.67 -9.93 4.28
C ARG A 434 17.19 -11.25 3.72
N THR A 435 16.28 -11.90 4.44
CA THR A 435 15.80 -13.22 4.07
C THR A 435 14.29 -13.28 4.22
N VAL A 436 13.72 -14.42 3.81
CA VAL A 436 12.27 -14.61 3.93
C VAL A 436 11.91 -14.84 5.39
N SER A 437 10.73 -14.35 5.77
CA SER A 437 10.24 -14.53 7.13
C SER A 437 10.04 -16.01 7.43
N LEU A 438 10.49 -16.43 8.62
CA LEU A 438 10.38 -17.83 9.00
C LEU A 438 8.95 -18.35 9.07
N PRO A 439 7.98 -17.65 9.66
CA PRO A 439 6.60 -18.19 9.65
C PRO A 439 6.05 -18.41 8.25
N LEU A 440 6.30 -17.50 7.31
CA LEU A 440 5.81 -17.69 5.95
C LEU A 440 6.55 -18.83 5.25
N PHE A 441 7.85 -18.98 5.54
CA PHE A 441 8.59 -20.11 5.01
C PHE A 441 8.01 -21.43 5.51
N VAL A 442 7.67 -21.49 6.80
CA VAL A 442 7.08 -22.71 7.35
C VAL A 442 5.71 -22.96 6.76
N CYS A 443 4.93 -21.88 6.54
CA CYS A 443 3.62 -22.04 5.91
C CYS A 443 3.74 -22.62 4.51
N MET A 444 4.70 -22.13 3.73
CA MET A 444 4.91 -22.70 2.39
C MET A 444 5.42 -24.13 2.47
N CYS A 445 6.33 -24.40 3.40
CA CYS A 445 6.97 -25.72 3.46
C CYS A 445 5.99 -26.79 3.91
N THR A 446 5.07 -26.46 4.81
CA THR A 446 4.07 -27.44 5.24
C THR A 446 3.15 -27.84 4.09
N ILE A 447 2.68 -26.85 3.33
CA ILE A 447 1.82 -27.14 2.18
C ILE A 447 2.60 -27.93 1.14
N SER A 448 3.88 -27.60 0.94
CA SER A 448 4.70 -28.33 -0.02
C SER A 448 4.89 -29.78 0.40
N SER A 449 5.12 -30.01 1.70
CA SER A 449 5.28 -31.38 2.19
C SER A 449 3.97 -32.16 2.05
N CYS A 450 2.84 -31.49 2.30
CA CYS A 450 1.54 -32.13 2.07
C CYS A 450 1.38 -32.51 0.61
N GLY A 451 1.81 -31.63 -0.30
CA GLY A 451 1.75 -31.94 -1.72
C GLY A 451 2.63 -33.12 -2.10
N ILE A 452 3.84 -33.19 -1.52
CA ILE A 452 4.72 -34.31 -1.79
C ILE A 452 4.09 -35.61 -1.29
N PHE A 453 3.52 -35.58 -0.09
CA PHE A 453 2.88 -36.77 0.46
C PHE A 453 1.70 -37.21 -0.40
N VAL A 454 0.89 -36.26 -0.85
CA VAL A 454 -0.25 -36.58 -1.71
C VAL A 454 0.22 -37.17 -3.03
N ALA A 455 1.28 -36.60 -3.61
CA ALA A 455 1.81 -37.13 -4.86
C ALA A 455 2.32 -38.56 -4.68
N PHE A 456 3.05 -38.83 -3.60
CA PHE A 456 3.54 -40.18 -3.36
C PHE A 456 2.38 -41.16 -3.13
N ALA A 457 1.37 -40.74 -2.37
CA ALA A 457 0.23 -41.61 -2.13
C ALA A 457 -0.51 -41.94 -3.41
N LEU A 458 -0.71 -40.95 -4.27
CA LEU A 458 -1.39 -41.20 -5.54
C LEU A 458 -0.53 -42.04 -6.49
N ILE A 459 0.79 -41.87 -6.44
CA ILE A 459 1.68 -42.73 -7.21
C ILE A 459 1.53 -44.18 -6.78
N ILE A 460 1.53 -44.42 -5.47
CA ILE A 460 1.35 -45.78 -4.97
C ILE A 460 -0.02 -46.31 -5.34
N PHE A 461 -1.04 -45.44 -5.32
CA PHE A 461 -2.39 -45.85 -5.67
C PHE A 461 -2.47 -46.31 -7.11
N ASN A 462 -1.89 -45.54 -8.03
CA ASN A 462 -2.01 -45.87 -9.45
C ASN A 462 -1.24 -47.13 -9.81
N ILE A 463 -0.02 -47.27 -9.31
CA ILE A 463 0.80 -48.44 -9.62
C ILE A 463 0.45 -49.58 -8.68
N HIS A 467 -3.76 -52.03 -12.70
CA HIS A 467 -4.42 -53.32 -12.55
C HIS A 467 -5.91 -53.20 -12.78
N ARG A 468 -6.56 -52.32 -12.03
CA ARG A 468 -8.00 -52.09 -12.17
C ARG A 468 -8.25 -51.28 -13.44
N ARG A 469 -9.11 -51.80 -14.31
CA ARG A 469 -9.36 -51.16 -15.59
C ARG A 469 -10.07 -49.82 -15.48
N VAL A 470 -10.61 -49.49 -14.31
CA VAL A 470 -11.28 -48.19 -14.13
C VAL A 470 -10.29 -47.06 -14.33
N ILE A 471 -9.10 -47.18 -13.73
CA ILE A 471 -8.04 -46.20 -13.93
C ILE A 471 -7.03 -46.65 -14.98
N GLN A 472 -6.97 -47.95 -15.28
CA GLN A 472 -6.08 -48.44 -16.33
C GLN A 472 -6.63 -48.19 -17.73
N SER A 473 -7.91 -47.84 -17.85
CA SER A 473 -8.46 -47.47 -19.16
C SER A 473 -7.71 -46.25 -19.71
N SER A 474 -7.62 -45.19 -18.92
CA SER A 474 -6.80 -44.04 -19.26
C SER A 474 -5.32 -44.41 -19.14
N HIS A 475 -4.49 -43.61 -19.79
CA HIS A 475 -3.05 -43.87 -19.73
C HIS A 475 -2.54 -43.57 -18.33
N PRO A 476 -2.03 -44.57 -17.59
CA PRO A 476 -1.60 -44.32 -16.22
C PRO A 476 -0.15 -43.86 -16.13
N VAL A 477 0.65 -44.21 -17.14
CA VAL A 477 2.07 -43.89 -17.10
C VAL A 477 2.28 -42.38 -17.23
N CYS A 478 1.46 -41.71 -18.05
CA CYS A 478 1.57 -40.26 -18.15
C CYS A 478 1.20 -39.59 -16.84
N ASN A 479 0.17 -40.11 -16.15
CA ASN A 479 -0.19 -39.56 -14.85
C ASN A 479 0.92 -39.76 -13.83
N THR A 480 1.55 -40.94 -13.84
CA THR A 480 2.65 -41.18 -12.90
C THR A 480 3.84 -40.27 -13.18
N ILE A 481 4.17 -40.06 -14.46
CA ILE A 481 5.25 -39.14 -14.79
C ILE A 481 4.90 -37.71 -14.39
N MET A 482 3.63 -37.34 -14.57
CA MET A 482 3.16 -36.05 -14.10
C MET A 482 3.36 -35.90 -12.60
N LEU A 483 3.06 -36.95 -11.84
CA LEU A 483 3.24 -36.92 -10.40
C LEU A 483 4.71 -36.81 -10.02
N PHE A 484 5.58 -37.53 -10.74
CA PHE A 484 7.02 -37.35 -10.57
C PHE A 484 7.40 -35.89 -10.72
N GLY A 485 6.95 -35.28 -11.81
CA GLY A 485 7.31 -33.89 -12.09
C GLY A 485 6.78 -32.93 -11.05
N VAL A 486 5.54 -33.13 -10.59
CA VAL A 486 4.97 -32.19 -9.64
C VAL A 486 5.68 -32.32 -8.29
N ILE A 487 5.97 -33.55 -7.86
CA ILE A 487 6.73 -33.72 -6.63
C ILE A 487 8.08 -33.02 -6.72
N ILE A 488 8.76 -33.18 -7.87
CA ILE A 488 10.03 -32.49 -8.07
C ILE A 488 9.84 -30.98 -8.02
N CYS A 489 8.69 -30.48 -8.49
CA CYS A 489 8.43 -29.04 -8.46
C CYS A 489 8.24 -28.53 -7.02
N LEU A 490 7.56 -29.29 -6.16
CA LEU A 490 7.53 -28.90 -4.75
C LEU A 490 8.91 -28.94 -4.11
N ILE A 491 9.73 -29.93 -4.47
CA ILE A 491 11.13 -29.90 -4.02
C ILE A 491 11.81 -28.61 -4.50
N SER A 492 11.49 -28.19 -5.73
CA SER A 492 12.05 -26.96 -6.27
C SER A 492 11.65 -25.77 -5.42
N VAL A 493 10.38 -25.73 -5.00
CA VAL A 493 9.92 -24.66 -4.12
C VAL A 493 10.70 -24.67 -2.82
N ILE A 494 10.97 -25.87 -2.27
CA ILE A 494 11.75 -25.95 -1.02
C ILE A 494 13.14 -25.36 -1.21
N LEU A 495 13.87 -25.81 -2.23
CA LEU A 495 15.20 -25.25 -2.45
C LEU A 495 15.17 -23.77 -2.82
N LEU A 496 14.06 -23.29 -3.39
CA LEU A 496 13.93 -21.86 -3.61
C LEU A 496 13.76 -21.11 -2.31
N GLY A 497 13.01 -21.69 -1.36
CA GLY A 497 12.73 -21.00 -0.12
C GLY A 497 13.86 -21.02 0.89
N ILE A 498 14.65 -22.10 0.92
CA ILE A 498 15.67 -22.22 1.97
C ILE A 498 16.70 -21.11 1.88
N ASP A 499 16.92 -20.55 0.68
CA ASP A 499 17.74 -19.36 0.44
C ASP A 499 19.10 -19.41 1.13
N GLY A 500 19.68 -18.25 1.42
CA GLY A 500 20.97 -18.13 2.04
C GLY A 500 20.98 -18.03 3.56
N ARG A 501 19.82 -18.13 4.21
CA ARG A 501 19.80 -18.08 5.67
C ARG A 501 20.28 -19.39 6.29
N PHE A 502 19.93 -20.52 5.67
CA PHE A 502 20.31 -21.83 6.16
C PHE A 502 21.58 -22.37 5.50
N VAL A 503 22.22 -21.60 4.62
CA VAL A 503 23.41 -22.04 3.93
C VAL A 503 24.49 -20.97 4.07
N SER A 504 25.74 -21.40 3.88
CA SER A 504 26.88 -20.51 3.91
C SER A 504 27.04 -19.81 2.56
N PRO A 505 27.88 -18.78 2.50
CA PRO A 505 28.11 -18.12 1.20
C PRO A 505 28.65 -19.04 0.13
N GLU A 506 29.41 -20.07 0.52
CA GLU A 506 29.93 -21.03 -0.45
C GLU A 506 28.92 -22.10 -0.83
N GLU A 507 27.75 -22.12 -0.20
CA GLU A 507 26.70 -23.09 -0.52
C GLU A 507 25.62 -22.52 -1.42
N TYR A 508 25.51 -21.20 -1.52
CA TYR A 508 24.49 -20.59 -2.36
C TYR A 508 24.61 -20.97 -3.84
N PRO A 509 25.79 -20.97 -4.47
CA PRO A 509 25.85 -21.41 -5.88
C PRO A 509 25.34 -22.82 -6.09
N LYS A 510 25.62 -23.73 -5.15
CA LYS A 510 25.19 -25.11 -5.30
C LYS A 510 23.67 -25.24 -5.27
N ILE A 511 23.04 -24.62 -4.26
CA ILE A 511 21.59 -24.68 -4.16
C ILE A 511 20.93 -23.93 -5.31
N CYS A 512 21.57 -22.87 -5.81
CA CYS A 512 21.00 -22.14 -6.94
C CYS A 512 21.05 -22.97 -8.22
N GLN A 513 22.16 -23.66 -8.45
CA GLN A 513 22.24 -24.57 -9.59
C GLN A 513 21.23 -25.71 -9.45
N ALA A 514 21.09 -26.24 -8.23
CA ALA A 514 20.10 -27.30 -7.99
C ALA A 514 18.69 -26.79 -8.27
N ARG A 515 18.39 -25.56 -7.88
CA ARG A 515 17.13 -24.91 -8.27
C ARG A 515 16.96 -24.93 -9.78
N ALA A 516 17.86 -24.24 -10.48
CA ALA A 516 17.74 -24.06 -11.92
C ALA A 516 17.67 -25.38 -12.66
N TRP A 517 18.24 -26.45 -12.11
CA TRP A 517 18.18 -27.74 -12.76
C TRP A 517 16.87 -28.47 -12.44
N LEU A 518 16.58 -28.64 -11.15
CA LEU A 518 15.51 -29.55 -10.75
C LEU A 518 14.14 -28.93 -11.00
N LEU A 519 13.99 -27.62 -10.83
CA LEU A 519 12.74 -26.95 -11.21
C LEU A 519 12.47 -27.13 -12.70
N SER A 520 13.49 -26.93 -13.53
CA SER A 520 13.30 -27.07 -14.96
C SER A 520 12.95 -28.49 -15.33
N THR A 521 13.60 -29.48 -14.71
CA THR A 521 13.29 -30.88 -15.02
C THR A 521 11.87 -31.24 -14.58
N GLY A 522 11.44 -30.75 -13.41
CA GLY A 522 10.08 -31.03 -12.97
C GLY A 522 9.03 -30.41 -13.88
N PHE A 523 9.24 -29.15 -14.27
CA PHE A 523 8.33 -28.52 -15.22
C PHE A 523 8.32 -29.27 -16.54
N THR A 524 9.50 -29.66 -17.03
CA THR A 524 9.57 -30.40 -18.27
C THR A 524 8.79 -31.70 -18.18
N LEU A 525 8.97 -32.44 -17.09
CA LEU A 525 8.27 -33.72 -16.93
C LEU A 525 6.75 -33.53 -16.90
N ALA A 526 6.27 -32.62 -16.04
CA ALA A 526 4.83 -32.45 -15.88
C ALA A 526 4.18 -31.94 -17.17
N TYR A 527 4.72 -30.85 -17.72
CA TYR A 527 4.10 -30.29 -18.92
C TYR A 527 4.33 -31.18 -20.13
N GLY A 528 5.39 -31.99 -20.13
CA GLY A 528 5.56 -32.95 -21.19
C GLY A 528 4.53 -34.05 -21.14
N ALA A 529 4.21 -34.53 -19.93
CA ALA A 529 3.13 -35.51 -19.79
C ALA A 529 1.81 -34.93 -20.29
N MET A 530 1.50 -33.69 -19.89
CA MET A 530 0.24 -33.07 -20.31
C MET A 530 0.20 -32.85 -21.82
N PHE A 531 1.27 -32.28 -22.37
CA PHE A 531 1.34 -32.01 -23.81
C PHE A 531 1.30 -33.30 -24.61
N SER A 532 2.00 -34.34 -24.15
CA SER A 532 1.96 -35.62 -24.83
C SER A 532 0.56 -36.21 -24.81
N LYS A 533 -0.14 -36.10 -23.69
CA LYS A 533 -1.50 -36.62 -23.62
C LYS A 533 -2.41 -35.91 -24.62
N VAL A 534 -2.40 -34.57 -24.62
CA VAL A 534 -3.32 -33.86 -25.51
C VAL A 534 -2.93 -34.05 -26.96
N TRP A 535 -1.63 -34.06 -27.26
CA TRP A 535 -1.18 -34.26 -28.63
C TRP A 535 -1.53 -35.66 -29.12
N ARG A 536 -1.41 -36.67 -28.25
CA ARG A 536 -1.79 -38.02 -28.61
C ARG A 536 -3.29 -38.11 -28.85
N VAL A 537 -4.08 -37.42 -28.04
CA VAL A 537 -5.53 -37.38 -28.23
C VAL A 537 -5.83 -36.81 -29.61
N HIS A 538 -5.19 -35.69 -29.94
CA HIS A 538 -5.43 -35.03 -31.22
C HIS A 538 -5.03 -35.94 -32.37
N ARG A 539 -3.85 -36.56 -32.28
CA ARG A 539 -3.35 -37.38 -33.38
C ARG A 539 -4.14 -38.67 -33.54
N PHE A 540 -4.68 -39.22 -32.45
CA PHE A 540 -5.38 -40.49 -32.52
C PHE A 540 -6.87 -40.34 -32.81
N THR A 541 -7.46 -39.17 -32.58
CA THR A 541 -8.86 -38.97 -32.89
C THR A 541 -9.09 -37.96 -34.01
N THR A 542 -8.57 -36.74 -33.87
CA THR A 542 -8.86 -35.70 -34.85
C THR A 542 -7.99 -35.84 -36.09
N LYS A 543 -6.67 -36.00 -35.90
CA LYS A 543 -5.77 -36.16 -37.05
C LYS A 543 -6.08 -37.45 -37.79
N ALA A 544 -6.34 -38.54 -37.06
CA ALA A 544 -6.74 -39.79 -37.70
C ALA A 544 -8.12 -39.67 -38.32
N LYS A 545 -8.94 -38.74 -37.85
CA LYS A 545 -10.26 -38.46 -38.40
C LYS A 545 -11.15 -39.71 -38.39
N THR A 546 -11.93 -39.87 -39.46
CA THR A 546 -12.86 -41.00 -39.55
C THR A 546 -12.12 -42.33 -39.55
N ASP A 547 -10.98 -42.40 -40.23
CA ASP A 547 -10.19 -43.62 -40.28
C ASP A 547 -9.68 -43.96 -38.88
N PRO A 548 -9.96 -45.15 -38.36
CA PRO A 548 -9.53 -45.49 -37.00
C PRO A 548 -8.90 -46.87 -36.91
N LYS A 549 -9.48 -47.72 -36.06
CA LYS A 549 -8.97 -49.06 -35.80
C LYS A 549 -7.51 -49.01 -35.36
N LYS A 550 -7.16 -47.99 -34.58
CA LYS A 550 -5.79 -47.84 -34.10
C LYS A 550 -5.82 -46.95 -32.86
N LYS A 551 -5.52 -47.53 -31.70
CA LYS A 551 -5.46 -46.76 -30.46
C LYS A 551 -4.08 -46.14 -30.30
N VAL A 552 -3.81 -45.58 -29.12
CA VAL A 552 -2.52 -44.96 -28.83
C VAL A 552 -1.66 -45.94 -28.05
N GLU A 553 -0.34 -45.75 -28.14
CA GLU A 553 0.62 -46.65 -27.55
C GLU A 553 1.99 -46.00 -27.49
N PRO A 554 3.01 -46.70 -26.96
CA PRO A 554 4.36 -46.13 -26.92
C PRO A 554 4.95 -45.93 -28.31
N TRP A 555 6.16 -45.36 -28.36
CA TRP A 555 6.87 -44.99 -29.57
C TRP A 555 6.26 -43.76 -30.22
N LYS A 556 5.12 -43.31 -29.67
CA LYS A 556 4.52 -42.03 -30.05
C LYS A 556 4.34 -41.11 -28.86
N LEU A 557 3.79 -41.61 -27.76
CA LEU A 557 3.56 -40.77 -26.58
C LEU A 557 4.86 -40.46 -25.85
N TYR A 558 5.71 -41.47 -25.65
CA TYR A 558 6.96 -41.25 -24.94
C TYR A 558 7.93 -40.38 -25.73
N THR A 559 7.79 -40.36 -27.06
CA THR A 559 8.77 -39.67 -27.90
C THR A 559 8.80 -38.18 -27.57
N MET A 560 7.64 -37.53 -27.55
CA MET A 560 7.59 -36.08 -27.35
C MET A 560 8.10 -35.70 -25.96
N VAL A 561 7.65 -36.41 -24.92
CA VAL A 561 8.06 -36.06 -23.56
C VAL A 561 9.55 -36.32 -23.37
N SER A 562 10.06 -37.45 -23.87
CA SER A 562 11.48 -37.74 -23.73
C SER A 562 12.32 -36.74 -24.50
N GLY A 563 11.87 -36.34 -25.70
CA GLY A 563 12.61 -35.35 -26.46
C GLY A 563 12.63 -33.99 -25.77
N LEU A 564 11.49 -33.55 -25.23
CA LEU A 564 11.45 -32.29 -24.52
C LEU A 564 12.35 -32.33 -23.28
N LEU A 565 12.30 -33.43 -22.52
CA LEU A 565 13.14 -33.56 -21.34
C LEU A 565 14.62 -33.57 -21.72
N SER A 566 14.98 -34.27 -22.80
CA SER A 566 16.37 -34.32 -23.23
C SER A 566 16.84 -32.94 -23.69
N ILE A 567 15.99 -32.19 -24.40
CA ILE A 567 16.36 -30.84 -24.82
C ILE A 567 16.56 -29.95 -23.60
N ASP A 568 15.66 -30.06 -22.61
CA ASP A 568 15.81 -29.27 -21.39
C ASP A 568 17.11 -29.61 -20.68
N LEU A 569 17.42 -30.91 -20.56
CA LEU A 569 18.65 -31.32 -19.90
C LEU A 569 19.88 -30.85 -20.66
N VAL A 570 19.85 -30.91 -21.98
CA VAL A 570 20.99 -30.46 -22.79
C VAL A 570 21.20 -28.97 -22.62
N ILE A 571 20.11 -28.19 -22.65
CA ILE A 571 20.24 -26.75 -22.46
C ILE A 571 20.77 -26.43 -21.07
N LEU A 572 20.26 -27.13 -20.05
CA LEU A 572 20.73 -26.92 -18.69
C LEU A 572 22.22 -27.21 -18.58
N LEU A 573 22.66 -28.35 -19.11
CA LEU A 573 24.07 -28.71 -19.02
C LEU A 573 24.95 -27.73 -19.77
N SER A 574 24.54 -27.35 -20.98
CA SER A 574 25.35 -26.43 -21.78
C SER A 574 25.48 -25.07 -21.09
N TRP A 575 24.38 -24.53 -20.59
CA TRP A 575 24.45 -23.21 -19.97
C TRP A 575 25.12 -23.26 -18.60
N GLN A 576 25.05 -24.40 -17.91
CA GLN A 576 25.75 -24.52 -16.64
C GLN A 576 27.25 -24.64 -16.84
N ILE A 577 27.68 -25.46 -17.80
CA ILE A 577 29.11 -25.64 -18.05
C ILE A 577 29.71 -24.37 -18.63
N PHE A 578 29.04 -23.76 -19.61
CA PHE A 578 29.56 -22.54 -20.23
C PHE A 578 29.58 -21.39 -19.23
N ASP A 579 28.57 -21.31 -18.37
CA ASP A 579 28.46 -20.21 -17.40
C ASP A 579 27.87 -20.74 -16.11
N PRO A 580 28.69 -21.03 -15.11
CA PRO A 580 28.15 -21.42 -13.80
C PRO A 580 27.41 -20.27 -13.14
N LEU A 581 26.80 -20.57 -12.00
CA LEU A 581 25.99 -19.60 -11.28
C LEU A 581 26.73 -19.09 -10.06
N GLN A 582 26.85 -17.76 -9.97
CA GLN A 582 27.42 -17.09 -8.81
C GLN A 582 26.36 -16.25 -8.14
N ARG A 583 26.60 -15.90 -6.88
CA ARG A 583 25.66 -15.11 -6.10
C ARG A 583 26.08 -13.64 -6.09
N TYR A 584 25.13 -12.76 -6.40
CA TYR A 584 25.34 -11.34 -6.38
C TYR A 584 24.49 -10.72 -5.29
N LEU A 585 25.06 -9.74 -4.58
CA LEU A 585 24.40 -9.10 -3.45
C LEU A 585 23.87 -7.74 -3.91
N GLU A 586 22.54 -7.59 -3.88
CA GLU A 586 21.92 -6.33 -4.29
C GLU A 586 21.94 -5.36 -3.12
N THR A 587 22.53 -4.18 -3.34
CA THR A 587 22.64 -3.19 -2.27
C THR A 587 21.28 -2.55 -2.01
N PHE A 588 21.05 -2.25 -0.73
CA PHE A 588 19.89 -1.54 -0.23
C PHE A 588 20.38 -0.40 0.65
N PRO A 589 19.58 0.67 0.81
CA PRO A 589 20.16 1.90 1.33
C PRO A 589 20.40 1.94 2.83
N LEU A 590 21.32 2.82 3.22
CA LEU A 590 21.78 2.89 4.61
C LEU A 590 20.64 3.29 5.52
N GLU A 591 20.51 2.60 6.65
CA GLU A 591 19.46 2.86 7.62
C GLU A 591 20.05 2.85 9.02
N ASP A 592 19.53 3.71 9.88
CA ASP A 592 20.00 3.74 11.25
C ASP A 592 19.55 2.46 11.97
N PRO A 593 20.40 1.91 12.83
CA PRO A 593 20.02 0.68 13.54
C PRO A 593 18.98 0.96 14.61
N VAL A 594 18.30 -0.10 15.03
CA VAL A 594 17.32 0.01 16.11
C VAL A 594 18.00 0.45 17.39
N SER A 595 19.17 -0.13 17.69
CA SER A 595 19.95 0.27 18.87
C SER A 595 20.82 1.45 18.48
N THR A 596 20.54 2.62 19.06
CA THR A 596 21.32 3.82 18.77
C THR A 596 22.64 3.84 19.51
N THR A 597 22.82 2.98 20.51
CA THR A 597 24.08 2.97 21.27
C THR A 597 25.26 2.58 20.37
N ASP A 598 25.06 1.58 19.51
CA ASP A 598 26.11 1.14 18.60
C ASP A 598 26.21 2.14 17.45
N ASP A 599 27.35 2.83 17.35
CA ASP A 599 27.55 3.84 16.32
C ASP A 599 28.01 3.19 15.01
N ILE A 600 27.14 2.33 14.48
CA ILE A 600 27.41 1.62 13.23
C ILE A 600 26.14 1.64 12.39
N LYS A 601 26.29 1.96 11.11
CA LYS A 601 25.15 2.00 10.20
C LYS A 601 24.81 0.59 9.72
N ILE A 602 23.58 0.44 9.25
CA ILE A 602 23.07 -0.80 8.71
C ILE A 602 23.01 -0.69 7.20
N ARG A 603 23.53 -1.71 6.51
CA ARG A 603 23.55 -1.77 5.05
C ARG A 603 22.87 -3.05 4.61
N PRO A 604 21.54 -3.07 4.58
CA PRO A 604 20.83 -4.30 4.20
C PRO A 604 21.13 -4.68 2.76
N GLU A 605 21.07 -5.98 2.49
CA GLU A 605 21.30 -6.50 1.14
C GLU A 605 20.51 -7.78 0.96
N LEU A 606 20.27 -8.14 -0.30
CA LEU A 606 19.52 -9.33 -0.65
C LEU A 606 20.34 -10.15 -1.64
N GLU A 607 20.50 -11.44 -1.35
CA GLU A 607 21.25 -12.33 -2.23
C GLU A 607 20.45 -12.65 -3.48
N HIS A 608 21.13 -12.64 -4.63
CA HIS A 608 20.52 -12.97 -5.90
C HIS A 608 21.48 -13.87 -6.69
N CYS A 609 20.97 -14.39 -7.80
CA CYS A 609 21.74 -15.25 -8.69
C CYS A 609 21.75 -14.66 -10.09
N GLU A 610 22.94 -14.62 -10.70
CA GLU A 610 23.11 -14.10 -12.05
C GLU A 610 24.54 -14.38 -12.49
N SER A 611 24.84 -14.09 -13.75
CA SER A 611 26.18 -14.18 -14.32
C SER A 611 26.17 -13.41 -15.64
N GLN A 612 27.27 -13.52 -16.38
CA GLN A 612 27.38 -12.78 -17.64
C GLN A 612 26.38 -13.27 -18.68
N ARG A 613 26.35 -14.59 -18.91
CA ARG A 613 25.45 -15.18 -19.88
C ARG A 613 24.19 -15.77 -19.25
N ASN A 614 24.00 -15.56 -17.94
CA ASN A 614 22.83 -16.11 -17.28
C ASN A 614 21.54 -15.46 -17.78
N SER A 615 21.58 -14.15 -18.03
CA SER A 615 20.37 -13.46 -18.48
C SER A 615 19.92 -13.95 -19.85
N MET A 616 20.86 -14.09 -20.79
CA MET A 616 20.50 -14.54 -22.13
C MET A 616 19.97 -15.97 -22.12
N TRP A 617 20.63 -16.86 -21.38
CA TRP A 617 20.17 -18.25 -21.30
C TRP A 617 18.82 -18.35 -20.61
N LEU A 618 18.61 -17.54 -19.56
CA LEU A 618 17.32 -17.51 -18.90
C LEU A 618 16.24 -17.02 -19.85
N GLY A 619 16.54 -16.00 -20.64
CA GLY A 619 15.58 -15.54 -21.64
C GLY A 619 15.26 -16.59 -22.68
N LEU A 620 16.27 -17.32 -23.14
CA LEU A 620 16.04 -18.37 -24.13
C LEU A 620 15.20 -19.50 -23.56
N VAL A 621 15.49 -19.93 -22.32
CA VAL A 621 14.72 -21.01 -21.73
C VAL A 621 13.29 -20.55 -21.44
N TYR A 622 13.12 -19.28 -21.04
CA TYR A 622 11.77 -18.75 -20.85
C TYR A 622 11.01 -18.68 -22.17
N GLY A 623 11.71 -18.32 -23.26
CA GLY A 623 11.06 -18.30 -24.56
C GLY A 623 10.63 -19.69 -25.00
N PHE A 624 11.49 -20.69 -24.79
CA PHE A 624 11.12 -22.07 -25.11
C PHE A 624 9.93 -22.52 -24.28
N LYS A 625 9.93 -22.20 -22.98
CA LYS A 625 8.82 -22.56 -22.13
C LYS A 625 7.54 -21.88 -22.58
N GLY A 626 7.62 -20.60 -22.95
CA GLY A 626 6.44 -19.92 -23.45
C GLY A 626 5.93 -20.50 -24.75
N LEU A 627 6.85 -20.88 -25.64
CA LEU A 627 6.44 -21.52 -26.90
C LEU A 627 5.70 -22.82 -26.64
N ILE A 628 6.26 -23.68 -25.79
CA ILE A 628 5.58 -24.95 -25.53
C ILE A 628 4.27 -24.73 -24.79
N LEU A 629 4.22 -23.72 -23.90
CA LEU A 629 2.98 -23.42 -23.19
C LEU A 629 1.89 -22.99 -24.16
N VAL A 630 2.21 -22.07 -25.08
CA VAL A 630 1.21 -21.59 -26.02
C VAL A 630 0.77 -22.71 -26.96
N PHE A 631 1.73 -23.54 -27.41
CA PHE A 631 1.37 -24.66 -28.26
C PHE A 631 0.44 -25.63 -27.55
N GLY A 632 0.73 -25.95 -26.29
CA GLY A 632 -0.13 -26.84 -25.54
C GLY A 632 -1.51 -26.26 -25.28
N LEU A 633 -1.57 -24.95 -24.99
CA LEU A 633 -2.86 -24.30 -24.78
C LEU A 633 -3.70 -24.31 -26.06
N PHE A 634 -3.07 -24.01 -27.20
CA PHE A 634 -3.80 -24.05 -28.46
C PHE A 634 -4.28 -25.46 -28.79
N LEU A 635 -3.43 -26.46 -28.55
CA LEU A 635 -3.85 -27.84 -28.80
C LEU A 635 -5.00 -28.25 -27.88
N ALA A 636 -4.93 -27.87 -26.60
CA ALA A 636 -6.01 -28.18 -25.68
C ALA A 636 -7.31 -27.52 -26.10
N TYR A 637 -7.24 -26.27 -26.56
CA TYR A 637 -8.44 -25.61 -27.07
C TYR A 637 -8.97 -26.32 -28.31
N GLU A 638 -8.07 -26.79 -29.18
CA GLU A 638 -8.48 -27.48 -30.40
C GLU A 638 -9.06 -28.86 -30.16
N THR A 639 -8.70 -29.52 -29.06
CA THR A 639 -9.23 -30.84 -28.74
C THR A 639 -10.27 -30.75 -27.63
N ARG A 640 -11.01 -29.64 -27.60
CA ARG A 640 -12.00 -29.42 -26.55
C ARG A 640 -13.05 -30.53 -26.55
N SER A 641 -13.82 -30.63 -27.64
CA SER A 641 -14.89 -31.61 -27.72
C SER A 641 -14.41 -33.01 -28.10
N ILE A 642 -13.15 -33.16 -28.49
CA ILE A 642 -12.65 -34.46 -28.90
C ILE A 642 -12.51 -35.36 -27.68
N LYS A 643 -13.10 -36.55 -27.76
CA LYS A 643 -13.06 -37.53 -26.69
C LYS A 643 -12.56 -38.86 -27.22
N VAL A 644 -11.70 -39.52 -26.44
CA VAL A 644 -11.11 -40.80 -26.81
C VAL A 644 -11.51 -41.84 -25.79
N LYS A 645 -11.78 -43.06 -26.25
CA LYS A 645 -12.12 -44.14 -25.32
C LYS A 645 -10.93 -44.54 -24.46
N GLN A 646 -9.72 -44.48 -25.02
CA GLN A 646 -8.54 -44.90 -24.28
C GLN A 646 -7.97 -43.78 -23.41
N ILE A 647 -8.08 -42.53 -23.86
CA ILE A 647 -7.43 -41.42 -23.19
C ILE A 647 -8.54 -40.50 -22.68
N ASN A 648 -9.63 -41.11 -22.21
CA ASN A 648 -10.81 -40.43 -21.71
C ASN A 648 -10.48 -39.20 -20.87
N ASP A 649 -9.38 -39.24 -20.12
CA ASP A 649 -8.92 -38.08 -19.34
C ASP A 649 -8.34 -37.05 -20.30
N SER A 650 -9.23 -36.27 -20.91
CA SER A 650 -8.83 -35.22 -21.82
C SER A 650 -9.41 -33.88 -21.38
N ARG A 651 -10.61 -33.92 -20.78
CA ARG A 651 -11.22 -32.72 -20.25
C ARG A 651 -10.42 -32.18 -19.06
N TYR A 652 -10.12 -33.05 -18.11
CA TYR A 652 -9.34 -32.65 -16.94
C TYR A 652 -7.95 -32.18 -17.36
N VAL A 653 -7.32 -32.90 -18.29
CA VAL A 653 -6.00 -32.51 -18.77
C VAL A 653 -6.07 -31.18 -19.50
N GLY A 654 -7.16 -30.94 -20.23
CA GLY A 654 -7.33 -29.65 -20.88
C GLY A 654 -7.41 -28.50 -19.90
N MET A 655 -8.23 -28.65 -18.86
CA MET A 655 -8.32 -27.61 -17.84
C MET A 655 -6.98 -27.42 -17.13
N SER A 656 -6.29 -28.51 -16.82
CA SER A 656 -5.01 -28.40 -16.15
C SER A 656 -4.00 -27.66 -17.03
N ILE A 657 -3.97 -27.97 -18.32
CA ILE A 657 -3.06 -27.28 -19.23
C ILE A 657 -3.38 -25.81 -19.32
N TYR A 658 -4.66 -25.45 -19.44
CA TYR A 658 -5.03 -24.05 -19.51
C TYR A 658 -4.62 -23.31 -18.25
N ASN A 659 -4.88 -23.91 -17.08
CA ASN A 659 -4.48 -23.29 -15.82
C ASN A 659 -2.96 -23.14 -15.73
N VAL A 660 -2.22 -24.15 -16.19
CA VAL A 660 -0.76 -24.11 -16.09
C VAL A 660 -0.20 -22.99 -16.97
N VAL A 661 -0.69 -22.89 -18.20
CA VAL A 661 -0.22 -21.83 -19.10
C VAL A 661 -0.54 -20.46 -18.50
N VAL A 662 -1.78 -20.29 -18.03
CA VAL A 662 -2.17 -18.99 -17.49
C VAL A 662 -1.30 -18.64 -16.28
N LEU A 663 -1.09 -19.60 -15.39
CA LEU A 663 -0.34 -19.33 -14.17
C LEU A 663 1.13 -19.03 -14.46
N CYS A 664 1.74 -19.77 -15.38
CA CYS A 664 3.14 -19.50 -15.71
C CYS A 664 3.30 -18.13 -16.36
N LEU A 665 2.40 -17.79 -17.30
CA LEU A 665 2.51 -16.49 -17.96
C LEU A 665 2.20 -15.34 -17.02
N ILE A 666 1.35 -15.55 -16.01
CA ILE A 666 1.09 -14.47 -15.06
C ILE A 666 2.20 -14.38 -14.02
N THR A 667 2.89 -15.49 -13.74
CA THR A 667 3.88 -15.53 -12.69
C THR A 667 5.24 -15.01 -13.14
N ALA A 668 5.74 -15.44 -14.29
CA ALA A 668 7.12 -15.13 -14.65
C ALA A 668 7.38 -13.63 -14.81
N PRO A 669 6.57 -12.87 -15.58
CA PRO A 669 6.68 -11.41 -15.49
C PRO A 669 6.63 -10.85 -14.07
N VAL A 670 5.68 -11.33 -13.26
CA VAL A 670 5.50 -10.77 -11.92
C VAL A 670 6.70 -11.10 -11.04
N GLY A 671 7.24 -12.31 -11.16
CA GLY A 671 8.46 -12.64 -10.43
C GLY A 671 9.64 -11.78 -10.87
N MET A 672 9.80 -11.59 -12.18
CA MET A 672 10.88 -10.74 -12.66
C MET A 672 10.72 -9.30 -12.18
N VAL A 673 9.48 -8.87 -11.93
CA VAL A 673 9.26 -7.52 -11.42
C VAL A 673 9.55 -7.44 -9.93
N ILE A 674 9.03 -8.38 -9.15
CA ILE A 674 9.06 -8.28 -7.69
C ILE A 674 10.21 -9.07 -7.08
N ALA A 675 11.21 -9.45 -7.89
CA ALA A 675 12.40 -10.10 -7.34
C ALA A 675 13.10 -9.27 -6.28
N SER A 676 12.92 -7.94 -6.29
CA SER A 676 13.57 -7.10 -5.29
C SER A 676 13.07 -7.42 -3.89
N GLN A 677 11.76 -7.64 -3.73
CA GLN A 677 11.17 -7.96 -2.44
C GLN A 677 11.22 -9.48 -2.28
N GLN A 678 12.13 -9.95 -1.43
CA GLN A 678 12.37 -11.39 -1.32
C GLN A 678 11.15 -12.12 -0.76
N ASP A 679 10.50 -11.54 0.25
CA ASP A 679 9.34 -12.19 0.85
C ASP A 679 8.20 -12.30 -0.14
N ALA A 680 7.84 -11.20 -0.80
CA ALA A 680 6.74 -11.21 -1.75
C ALA A 680 7.06 -12.09 -2.94
N SER A 681 8.30 -12.04 -3.45
CA SER A 681 8.66 -12.85 -4.61
C SER A 681 8.59 -14.33 -4.28
N PHE A 682 9.17 -14.73 -3.14
CA PHE A 682 9.11 -16.14 -2.75
C PHE A 682 7.68 -16.57 -2.51
N ALA A 683 6.88 -15.74 -1.84
CA ALA A 683 5.49 -16.10 -1.59
C ALA A 683 4.72 -16.28 -2.89
N PHE A 684 4.90 -15.35 -3.83
CA PHE A 684 4.19 -15.45 -5.10
C PHE A 684 4.60 -16.69 -5.87
N VAL A 685 5.90 -16.95 -5.98
CA VAL A 685 6.37 -18.11 -6.75
C VAL A 685 5.90 -19.40 -6.10
N ALA A 686 6.07 -19.51 -4.78
CA ALA A 686 5.69 -20.73 -4.08
C ALA A 686 4.19 -20.96 -4.16
N LEU A 687 3.39 -19.92 -3.95
CA LEU A 687 1.94 -20.06 -4.01
C LEU A 687 1.48 -20.42 -5.42
N ALA A 688 2.07 -19.80 -6.45
CA ALA A 688 1.70 -20.12 -7.82
C ALA A 688 2.00 -21.57 -8.14
N VAL A 689 3.22 -22.03 -7.80
CA VAL A 689 3.58 -23.42 -8.06
C VAL A 689 2.69 -24.36 -7.26
N ILE A 690 2.40 -24.03 -6.01
CA ILE A 690 1.58 -24.90 -5.16
C ILE A 690 0.16 -25.01 -5.72
N PHE A 691 -0.43 -23.88 -6.08
CA PHE A 691 -1.79 -23.89 -6.60
C PHE A 691 -1.87 -24.65 -7.91
N CYS A 692 -0.94 -24.37 -8.84
CA CYS A 692 -0.91 -25.09 -10.10
C CYS A 692 -0.75 -26.59 -9.87
N CYS A 693 0.18 -26.97 -9.00
CA CYS A 693 0.49 -28.38 -8.77
C CYS A 693 -0.71 -29.10 -8.15
N PHE A 694 -1.27 -28.54 -7.08
CA PHE A 694 -2.38 -29.17 -6.38
C PHE A 694 -3.61 -29.25 -7.28
N LEU A 695 -3.90 -28.19 -8.03
CA LEU A 695 -5.04 -28.21 -8.93
C LEU A 695 -4.85 -29.28 -10.01
N SER A 696 -3.62 -29.42 -10.52
CA SER A 696 -3.35 -30.48 -11.50
C SER A 696 -3.58 -31.86 -10.89
N MET A 697 -3.08 -32.10 -9.67
CA MET A 697 -3.33 -33.38 -9.01
C MET A 697 -4.82 -33.65 -8.89
N LEU A 698 -5.56 -32.67 -8.37
CA LEU A 698 -7.00 -32.85 -8.19
C LEU A 698 -7.66 -33.21 -9.52
N LEU A 699 -7.45 -32.38 -10.55
CA LEU A 699 -8.13 -32.59 -11.81
C LEU A 699 -7.80 -33.95 -12.41
N ILE A 700 -6.52 -34.36 -12.38
CA ILE A 700 -6.17 -35.60 -13.05
C ILE A 700 -6.65 -36.82 -12.26
N PHE A 701 -6.57 -36.77 -10.92
CA PHE A 701 -6.67 -38.01 -10.17
C PHE A 701 -7.89 -38.12 -9.27
N VAL A 702 -8.40 -37.02 -8.72
CA VAL A 702 -9.52 -37.12 -7.77
C VAL A 702 -10.74 -37.79 -8.40
N PRO A 703 -11.17 -37.45 -9.62
CA PRO A 703 -12.28 -38.20 -10.22
C PRO A 703 -11.99 -39.69 -10.37
N LYS A 704 -10.74 -40.06 -10.67
CA LYS A 704 -10.41 -41.48 -10.76
C LYS A 704 -10.57 -42.17 -9.41
N VAL A 705 -10.12 -41.52 -8.33
CA VAL A 705 -10.24 -42.12 -7.00
C VAL A 705 -11.70 -42.25 -6.61
N ILE A 706 -12.51 -41.21 -6.85
CA ILE A 706 -13.91 -41.28 -6.47
C ILE A 706 -14.67 -42.29 -7.33
N GLU A 707 -14.24 -42.50 -8.58
CA GLU A 707 -14.88 -43.52 -9.40
C GLU A 707 -14.49 -44.91 -8.93
N VAL A 708 -13.24 -45.09 -8.51
CA VAL A 708 -12.82 -46.38 -7.97
C VAL A 708 -13.56 -46.70 -6.69
N ILE A 709 -13.71 -45.71 -5.80
CA ILE A 709 -14.40 -45.94 -4.53
C ILE A 709 -15.85 -46.29 -4.76
N ARG A 710 -16.54 -45.53 -5.59
CA ARG A 710 -17.96 -45.77 -5.86
C ARG A 710 -18.13 -46.90 -6.89
N SER B 6 68.64 67.00 15.99
CA SER B 6 69.36 65.94 16.70
C SER B 6 69.72 64.79 15.77
N ASP B 7 69.98 63.62 16.35
CA ASP B 7 70.47 62.47 15.61
C ASP B 7 69.71 61.20 15.99
N VAL B 8 68.37 61.27 15.97
CA VAL B 8 67.55 60.12 16.31
C VAL B 8 67.93 58.93 15.44
N TYR B 9 68.08 57.77 16.07
CA TYR B 9 68.47 56.53 15.42
C TYR B 9 67.38 55.48 15.59
N ILE B 10 67.14 54.71 14.53
CA ILE B 10 66.22 53.58 14.58
C ILE B 10 66.95 52.36 14.05
N ALA B 11 66.85 51.25 14.78
CA ALA B 11 67.57 50.03 14.42
C ALA B 11 66.80 49.26 13.34
N GLY B 12 67.52 48.77 12.35
CA GLY B 12 66.92 48.03 11.26
C GLY B 12 67.61 46.71 11.04
N PHE B 13 66.85 45.76 10.49
CA PHE B 13 67.36 44.44 10.17
C PHE B 13 66.93 44.07 8.76
N PHE B 14 67.91 43.88 7.88
CA PHE B 14 67.63 43.56 6.49
C PHE B 14 68.48 42.39 6.04
N PRO B 15 67.95 41.49 5.23
CA PRO B 15 68.77 40.42 4.63
C PRO B 15 69.53 40.90 3.40
N TYR B 16 70.41 41.88 3.62
CA TYR B 16 71.12 42.53 2.52
C TYR B 16 72.27 41.68 1.99
N GLY B 17 72.75 40.71 2.76
CA GLY B 17 73.95 39.98 2.36
C GLY B 17 73.77 39.28 1.02
N ASP B 18 74.87 39.24 0.27
CA ASP B 18 74.86 38.62 -1.06
C ASP B 18 74.97 37.11 -0.92
N GLY B 19 74.00 36.39 -1.49
CA GLY B 19 73.97 34.95 -1.43
C GLY B 19 73.14 34.36 -0.31
N VAL B 20 72.66 35.19 0.63
CA VAL B 20 71.84 34.69 1.71
C VAL B 20 70.41 34.49 1.22
N GLU B 21 69.65 33.67 1.94
CA GLU B 21 68.26 33.44 1.59
C GLU B 21 67.45 34.71 1.78
N ASN B 22 66.49 34.94 0.88
CA ASN B 22 65.63 36.12 0.90
C ASN B 22 66.43 37.41 0.83
N SER B 23 67.56 37.38 0.10
CA SER B 23 68.38 38.58 -0.03
C SER B 23 67.73 39.61 -0.94
N TYR B 24 66.92 39.16 -1.90
CA TYR B 24 66.32 40.09 -2.85
C TYR B 24 65.41 41.08 -2.14
N THR B 25 64.72 40.65 -1.08
CA THR B 25 63.82 41.54 -0.37
C THR B 25 64.56 42.74 0.21
N GLY B 26 65.62 42.48 0.99
CA GLY B 26 66.38 43.57 1.57
C GLY B 26 67.09 44.41 0.53
N ARG B 27 67.67 43.75 -0.49
CA ARG B 27 68.39 44.48 -1.52
C ARG B 27 67.46 45.37 -2.34
N GLY B 28 66.19 45.00 -2.45
CA GLY B 28 65.25 45.81 -3.20
C GLY B 28 64.53 46.85 -2.37
N VAL B 29 64.45 46.65 -1.05
CA VAL B 29 63.78 47.62 -0.20
C VAL B 29 64.73 48.63 0.42
N MET B 30 66.04 48.41 0.37
CA MET B 30 66.97 49.42 0.86
C MET B 30 66.88 50.76 0.12
N PRO B 31 66.79 50.80 -1.22
CA PRO B 31 66.63 52.12 -1.87
C PRO B 31 65.41 52.89 -1.41
N SER B 32 64.29 52.20 -1.15
CA SER B 32 63.11 52.88 -0.63
C SER B 32 63.38 53.44 0.77
N VAL B 33 64.13 52.70 1.59
CA VAL B 33 64.48 53.19 2.91
C VAL B 33 65.32 54.45 2.81
N LYS B 34 66.31 54.46 1.90
CA LYS B 34 67.13 55.65 1.72
C LYS B 34 66.30 56.83 1.23
N LEU B 35 65.40 56.59 0.27
CA LEU B 35 64.55 57.66 -0.24
C LEU B 35 63.68 58.24 0.86
N ALA B 36 63.07 57.38 1.67
CA ALA B 36 62.20 57.86 2.74
C ALA B 36 62.98 58.61 3.79
N LEU B 37 64.18 58.13 4.15
CA LEU B 37 65.00 58.85 5.11
C LEU B 37 65.39 60.22 4.59
N GLY B 38 65.77 60.30 3.32
CA GLY B 38 66.08 61.60 2.74
C GLY B 38 64.89 62.54 2.73
N HIS B 39 63.71 62.01 2.37
CA HIS B 39 62.51 62.84 2.35
C HIS B 39 62.17 63.35 3.76
N VAL B 40 62.30 62.49 4.77
CA VAL B 40 62.02 62.91 6.14
C VAL B 40 63.02 63.97 6.59
N ASN B 41 64.30 63.76 6.29
CA ASN B 41 65.33 64.71 6.73
C ASN B 41 65.15 66.06 6.05
N GLU B 42 64.80 66.07 4.77
CA GLU B 42 64.59 67.33 4.05
C GLU B 42 63.22 67.95 4.32
N HIS B 43 62.33 67.24 5.01
CA HIS B 43 60.99 67.75 5.28
C HIS B 43 61.03 68.74 6.44
N GLY B 44 60.66 69.99 6.17
CA GLY B 44 60.64 70.99 7.22
C GLY B 44 59.57 70.74 8.26
N LYS B 45 58.39 70.29 7.83
CA LYS B 45 57.28 70.11 8.76
C LYS B 45 57.48 68.90 9.66
N ILE B 46 58.06 67.83 9.14
CA ILE B 46 58.20 66.57 9.88
C ILE B 46 59.63 66.47 10.39
N LEU B 47 59.78 66.35 11.71
CA LEU B 47 61.08 66.25 12.37
C LEU B 47 61.97 67.43 12.00
N ALA B 48 61.49 68.63 12.35
CA ALA B 48 62.23 69.85 12.02
C ALA B 48 63.53 69.93 12.79
N ASN B 49 63.52 69.57 14.08
CA ASN B 49 64.68 69.72 14.94
C ASN B 49 65.50 68.45 15.06
N TYR B 50 65.15 67.39 14.34
CA TYR B 50 65.83 66.11 14.45
C TYR B 50 66.18 65.58 13.07
N ARG B 51 67.29 64.85 13.00
CA ARG B 51 67.72 64.18 11.77
C ARG B 51 67.67 62.68 12.00
N LEU B 52 66.95 61.97 11.14
CA LEU B 52 66.75 60.54 11.32
C LEU B 52 67.83 59.74 10.60
N HIS B 53 68.32 58.69 11.26
CA HIS B 53 69.28 57.77 10.70
C HIS B 53 68.84 56.34 10.98
N MET B 54 69.36 55.40 10.19
CA MET B 54 69.14 53.98 10.42
C MET B 54 70.47 53.31 10.73
N TRP B 55 70.54 52.67 11.90
CA TRP B 55 71.68 51.84 12.28
C TRP B 55 71.25 50.40 12.05
N TRP B 56 71.49 49.91 10.83
CA TRP B 56 70.97 48.61 10.40
C TRP B 56 72.12 47.62 10.22
N ASN B 57 71.86 46.37 10.62
CA ASN B 57 72.80 45.28 10.47
C ASN B 57 72.18 44.20 9.60
N ASP B 58 72.96 43.67 8.66
CA ASP B 58 72.50 42.55 7.86
C ASP B 58 72.39 41.30 8.73
N THR B 59 71.26 40.63 8.66
CA THR B 59 71.01 39.44 9.47
C THR B 59 71.29 38.14 8.73
N GLN B 60 71.52 38.20 7.41
CA GLN B 60 71.79 37.02 6.59
C GLN B 60 70.69 35.98 6.69
N CYS B 61 69.47 36.41 7.03
CA CYS B 61 68.35 35.50 7.27
C CYS B 61 68.74 34.40 8.26
N ASN B 62 69.46 34.78 9.30
CA ASN B 62 69.94 33.87 10.33
C ASN B 62 69.46 34.36 11.68
N ALA B 63 68.82 33.47 12.44
CA ALA B 63 68.31 33.85 13.76
C ALA B 63 69.45 34.21 14.71
N ALA B 64 70.53 33.43 14.69
CA ALA B 64 71.65 33.69 15.59
C ALA B 64 72.30 35.03 15.29
N VAL B 65 72.54 35.32 14.01
CA VAL B 65 73.17 36.58 13.63
C VAL B 65 72.26 37.75 13.98
N GLY B 66 70.96 37.60 13.74
CA GLY B 66 70.03 38.65 14.10
C GLY B 66 69.99 38.92 15.60
N VAL B 67 69.97 37.86 16.40
CA VAL B 67 69.96 38.03 17.85
C VAL B 67 71.24 38.69 18.32
N LYS B 68 72.39 38.27 17.79
CA LYS B 68 73.65 38.88 18.16
C LYS B 68 73.70 40.36 17.77
N SER B 69 73.20 40.68 16.57
CA SER B 69 73.15 42.07 16.13
C SER B 69 72.25 42.91 17.03
N PHE B 70 71.09 42.36 17.42
CA PHE B 70 70.20 43.09 18.30
C PHE B 70 70.83 43.32 19.67
N PHE B 71 71.51 42.31 20.20
CA PHE B 71 72.17 42.46 21.49
C PHE B 71 73.27 43.51 21.42
N ASP B 72 74.05 43.50 20.34
CA ASP B 72 75.09 44.52 20.17
C ASP B 72 74.48 45.90 20.02
N MET B 73 73.36 46.02 19.32
CA MET B 73 72.68 47.30 19.16
C MET B 73 72.21 47.83 20.51
N MET B 74 71.65 46.95 21.35
CA MET B 74 71.15 47.39 22.64
C MET B 74 72.27 47.66 23.63
N HIS B 75 73.40 46.96 23.51
CA HIS B 75 74.49 47.14 24.47
C HIS B 75 75.05 48.55 24.42
N SER B 76 75.63 48.93 23.28
CA SER B 76 76.27 50.23 23.14
C SER B 76 75.91 50.83 21.78
N GLY B 77 75.94 52.16 21.71
CA GLY B 77 75.70 52.85 20.47
C GLY B 77 74.93 54.15 20.64
N PRO B 78 74.29 54.60 19.55
CA PRO B 78 73.60 55.89 19.58
C PRO B 78 72.20 55.84 20.19
N ASN B 79 71.89 54.79 20.95
CA ASN B 79 70.63 54.69 21.71
C ASN B 79 69.41 54.70 20.77
N LYS B 80 69.31 53.63 20.00
CA LYS B 80 68.18 53.44 19.09
C LYS B 80 66.86 53.57 19.85
N VAL B 81 65.83 54.05 19.14
CA VAL B 81 64.51 54.27 19.74
C VAL B 81 63.44 53.37 19.14
N MET B 82 63.70 52.73 18.01
CA MET B 82 62.72 51.87 17.37
C MET B 82 63.44 50.78 16.59
N LEU B 83 62.72 49.72 16.25
CA LEU B 83 63.26 48.62 15.48
C LEU B 83 62.46 48.43 14.20
N PHE B 84 63.17 48.06 13.13
CA PHE B 84 62.58 47.82 11.82
C PHE B 84 62.69 46.32 11.55
N GLY B 85 61.63 45.58 11.86
CA GLY B 85 61.65 44.13 11.90
C GLY B 85 62.11 43.45 10.63
N ALA B 86 62.90 42.39 10.78
CA ALA B 86 63.49 41.71 9.63
C ALA B 86 62.40 41.02 8.80
N ALA B 87 62.72 40.81 7.52
CA ALA B 87 61.79 40.16 6.62
C ALA B 87 61.61 38.69 6.97
N CYS B 88 62.70 37.99 7.28
CA CYS B 88 62.62 36.58 7.60
C CYS B 88 61.86 36.37 8.91
N THR B 89 60.95 35.39 8.90
CA THR B 89 60.13 35.13 10.08
C THR B 89 60.96 34.62 11.25
N HIS B 90 61.90 33.71 10.98
CA HIS B 90 62.72 33.14 12.04
C HIS B 90 63.74 34.13 12.60
N VAL B 91 63.94 35.26 11.93
CA VAL B 91 64.74 36.34 12.50
C VAL B 91 63.87 37.32 13.27
N THR B 92 62.67 37.60 12.76
CA THR B 92 61.79 38.56 13.42
C THR B 92 61.26 38.02 14.74
N ASP B 93 60.96 36.72 14.80
CA ASP B 93 60.36 36.16 16.02
C ASP B 93 61.23 36.36 17.26
N PRO B 94 62.51 35.95 17.28
CA PRO B 94 63.30 36.21 18.49
C PRO B 94 63.47 37.69 18.78
N ILE B 95 63.67 38.51 17.74
CA ILE B 95 63.85 39.94 17.95
C ILE B 95 62.57 40.58 18.46
N ALA B 96 61.43 40.21 17.87
CA ALA B 96 60.16 40.78 18.32
C ALA B 96 59.84 40.35 19.75
N LYS B 97 60.14 39.11 20.11
CA LYS B 97 59.89 38.67 21.48
C LYS B 97 60.81 39.36 22.47
N ALA B 98 62.08 39.56 22.10
CA ALA B 98 63.03 40.18 23.02
C ALA B 98 62.81 41.69 23.15
N SER B 99 62.37 42.36 22.09
CA SER B 99 62.28 43.82 22.09
C SER B 99 61.30 44.35 23.12
N LYS B 100 60.30 43.57 23.52
CA LYS B 100 59.33 44.05 24.50
C LYS B 100 60.01 44.32 25.84
N HIS B 101 60.96 43.47 26.22
CA HIS B 101 61.64 43.61 27.50
C HIS B 101 62.70 44.70 27.51
N TRP B 102 63.06 45.23 26.34
CA TRP B 102 63.85 46.45 26.25
C TRP B 102 62.98 47.71 26.14
N HIS B 103 61.66 47.55 26.26
CA HIS B 103 60.70 48.65 26.15
C HIS B 103 60.86 49.37 24.80
N LEU B 104 60.97 48.59 23.74
CA LEU B 104 61.10 49.10 22.38
C LEU B 104 59.93 48.62 21.53
N THR B 105 59.47 49.49 20.65
CA THR B 105 58.45 49.15 19.67
C THR B 105 59.10 48.82 18.34
N GLN B 106 58.46 47.94 17.59
CA GLN B 106 59.01 47.43 16.34
C GLN B 106 58.03 47.64 15.20
N LEU B 107 58.57 47.96 14.02
CA LEU B 107 57.78 48.14 12.82
C LEU B 107 58.23 47.12 11.77
N SER B 108 57.27 46.44 11.17
CA SER B 108 57.55 45.47 10.11
C SER B 108 57.40 46.12 8.74
N TYR B 109 58.10 45.57 7.76
CA TYR B 109 58.00 46.10 6.41
C TYR B 109 57.75 44.99 5.39
N ALA B 110 58.16 43.76 5.71
CA ALA B 110 58.00 42.65 4.77
C ALA B 110 57.56 41.35 5.42
N ASP B 111 57.22 41.34 6.70
CA ASP B 111 56.84 40.12 7.40
C ASP B 111 55.32 40.03 7.47
N THR B 112 54.77 38.95 6.92
CA THR B 112 53.32 38.77 6.83
C THR B 112 52.84 37.51 7.53
N HIS B 113 53.67 36.88 8.34
CA HIS B 113 53.29 35.61 8.95
C HIS B 113 52.09 35.82 9.88
N PRO B 114 51.09 34.95 9.83
CA PRO B 114 49.89 35.14 10.64
C PRO B 114 50.04 34.64 12.06
N MET B 115 51.16 34.98 12.71
CA MET B 115 51.39 34.62 14.10
C MET B 115 51.86 35.79 14.94
N PHE B 116 52.10 36.96 14.36
CA PHE B 116 52.45 38.16 15.10
C PHE B 116 51.20 38.90 15.54
N THR B 117 50.36 38.18 16.30
CA THR B 117 49.12 38.73 16.78
C THR B 117 49.37 39.78 17.85
N LYS B 118 48.35 40.62 18.08
CA LYS B 118 48.48 41.67 19.09
C LYS B 118 48.60 41.11 20.50
N ASP B 119 47.98 39.95 20.74
CA ASP B 119 48.07 39.34 22.07
C ASP B 119 49.47 38.84 22.38
N ALA B 120 50.11 38.17 21.42
CA ALA B 120 51.44 37.62 21.66
C ALA B 120 52.54 38.63 21.40
N PHE B 121 52.29 39.63 20.56
CA PHE B 121 53.29 40.64 20.20
C PHE B 121 52.68 42.02 20.37
N PRO B 122 52.56 42.50 21.61
CA PRO B 122 51.92 43.81 21.84
C PRO B 122 52.65 44.98 21.20
N ASN B 123 53.98 44.93 21.13
CA ASN B 123 54.78 46.04 20.62
C ASN B 123 55.05 45.93 19.12
N PHE B 124 54.54 44.91 18.46
CA PHE B 124 54.83 44.67 17.05
C PHE B 124 53.76 45.33 16.19
N PHE B 125 54.16 46.34 15.42
CA PHE B 125 53.28 47.04 14.49
C PHE B 125 53.69 46.67 13.08
N ARG B 126 52.71 46.29 12.26
CA ARG B 126 52.95 45.80 10.91
C ARG B 126 52.45 46.81 9.89
N VAL B 127 53.39 47.35 9.10
CA VAL B 127 53.01 48.25 8.00
C VAL B 127 52.62 47.47 6.76
N VAL B 128 52.88 46.17 6.71
CA VAL B 128 52.44 45.29 5.65
C VAL B 128 51.44 44.31 6.24
N PRO B 129 50.25 44.16 5.65
CA PRO B 129 49.25 43.28 6.26
C PRO B 129 49.67 41.83 6.24
N SER B 130 49.15 41.07 7.21
CA SER B 130 49.49 39.66 7.34
C SER B 130 48.73 38.84 6.30
N GLU B 131 48.82 37.51 6.41
CA GLU B 131 48.11 36.63 5.50
C GLU B 131 46.63 36.49 5.84
N ASN B 132 46.20 36.94 7.01
CA ASN B 132 44.78 37.02 7.31
C ASN B 132 44.10 38.12 6.53
N ALA B 133 44.86 39.04 5.94
CA ALA B 133 44.26 40.10 5.13
C ALA B 133 43.69 39.57 3.83
N PHE B 134 44.11 38.39 3.38
CA PHE B 134 43.62 37.82 2.12
C PHE B 134 42.31 37.07 2.28
N ASN B 135 41.75 37.01 3.48
CA ASN B 135 40.48 36.33 3.68
C ASN B 135 39.30 37.21 3.26
N ALA B 136 39.33 38.50 3.60
CA ALA B 136 38.23 39.38 3.28
C ALA B 136 38.01 39.55 1.77
N PRO B 137 39.03 39.79 0.94
CA PRO B 137 38.78 39.88 -0.51
C PRO B 137 38.18 38.63 -1.12
N ARG B 138 38.56 37.44 -0.64
CA ARG B 138 37.97 36.23 -1.18
C ARG B 138 36.52 36.07 -0.74
N LEU B 139 36.20 36.49 0.47
CA LEU B 139 34.80 36.52 0.90
C LEU B 139 33.99 37.50 0.04
N ALA B 140 34.57 38.67 -0.25
CA ALA B 140 33.89 39.64 -1.11
C ALA B 140 33.69 39.09 -2.51
N LEU B 141 34.68 38.33 -3.02
CA LEU B 141 34.51 37.70 -4.33
C LEU B 141 33.43 36.64 -4.30
N LEU B 142 33.33 35.89 -3.20
CA LEU B 142 32.25 34.92 -3.06
C LEU B 142 30.89 35.62 -3.06
N LYS B 143 30.79 36.76 -2.38
CA LYS B 143 29.53 37.49 -2.33
C LYS B 143 29.19 38.12 -3.66
N GLU B 144 30.19 38.62 -4.39
CA GLU B 144 29.93 39.32 -5.65
C GLU B 144 29.41 38.37 -6.72
N PHE B 145 29.98 37.17 -6.81
CA PHE B 145 29.62 36.22 -7.86
C PHE B 145 28.61 35.19 -7.37
N ASN B 146 27.98 35.43 -6.21
CA ASN B 146 26.92 34.57 -5.69
C ASN B 146 27.40 33.13 -5.52
N TRP B 147 28.51 32.96 -4.82
CA TRP B 147 29.04 31.65 -4.48
C TRP B 147 28.75 31.36 -3.01
N THR B 148 28.16 30.21 -2.74
CA THR B 148 27.74 29.86 -1.39
C THR B 148 28.31 28.51 -0.99
N ARG B 149 28.54 27.63 -1.96
CA ARG B 149 29.11 26.31 -1.72
C ARG B 149 30.57 26.33 -2.15
N VAL B 150 31.48 26.21 -1.18
CA VAL B 150 32.91 26.29 -1.44
C VAL B 150 33.62 25.16 -0.71
N GLY B 151 34.83 24.86 -1.19
CA GLY B 151 35.69 23.92 -0.50
C GLY B 151 37.08 24.51 -0.35
N THR B 152 37.83 23.95 0.59
CA THR B 152 39.14 24.49 0.94
C THR B 152 40.20 23.40 0.92
N VAL B 153 41.36 23.73 0.38
CA VAL B 153 42.55 22.89 0.46
C VAL B 153 43.72 23.79 0.85
N TYR B 154 44.41 23.43 1.93
CA TYR B 154 45.48 24.28 2.43
C TYR B 154 46.66 23.42 2.88
N GLN B 155 47.85 24.01 2.79
CA GLN B 155 49.06 23.35 3.23
C GLN B 155 49.09 23.24 4.76
N ASN B 156 49.69 22.17 5.25
CA ASN B 156 49.81 21.96 6.70
C ASN B 156 51.02 22.73 7.23
N GLU B 157 50.88 24.05 7.19
CA GLU B 157 51.85 24.97 7.77
C GLU B 157 51.04 26.04 8.49
N PRO B 158 51.54 26.56 9.61
CA PRO B 158 50.78 27.60 10.33
C PRO B 158 50.48 28.82 9.48
N ARG B 159 51.43 29.20 8.61
CA ARG B 159 51.24 30.35 7.73
C ARG B 159 50.03 30.20 6.83
N TYR B 160 49.68 28.95 6.49
CA TYR B 160 48.55 28.67 5.62
C TYR B 160 47.39 28.01 6.33
N SER B 161 47.55 27.62 7.60
CA SER B 161 46.49 26.97 8.34
C SER B 161 45.81 27.89 9.35
N LEU B 162 46.48 28.94 9.83
CA LEU B 162 45.82 29.85 10.74
C LEU B 162 44.87 30.79 9.99
N PRO B 163 45.31 31.44 8.90
CA PRO B 163 44.34 32.20 8.09
C PRO B 163 43.24 31.33 7.52
N HIS B 164 43.51 30.04 7.27
CA HIS B 164 42.45 29.15 6.83
C HIS B 164 41.39 28.99 7.91
N ASN B 165 41.80 28.83 9.16
CA ASN B 165 40.83 28.74 10.25
C ASN B 165 40.05 30.04 10.39
N HIS B 166 40.73 31.18 10.28
CA HIS B 166 40.04 32.45 10.34
C HIS B 166 39.02 32.60 9.22
N MET B 167 39.39 32.18 8.01
CA MET B 167 38.49 32.28 6.86
C MET B 167 37.31 31.33 7.01
N VAL B 168 37.54 30.13 7.57
CA VAL B 168 36.44 29.20 7.80
C VAL B 168 35.46 29.77 8.82
N ALA B 169 35.99 30.38 9.89
CA ALA B 169 35.11 31.04 10.85
C ALA B 169 34.33 32.18 10.21
N ASP B 170 35.00 32.96 9.36
CA ASP B 170 34.33 34.06 8.66
C ASP B 170 33.21 33.54 7.75
N LEU B 171 33.48 32.44 7.02
CA LEU B 171 32.45 31.85 6.17
C LEU B 171 31.28 31.34 6.99
N ASP B 172 31.56 30.71 8.14
CA ASP B 172 30.48 30.24 8.99
C ASP B 172 29.63 31.41 9.51
N ALA B 173 30.28 32.51 9.88
CA ALA B 173 29.53 33.68 10.35
C ALA B 173 28.80 34.39 9.22
N MET B 174 29.26 34.25 7.98
CA MET B 174 28.64 34.88 6.83
C MET B 174 27.61 33.97 6.15
N GLU B 175 27.44 32.75 6.67
CA GLU B 175 26.49 31.77 6.15
C GLU B 175 26.84 31.36 4.72
N VAL B 176 28.03 30.80 4.59
CA VAL B 176 28.49 30.17 3.35
C VAL B 176 28.87 28.74 3.67
N GLU B 177 28.27 27.79 2.95
CA GLU B 177 28.45 26.38 3.25
C GLU B 177 29.83 25.92 2.81
N VAL B 178 30.56 25.26 3.71
CA VAL B 178 31.87 24.70 3.43
C VAL B 178 31.71 23.19 3.31
N VAL B 179 32.00 22.66 2.11
CA VAL B 179 31.77 21.24 1.87
C VAL B 179 32.78 20.39 2.62
N GLU B 180 34.06 20.57 2.32
CA GLU B 180 35.11 19.77 2.94
C GLU B 180 36.43 20.54 2.86
N THR B 181 37.12 20.62 3.99
CA THR B 181 38.44 21.23 4.07
C THR B 181 39.48 20.12 4.16
N GLN B 182 40.51 20.21 3.32
CA GLN B 182 41.55 19.18 3.24
C GLN B 182 42.92 19.80 3.48
N SER B 183 43.75 19.08 4.21
CA SER B 183 45.13 19.48 4.49
C SER B 183 46.08 18.51 3.81
N PHE B 184 47.30 18.98 3.55
CA PHE B 184 48.33 18.13 2.99
C PHE B 184 49.69 18.59 3.49
N VAL B 185 50.61 17.64 3.58
CA VAL B 185 52.02 17.92 3.82
C VAL B 185 52.81 17.89 2.52
N ASN B 186 52.68 16.81 1.76
CA ASN B 186 53.28 16.72 0.44
C ASN B 186 52.35 16.12 -0.61
N ASP B 187 51.25 15.48 -0.22
CA ASP B 187 50.37 14.77 -1.16
C ASP B 187 49.15 15.64 -1.44
N VAL B 188 49.28 16.52 -2.43
CA VAL B 188 48.15 17.33 -2.86
C VAL B 188 47.12 16.50 -3.62
N ALA B 189 47.56 15.44 -4.30
CA ALA B 189 46.66 14.67 -5.16
C ALA B 189 45.53 14.03 -4.37
N GLU B 190 45.83 13.47 -3.19
CA GLU B 190 44.77 12.83 -2.41
C GLU B 190 43.78 13.85 -1.86
N SER B 191 44.27 15.04 -1.47
CA SER B 191 43.37 16.10 -1.02
C SER B 191 42.46 16.54 -2.16
N LEU B 192 43.01 16.68 -3.36
CA LEU B 192 42.18 17.05 -4.50
C LEU B 192 41.17 15.96 -4.84
N LYS B 193 41.58 14.69 -4.72
CA LYS B 193 40.66 13.59 -4.95
C LYS B 193 39.50 13.61 -3.95
N LYS B 194 39.81 13.87 -2.67
CA LYS B 194 38.76 13.96 -1.67
C LYS B 194 37.87 15.17 -1.91
N LEU B 195 38.43 16.27 -2.41
CA LEU B 195 37.62 17.42 -2.78
C LEU B 195 36.66 17.07 -3.93
N ARG B 196 37.16 16.35 -4.93
CA ARG B 196 36.31 15.96 -6.05
C ARG B 196 35.22 15.00 -5.62
N GLU B 197 35.54 14.04 -4.75
CA GLU B 197 34.55 13.06 -4.32
C GLU B 197 33.41 13.69 -3.53
N LYS B 198 33.57 14.92 -3.06
CA LYS B 198 32.51 15.63 -2.36
C LYS B 198 31.78 16.61 -3.26
N ASP B 199 32.08 16.63 -4.56
CA ASP B 199 31.44 17.50 -5.54
C ASP B 199 31.62 18.98 -5.17
N VAL B 200 32.89 19.38 -5.12
CA VAL B 200 33.28 20.75 -4.79
C VAL B 200 33.61 21.48 -6.08
N ARG B 201 33.00 22.65 -6.28
CA ARG B 201 33.20 23.45 -7.48
C ARG B 201 34.09 24.65 -7.25
N ILE B 202 33.83 25.44 -6.23
CA ILE B 202 34.64 26.62 -5.90
C ILE B 202 35.64 26.21 -4.83
N ILE B 203 36.92 26.35 -5.15
CA ILE B 203 38.02 25.87 -4.30
C ILE B 203 38.83 27.06 -3.82
N LEU B 204 39.02 27.15 -2.51
CA LEU B 204 39.89 28.15 -1.91
C LEU B 204 41.18 27.48 -1.46
N GLY B 205 42.31 28.02 -1.90
CA GLY B 205 43.59 27.39 -1.64
C GLY B 205 44.60 28.24 -0.91
N ASN B 206 45.24 27.67 0.11
CA ASN B 206 46.32 28.32 0.85
C ASN B 206 47.55 27.42 0.77
N PHE B 207 48.48 27.76 -0.13
CA PHE B 207 49.72 27.00 -0.26
C PHE B 207 50.77 27.90 -0.88
N ASN B 208 52.02 27.48 -0.78
CA ASN B 208 53.12 28.24 -1.34
C ASN B 208 53.25 27.99 -2.84
N GLU B 209 54.21 28.66 -3.46
CA GLU B 209 54.33 28.62 -4.92
C GLU B 209 54.63 27.21 -5.43
N HIS B 210 55.54 26.50 -4.76
CA HIS B 210 55.87 25.14 -5.18
C HIS B 210 54.65 24.24 -5.11
N PHE B 211 53.93 24.28 -4.00
CA PHE B 211 52.73 23.47 -3.88
C PHE B 211 51.58 24.04 -4.71
N ALA B 212 51.62 25.32 -5.07
CA ALA B 212 50.64 25.84 -6.02
C ALA B 212 50.83 25.18 -7.39
N ARG B 213 52.07 25.15 -7.87
CA ARG B 213 52.35 24.48 -9.13
C ARG B 213 52.02 23.00 -9.07
N LYS B 214 52.38 22.34 -7.96
CA LYS B 214 52.04 20.93 -7.80
C LYS B 214 50.53 20.71 -7.80
N ALA B 215 49.79 21.57 -7.11
CA ALA B 215 48.35 21.44 -7.02
C ALA B 215 47.70 21.63 -8.39
N PHE B 216 48.20 22.56 -9.19
CA PHE B 216 47.62 22.73 -10.51
C PHE B 216 48.03 21.60 -11.46
N CYS B 217 49.21 21.02 -11.26
CA CYS B 217 49.56 19.81 -12.00
C CYS B 217 48.59 18.67 -11.69
N GLU B 218 48.32 18.44 -10.41
CA GLU B 218 47.34 17.41 -10.06
C GLU B 218 45.94 17.79 -10.50
N ALA B 219 45.64 19.09 -10.60
CA ALA B 219 44.36 19.52 -11.13
C ALA B 219 44.21 19.13 -12.59
N TYR B 220 45.26 19.34 -13.39
CA TYR B 220 45.24 18.89 -14.78
C TYR B 220 45.11 17.37 -14.83
N LYS B 221 45.90 16.66 -14.03
CA LYS B 221 45.85 15.20 -14.04
C LYS B 221 44.50 14.66 -13.56
N LEU B 222 43.73 15.46 -12.82
CA LEU B 222 42.41 15.07 -12.37
C LEU B 222 41.30 15.87 -13.05
N ASP B 223 41.64 16.68 -14.05
CA ASP B 223 40.67 17.46 -14.83
C ASP B 223 39.86 18.39 -13.91
N MET B 224 40.57 19.34 -13.29
CA MET B 224 39.98 20.30 -12.37
C MET B 224 39.91 21.70 -12.97
N TYR B 225 39.96 21.83 -14.29
CA TYR B 225 39.90 23.12 -14.95
C TYR B 225 38.67 23.19 -15.85
N GLY B 226 38.49 24.35 -16.48
CA GLY B 226 37.37 24.56 -17.37
C GLY B 226 36.34 25.51 -16.80
N ARG B 227 35.08 25.35 -17.22
CA ARG B 227 33.99 26.20 -16.77
C ARG B 227 33.26 25.64 -15.57
N ALA B 228 33.67 24.48 -15.06
CA ALA B 228 33.03 23.85 -13.91
C ALA B 228 33.72 24.18 -12.58
N TYR B 229 35.04 24.38 -12.60
CA TYR B 229 35.82 24.63 -11.40
C TYR B 229 36.37 26.05 -11.42
N GLN B 230 36.30 26.72 -10.28
CA GLN B 230 36.89 28.04 -10.11
C GLN B 230 37.82 28.03 -8.90
N TRP B 231 39.04 28.50 -9.09
CA TRP B 231 40.06 28.51 -8.05
C TRP B 231 40.23 29.93 -7.50
N LEU B 232 40.13 30.06 -6.18
CA LEU B 232 40.41 31.31 -5.48
C LEU B 232 41.53 31.06 -4.49
N ILE B 233 42.76 31.40 -4.88
CA ILE B 233 43.92 31.17 -4.04
C ILE B 233 44.57 32.51 -3.73
N MET B 234 45.20 32.59 -2.57
CA MET B 234 46.01 33.75 -2.21
C MET B 234 47.44 33.51 -2.71
N ALA B 235 47.95 34.43 -3.52
CA ALA B 235 49.18 34.21 -4.27
C ALA B 235 50.10 35.41 -4.11
N THR B 236 50.98 35.36 -3.13
CA THR B 236 52.10 36.28 -3.01
C THR B 236 53.38 35.69 -3.61
N TYR B 237 53.22 34.89 -4.66
CA TYR B 237 54.33 34.15 -5.25
C TYR B 237 55.22 35.09 -6.07
N SER B 238 56.30 34.54 -6.59
CA SER B 238 57.25 35.30 -7.39
C SER B 238 56.68 35.59 -8.78
N THR B 239 57.35 36.48 -9.49
CA THR B 239 56.91 36.86 -10.83
C THR B 239 57.06 35.69 -11.79
N ASP B 240 56.02 35.41 -12.57
CA ASP B 240 55.97 34.27 -13.48
C ASP B 240 56.31 32.97 -12.76
N TRP B 241 55.56 32.69 -11.70
CA TRP B 241 55.78 31.46 -10.94
C TRP B 241 55.36 30.23 -11.74
N TRP B 242 54.33 30.35 -12.57
CA TRP B 242 53.86 29.22 -13.37
C TRP B 242 54.79 28.91 -14.53
N ASN B 243 55.67 29.85 -14.91
CA ASN B 243 56.60 29.68 -16.01
C ASN B 243 57.95 29.15 -15.55
N VAL B 244 57.98 28.40 -14.45
CA VAL B 244 59.21 27.85 -13.89
C VAL B 244 59.14 26.33 -14.00
N THR B 245 60.17 25.76 -14.61
CA THR B 245 60.26 24.32 -14.83
C THR B 245 61.20 23.69 -13.80
N GLN B 246 61.48 22.39 -13.98
CA GLN B 246 62.37 21.63 -13.11
C GLN B 246 61.86 21.54 -11.67
N ASP B 247 60.59 21.85 -11.46
CA ASP B 247 59.99 21.74 -10.13
C ASP B 247 58.60 21.11 -10.15
N SER B 248 58.05 20.78 -11.31
CA SER B 248 56.74 20.18 -11.42
C SER B 248 56.78 18.99 -12.37
N GLU B 249 55.94 17.99 -12.10
CA GLU B 249 55.89 16.82 -12.97
C GLU B 249 55.34 17.18 -14.34
N CYS B 250 54.25 17.94 -14.40
CA CYS B 250 53.66 18.33 -15.66
C CYS B 250 54.45 19.48 -16.28
N SER B 251 54.27 19.64 -17.60
CA SER B 251 54.99 20.68 -18.33
C SER B 251 54.39 22.05 -18.03
N VAL B 252 55.11 23.08 -18.49
CA VAL B 252 54.66 24.46 -18.28
C VAL B 252 53.31 24.69 -18.96
N GLU B 253 53.14 24.11 -20.16
CA GLU B 253 51.87 24.26 -20.87
C GLU B 253 50.72 23.64 -20.08
N GLU B 254 50.96 22.49 -19.46
CA GLU B 254 49.92 21.87 -18.64
C GLU B 254 49.54 22.75 -17.46
N ILE B 255 50.53 23.36 -16.81
CA ILE B 255 50.25 24.25 -15.68
C ILE B 255 49.44 25.44 -16.15
N ALA B 256 49.84 26.05 -17.27
CA ALA B 256 49.12 27.19 -17.80
C ALA B 256 47.71 26.81 -18.22
N THR B 257 47.50 25.57 -18.65
CA THR B 257 46.16 25.11 -19.00
C THR B 257 45.29 24.97 -17.75
N ALA B 258 45.83 24.34 -16.70
CA ALA B 258 45.06 24.14 -15.49
C ALA B 258 44.84 25.44 -14.73
N LEU B 259 45.78 26.37 -14.81
CA LEU B 259 45.71 27.64 -14.09
C LEU B 259 44.76 28.64 -14.74
N GLU B 260 44.31 28.38 -15.98
CA GLU B 260 43.49 29.35 -16.70
C GLU B 260 42.21 29.63 -15.95
N GLY B 261 41.89 30.92 -15.79
CA GLY B 261 40.67 31.35 -15.16
C GLY B 261 40.73 31.48 -13.65
N ALA B 262 41.84 31.09 -13.02
CA ALA B 262 41.95 31.19 -11.57
C ALA B 262 42.14 32.63 -11.13
N ILE B 263 41.50 32.99 -10.03
CA ILE B 263 41.61 34.33 -9.46
C ILE B 263 42.61 34.29 -8.32
N LEU B 264 43.64 35.13 -8.41
CA LEU B 264 44.75 35.12 -7.48
C LEU B 264 44.77 36.43 -6.71
N VAL B 265 44.87 36.34 -5.39
CA VAL B 265 44.82 37.50 -4.50
C VAL B 265 46.22 37.78 -3.98
N ASP B 266 46.65 39.04 -4.11
CA ASP B 266 47.98 39.44 -3.68
C ASP B 266 47.93 40.87 -3.17
N LEU B 267 48.93 41.24 -2.39
CA LEU B 267 49.05 42.60 -1.90
C LEU B 267 49.39 43.55 -3.04
N LEU B 268 48.76 44.72 -3.03
CA LEU B 268 49.00 45.72 -4.06
C LEU B 268 50.24 46.53 -3.71
N PRO B 269 51.30 46.49 -4.52
CA PRO B 269 52.55 47.18 -4.13
C PRO B 269 52.40 48.68 -3.95
N LEU B 270 51.59 49.34 -4.77
CA LEU B 270 51.48 50.79 -4.74
C LEU B 270 50.05 51.22 -4.99
N SER B 271 49.60 52.24 -4.28
CA SER B 271 48.24 52.74 -4.45
C SER B 271 48.10 53.40 -5.82
N THR B 272 46.95 53.16 -6.47
CA THR B 272 46.67 53.71 -7.78
C THR B 272 45.55 54.76 -7.74
N SER B 273 45.31 55.37 -6.58
CA SER B 273 44.26 56.36 -6.45
C SER B 273 44.72 57.77 -6.78
N GLY B 274 46.01 57.98 -6.97
CA GLY B 274 46.50 59.30 -7.35
C GLY B 274 46.40 60.34 -6.26
N ASP B 275 46.29 59.94 -5.01
CA ASP B 275 46.20 60.86 -3.89
C ASP B 275 47.59 61.38 -3.51
N ILE B 276 47.62 62.60 -2.98
CA ILE B 276 48.86 63.19 -2.48
C ILE B 276 49.19 62.56 -1.13
N THR B 277 50.39 62.00 -1.01
CA THR B 277 50.79 61.35 0.23
C THR B 277 51.38 62.36 1.20
N VAL B 278 51.83 61.87 2.36
CA VAL B 278 52.38 62.74 3.37
C VAL B 278 53.72 63.33 2.92
N ALA B 279 54.43 62.64 2.03
CA ALA B 279 55.72 63.12 1.55
C ALA B 279 55.59 64.32 0.63
N GLY B 280 54.38 64.69 0.22
CA GLY B 280 54.18 65.76 -0.73
C GLY B 280 54.11 65.32 -2.18
N ILE B 281 54.33 64.03 -2.45
CA ILE B 281 54.28 63.48 -3.80
C ILE B 281 53.20 62.40 -3.83
N THR B 282 52.91 61.91 -5.02
CA THR B 282 51.97 60.83 -5.22
C THR B 282 52.72 59.51 -5.36
N ALA B 283 51.97 58.42 -5.51
CA ALA B 283 52.59 57.11 -5.66
C ALA B 283 53.33 57.00 -7.00
N ASP B 284 52.85 57.68 -8.04
CA ASP B 284 53.50 57.59 -9.34
C ASP B 284 54.87 58.27 -9.33
N GLU B 285 54.97 59.45 -8.72
CA GLU B 285 56.26 60.13 -8.62
C GLU B 285 57.24 59.34 -7.76
N TYR B 286 56.76 58.77 -6.65
CA TYR B 286 57.62 57.92 -5.84
C TYR B 286 58.09 56.71 -6.63
N LEU B 287 57.19 56.11 -7.43
CA LEU B 287 57.59 54.96 -8.23
C LEU B 287 58.63 55.35 -9.27
N VAL B 288 58.49 56.53 -9.86
CA VAL B 288 59.48 57.01 -10.82
C VAL B 288 60.84 57.16 -10.15
N GLU B 289 60.86 57.79 -8.97
CA GLU B 289 62.12 57.98 -8.25
C GLU B 289 62.72 56.64 -7.86
N TYR B 290 61.89 55.71 -7.38
CA TYR B 290 62.38 54.40 -6.96
C TYR B 290 62.93 53.62 -8.14
N ASP B 291 62.26 53.69 -9.30
CA ASP B 291 62.78 53.01 -10.48
C ASP B 291 64.10 53.61 -10.93
N ARG B 292 64.23 54.93 -10.83
CA ARG B 292 65.49 55.56 -11.22
C ARG B 292 66.62 55.22 -10.26
N LEU B 293 66.32 55.09 -8.97
CA LEU B 293 67.34 54.95 -7.95
C LEU B 293 67.66 53.51 -7.56
N ARG B 294 66.79 52.55 -7.91
CA ARG B 294 67.00 51.18 -7.46
C ARG B 294 68.08 50.47 -8.27
N GLY B 295 68.19 50.78 -9.55
CA GLY B 295 69.15 50.08 -10.41
C GLY B 295 68.55 48.81 -11.01
N THR B 296 68.98 47.66 -10.48
CA THR B 296 68.52 46.36 -10.96
C THR B 296 67.85 45.52 -9.90
N GLU B 297 67.75 46.02 -8.66
CA GLU B 297 67.16 45.27 -7.56
C GLU B 297 65.72 45.71 -7.35
N TYR B 298 64.81 44.74 -7.25
CA TYR B 298 63.39 45.01 -7.07
C TYR B 298 62.83 44.15 -5.95
N SER B 299 61.88 44.71 -5.21
CA SER B 299 61.13 43.98 -4.20
C SER B 299 59.71 44.51 -4.16
N ARG B 300 58.75 43.62 -3.92
CA ARG B 300 57.34 44.00 -3.94
C ARG B 300 56.93 44.81 -2.71
N PHE B 301 57.82 44.95 -1.72
CA PHE B 301 57.48 45.60 -0.47
C PHE B 301 58.08 47.00 -0.35
N HIS B 302 58.57 47.58 -1.45
CA HIS B 302 59.28 48.86 -1.35
C HIS B 302 58.38 49.96 -0.82
N GLY B 303 57.14 50.04 -1.30
CA GLY B 303 56.21 51.03 -0.79
C GLY B 303 55.92 50.84 0.68
N TYR B 304 55.87 49.58 1.13
CA TYR B 304 55.59 49.30 2.53
C TYR B 304 56.74 49.73 3.43
N THR B 305 57.99 49.55 2.98
CA THR B 305 59.11 50.05 3.77
C THR B 305 59.15 51.57 3.76
N TYR B 306 58.82 52.20 2.63
CA TYR B 306 58.70 53.66 2.58
C TYR B 306 57.68 54.15 3.62
N ASP B 307 56.50 53.53 3.63
CA ASP B 307 55.47 53.90 4.58
C ASP B 307 55.90 53.59 6.01
N GLY B 308 56.65 52.51 6.23
CA GLY B 308 57.14 52.22 7.56
C GLY B 308 58.11 53.26 8.07
N ILE B 309 59.00 53.74 7.20
CA ILE B 309 59.91 54.81 7.59
C ILE B 309 59.13 56.08 7.93
N TRP B 310 58.12 56.40 7.10
CA TRP B 310 57.34 57.60 7.39
C TRP B 310 56.54 57.45 8.69
N ALA B 311 56.03 56.24 8.96
CA ALA B 311 55.30 56.01 10.20
C ALA B 311 56.21 56.10 11.41
N ALA B 312 57.44 55.58 11.29
CA ALA B 312 58.41 55.71 12.37
C ALA B 312 58.76 57.17 12.63
N ALA B 313 58.94 57.96 11.56
CA ALA B 313 59.22 59.38 11.73
C ALA B 313 58.04 60.09 12.39
N LEU B 314 56.82 59.75 11.99
CA LEU B 314 55.63 60.35 12.60
C LEU B 314 55.53 60.00 14.07
N ALA B 315 55.80 58.74 14.43
CA ALA B 315 55.74 58.34 15.83
C ALA B 315 56.83 59.04 16.64
N ILE B 316 58.02 59.20 16.08
CA ILE B 316 59.09 59.92 16.76
C ILE B 316 58.70 61.36 16.98
N GLN B 317 58.11 62.00 15.98
CA GLN B 317 57.64 63.37 16.14
C GLN B 317 56.56 63.47 17.21
N TYR B 318 55.63 62.52 17.22
CA TYR B 318 54.58 62.51 18.24
C TYR B 318 55.18 62.39 19.64
N VAL B 319 56.17 61.51 19.81
CA VAL B 319 56.81 61.34 21.12
C VAL B 319 57.54 62.62 21.51
N ALA B 320 58.26 63.23 20.56
CA ALA B 320 59.00 64.45 20.87
C ALA B 320 58.07 65.60 21.24
N GLU B 321 56.90 65.67 20.60
CA GLU B 321 55.94 66.72 20.94
C GLU B 321 55.25 66.46 22.26
N LYS B 322 54.92 65.19 22.55
CA LYS B 322 54.21 64.86 23.78
C LYS B 322 55.06 65.19 25.01
N ARG B 323 56.21 64.53 25.13
CA ARG B 323 57.11 64.77 26.26
C ARG B 323 58.09 65.87 25.90
N GLU B 324 58.23 66.85 26.79
CA GLU B 324 59.14 67.97 26.54
C GLU B 324 60.58 67.51 26.47
N ASP B 325 60.96 66.58 27.34
CA ASP B 325 62.32 66.06 27.36
C ASP B 325 62.67 65.43 26.01
N LEU B 326 63.87 65.74 25.53
CA LEU B 326 64.31 65.23 24.23
C LEU B 326 64.61 63.73 24.33
N LEU B 327 64.80 63.12 23.17
CA LEU B 327 65.11 61.69 23.10
C LEU B 327 66.51 61.36 23.60
N THR B 328 67.34 62.36 23.87
CA THR B 328 68.65 62.11 24.45
C THR B 328 68.56 61.50 25.84
N HIS B 329 67.41 61.62 26.50
CA HIS B 329 67.17 61.02 27.80
C HIS B 329 66.49 59.66 27.70
N PHE B 330 66.58 59.01 26.55
CA PHE B 330 65.95 57.71 26.35
C PHE B 330 66.59 56.66 27.25
N ASP B 331 65.76 55.77 27.78
CA ASP B 331 66.23 54.68 28.62
C ASP B 331 65.41 53.44 28.32
N TYR B 332 66.09 52.30 28.18
CA TYR B 332 65.41 51.04 27.90
C TYR B 332 64.71 50.46 29.12
N ARG B 333 65.07 50.89 30.33
CA ARG B 333 64.54 50.29 31.55
C ARG B 333 63.26 50.95 32.04
N VAL B 334 62.80 52.01 31.38
CA VAL B 334 61.62 52.75 31.82
C VAL B 334 60.45 52.40 30.90
N LYS B 335 59.34 51.94 31.50
CA LYS B 335 58.14 51.62 30.73
C LYS B 335 57.41 52.86 30.23
N ASP B 336 57.75 54.04 30.75
CA ASP B 336 57.10 55.26 30.27
C ASP B 336 57.41 55.51 28.81
N TRP B 337 58.65 55.28 28.39
CA TRP B 337 59.01 55.45 26.98
C TRP B 337 58.23 54.49 26.10
N GLU B 338 58.11 53.23 26.53
CA GLU B 338 57.34 52.25 25.76
C GLU B 338 55.88 52.65 25.67
N SER B 339 55.30 53.12 26.77
CA SER B 339 53.90 53.55 26.75
C SER B 339 53.70 54.73 25.82
N VAL B 340 54.60 55.72 25.87
CA VAL B 340 54.47 56.89 25.01
C VAL B 340 54.59 56.49 23.54
N PHE B 341 55.55 55.62 23.22
CA PHE B 341 55.73 55.20 21.83
C PHE B 341 54.54 54.35 21.37
N LEU B 342 53.98 53.54 22.25
CA LEU B 342 52.80 52.76 21.89
C LEU B 342 51.62 53.68 21.60
N GLU B 343 51.42 54.70 22.42
CA GLU B 343 50.37 55.68 22.14
C GLU B 343 50.62 56.40 20.83
N ALA B 344 51.88 56.76 20.56
CA ALA B 344 52.22 57.45 19.33
C ALA B 344 51.91 56.59 18.11
N LEU B 345 52.27 55.31 18.15
CA LEU B 345 52.01 54.43 17.03
C LEU B 345 50.55 54.02 16.92
N ARG B 346 49.79 54.09 18.01
CA ARG B 346 48.35 53.86 17.94
C ARG B 346 47.58 55.10 17.54
N ASN B 347 48.22 56.27 17.54
CA ASN B 347 47.62 57.49 17.01
C ASN B 347 48.11 57.80 15.61
N THR B 348 48.79 56.85 14.96
CA THR B 348 49.32 57.07 13.62
C THR B 348 48.19 57.03 12.60
N SER B 349 48.10 58.08 11.78
CA SER B 349 47.11 58.13 10.72
C SER B 349 47.61 59.09 9.65
N PHE B 350 47.98 58.55 8.49
CA PHE B 350 48.47 59.35 7.38
C PHE B 350 48.28 58.56 6.09
N GLU B 351 48.53 59.23 4.97
CA GLU B 351 48.40 58.63 3.65
C GLU B 351 49.78 58.37 3.07
N GLY B 352 50.06 57.11 2.75
CA GLY B 352 51.32 56.73 2.16
C GLY B 352 51.18 56.28 0.71
N VAL B 353 52.32 55.90 0.13
CA VAL B 353 52.33 55.44 -1.25
C VAL B 353 51.62 54.12 -1.44
N THR B 354 51.36 53.38 -0.36
CA THR B 354 50.58 52.15 -0.42
C THR B 354 49.13 52.34 -0.02
N GLY B 355 48.73 53.57 0.31
CA GLY B 355 47.38 53.85 0.75
C GLY B 355 47.36 54.55 2.09
N PRO B 356 46.19 54.61 2.72
CA PRO B 356 46.08 55.22 4.05
C PRO B 356 46.60 54.27 5.12
N VAL B 357 47.49 54.76 5.97
CA VAL B 357 48.12 53.96 7.00
C VAL B 357 47.46 54.29 8.34
N ARG B 358 46.80 53.31 8.93
CA ARG B 358 46.20 53.44 10.25
C ARG B 358 46.20 52.06 10.90
N PHE B 359 46.76 51.97 12.11
CA PHE B 359 46.97 50.69 12.77
C PHE B 359 45.72 50.31 13.56
N TYR B 360 45.00 49.31 13.08
CA TYR B 360 43.85 48.74 13.77
C TYR B 360 44.27 47.38 14.32
N ASN B 361 44.38 47.29 15.65
CA ASN B 361 44.88 46.09 16.32
C ASN B 361 46.31 45.77 15.88
N ASN B 362 47.16 46.78 15.92
CA ASN B 362 48.58 46.69 15.56
C ASN B 362 48.81 46.33 14.10
N GLU B 363 47.76 46.32 13.28
CA GLU B 363 47.89 46.02 11.87
C GLU B 363 47.10 47.06 11.07
N ARG B 364 47.54 47.30 9.84
CA ARG B 364 46.90 48.27 8.97
C ARG B 364 46.10 47.56 7.89
N LYS B 365 45.15 48.29 7.31
CA LYS B 365 44.34 47.81 6.20
C LYS B 365 44.91 48.36 4.90
N ALA B 366 45.29 47.47 4.00
CA ALA B 366 45.93 47.85 2.75
C ALA B 366 45.08 47.37 1.58
N ASN B 367 45.23 48.07 0.46
CA ASN B 367 44.56 47.67 -0.77
C ASN B 367 45.12 46.33 -1.25
N ILE B 368 44.24 45.49 -1.79
CA ILE B 368 44.60 44.14 -2.20
C ILE B 368 44.35 44.02 -3.70
N LEU B 369 45.37 43.56 -4.42
CA LEU B 369 45.31 43.44 -5.87
C LEU B 369 44.75 42.07 -6.24
N ILE B 370 43.78 42.06 -7.15
CA ILE B 370 43.12 40.84 -7.61
C ILE B 370 43.53 40.59 -9.05
N ASN B 371 43.96 39.36 -9.33
CA ASN B 371 44.42 38.96 -10.65
C ASN B 371 43.61 37.78 -11.15
N GLN B 372 43.76 37.49 -12.45
CA GLN B 372 43.20 36.31 -13.06
C GLN B 372 44.09 35.87 -14.20
N PHE B 373 44.10 34.57 -14.47
CA PHE B 373 44.88 34.01 -15.57
C PHE B 373 44.03 34.06 -16.83
N GLN B 374 44.25 35.11 -17.63
CA GLN B 374 43.48 35.34 -18.85
C GLN B 374 44.39 35.18 -20.04
N LEU B 375 44.06 34.20 -20.90
CA LEU B 375 44.81 33.94 -22.14
C LEU B 375 46.30 33.72 -21.87
N GLY B 376 46.60 32.93 -20.85
CA GLY B 376 47.98 32.60 -20.53
C GLY B 376 48.77 33.70 -19.85
N GLN B 377 48.12 34.76 -19.37
CA GLN B 377 48.79 35.85 -18.70
C GLN B 377 48.01 36.24 -17.46
N MET B 378 48.71 36.78 -16.48
CA MET B 378 48.08 37.28 -15.26
C MET B 378 47.69 38.74 -15.48
N GLU B 379 46.39 39.00 -15.54
CA GLU B 379 45.86 40.34 -15.73
C GLU B 379 45.03 40.73 -14.52
N LYS B 380 45.17 41.98 -14.09
CA LYS B 380 44.45 42.46 -12.92
C LYS B 380 42.97 42.62 -13.24
N ILE B 381 42.12 42.04 -12.39
CA ILE B 381 40.68 42.23 -12.52
C ILE B 381 40.27 43.55 -11.89
N GLY B 382 40.50 43.70 -10.60
CA GLY B 382 40.15 44.91 -9.87
C GLY B 382 41.04 45.08 -8.67
N GLU B 383 40.46 45.54 -7.57
CA GLU B 383 41.23 45.78 -6.36
C GLU B 383 40.31 45.96 -5.15
N TYR B 384 40.61 45.24 -4.07
CA TYR B 384 39.80 45.32 -2.86
C TYR B 384 40.39 46.36 -1.91
N HIS B 385 39.57 47.32 -1.51
CA HIS B 385 39.99 48.36 -0.57
C HIS B 385 39.61 47.92 0.83
N SER B 386 40.61 47.53 1.63
CA SER B 386 40.34 46.98 2.94
C SER B 386 39.84 48.04 3.92
N GLN B 387 40.29 49.27 3.78
CA GLN B 387 39.88 50.33 4.72
C GLN B 387 38.38 50.59 4.63
N LYS B 388 37.82 50.58 3.42
CA LYS B 388 36.40 50.79 3.22
C LYS B 388 35.64 49.52 2.94
N SER B 389 36.31 48.36 2.96
CA SER B 389 35.68 47.06 2.69
C SER B 389 34.97 47.07 1.35
N HIS B 390 35.58 47.74 0.37
CA HIS B 390 34.98 47.95 -0.95
C HIS B 390 35.71 47.09 -1.97
N LEU B 391 35.00 46.14 -2.57
CA LEU B 391 35.53 45.34 -3.66
C LEU B 391 35.21 46.06 -4.96
N ASP B 392 36.22 46.66 -5.56
CA ASP B 392 36.07 47.44 -6.79
C ASP B 392 36.74 46.65 -7.91
N LEU B 393 35.92 46.02 -8.76
CA LEU B 393 36.41 45.22 -9.86
C LEU B 393 36.54 45.99 -11.17
N SER B 394 36.14 47.26 -11.19
CA SER B 394 36.21 48.08 -12.40
C SER B 394 37.50 48.90 -12.46
N LEU B 395 38.65 48.25 -12.26
CA LEU B 395 39.94 48.91 -12.39
C LEU B 395 40.78 48.33 -13.52
N GLY B 396 41.02 47.03 -13.50
CA GLY B 396 41.81 46.37 -14.52
C GLY B 396 40.97 45.82 -15.65
N LYS B 397 41.50 44.80 -16.31
CA LYS B 397 40.75 44.14 -17.36
C LYS B 397 39.51 43.48 -16.78
N PRO B 398 38.39 43.45 -17.52
CA PRO B 398 37.20 42.80 -16.99
C PRO B 398 37.42 41.31 -16.79
N VAL B 399 36.71 40.76 -15.81
CA VAL B 399 36.85 39.34 -15.50
C VAL B 399 36.32 38.51 -16.66
N LYS B 400 37.10 37.51 -17.08
CA LYS B 400 36.78 36.69 -18.24
C LYS B 400 36.56 35.25 -17.79
N TRP B 401 35.39 34.71 -18.06
CA TRP B 401 35.09 33.32 -17.80
C TRP B 401 35.28 32.51 -19.09
N VAL B 402 35.03 31.19 -18.99
CA VAL B 402 35.07 30.36 -20.18
C VAL B 402 33.93 30.72 -21.13
N GLY B 403 32.73 30.89 -20.58
CA GLY B 403 31.59 31.30 -21.38
C GLY B 403 31.22 32.75 -21.15
N LYS B 404 30.00 32.98 -20.65
CA LYS B 404 29.54 34.32 -20.35
C LYS B 404 29.11 34.49 -18.89
N THR B 405 29.15 33.43 -18.10
CA THR B 405 28.72 33.48 -16.71
C THR B 405 29.81 32.87 -15.83
N PRO B 406 29.87 33.28 -14.56
CA PRO B 406 30.82 32.66 -13.65
C PRO B 406 30.45 31.22 -13.41
N PRO B 407 31.44 30.36 -13.13
CA PRO B 407 31.13 28.96 -12.80
C PRO B 407 30.21 28.87 -11.60
N LYS B 408 29.30 27.92 -11.64
CA LYS B 408 28.27 27.77 -10.62
C LYS B 408 28.66 26.68 -9.62
N ASP B 409 28.26 26.89 -8.37
CA ASP B 409 28.44 25.89 -7.33
C ASP B 409 27.32 24.85 -7.42
N ARG B 410 27.43 23.80 -6.62
CA ARG B 410 26.45 22.72 -6.58
C ARG B 410 26.27 22.09 -7.95
N THR B 411 25.12 21.46 -8.18
CA THR B 411 24.86 20.76 -9.43
C THR B 411 23.62 21.25 -10.17
N LEU B 412 22.76 22.04 -9.53
CA LEU B 412 21.53 22.57 -10.14
C LEU B 412 20.64 21.42 -10.64
N ILE B 413 20.18 20.60 -9.68
CA ILE B 413 19.34 19.46 -10.00
C ILE B 413 17.96 19.94 -10.44
N TYR B 414 17.27 19.09 -11.20
CA TYR B 414 15.92 19.38 -11.66
C TYR B 414 15.03 18.16 -11.44
N ILE B 415 13.92 18.35 -10.73
CA ILE B 415 12.99 17.28 -10.43
C ILE B 415 12.05 17.13 -11.62
N GLU B 416 12.37 16.23 -12.53
CA GLU B 416 11.58 16.01 -13.74
C GLU B 416 10.59 14.88 -13.52
N HIS B 417 9.45 14.97 -14.21
CA HIS B 417 8.43 13.95 -14.14
C HIS B 417 8.82 12.77 -15.02
N SER B 418 7.91 11.82 -15.22
CA SER B 418 8.17 10.64 -16.02
C SER B 418 7.12 10.54 -17.12
N GLN B 419 7.60 10.44 -18.37
CA GLN B 419 6.67 10.25 -19.50
C GLN B 419 6.11 8.84 -19.51
N VAL B 420 6.84 7.87 -18.97
CA VAL B 420 6.41 6.47 -18.87
C VAL B 420 6.09 5.92 -20.24
N ASN B 421 6.94 6.23 -21.23
CA ASN B 421 6.80 5.74 -22.60
C ASN B 421 5.42 6.05 -23.15
N PRO B 422 5.14 7.30 -23.52
CA PRO B 422 3.79 7.64 -24.00
C PRO B 422 3.35 6.87 -25.23
N THR B 423 4.30 6.29 -25.98
CA THR B 423 3.91 5.37 -27.05
C THR B 423 3.18 4.16 -26.50
N ILE B 424 3.64 3.63 -25.36
CA ILE B 424 2.93 2.54 -24.70
C ILE B 424 1.55 3.01 -24.25
N TYR B 425 1.46 4.26 -23.79
CA TYR B 425 0.15 4.80 -23.41
C TYR B 425 -0.79 4.85 -24.59
N ILE B 426 -0.30 5.28 -25.76
CA ILE B 426 -1.17 5.35 -26.93
C ILE B 426 -1.54 3.96 -27.42
N VAL B 427 -0.63 2.98 -27.28
CA VAL B 427 -0.97 1.61 -27.65
C VAL B 427 -2.04 1.05 -26.74
N SER B 428 -1.94 1.31 -25.43
CA SER B 428 -2.96 0.86 -24.50
C SER B 428 -4.29 1.56 -24.76
N ALA B 429 -4.24 2.84 -25.14
CA ALA B 429 -5.46 3.56 -25.49
C ALA B 429 -6.12 2.95 -26.73
N SER B 430 -5.30 2.58 -27.74
CA SER B 430 -5.85 1.92 -28.92
C SER B 430 -6.47 0.58 -28.57
N ALA B 431 -5.82 -0.19 -27.69
CA ALA B 431 -6.38 -1.47 -27.28
C ALA B 431 -7.70 -1.30 -26.54
N SER B 432 -7.77 -0.30 -25.66
CA SER B 432 -9.02 -0.02 -24.95
C SER B 432 -10.11 0.44 -25.91
N VAL B 433 -9.74 1.23 -26.92
CA VAL B 433 -10.72 1.66 -27.92
C VAL B 433 -11.24 0.45 -28.71
N ILE B 434 -10.34 -0.47 -29.06
CA ILE B 434 -10.76 -1.67 -29.77
C ILE B 434 -11.71 -2.51 -28.90
N GLY B 435 -11.39 -2.63 -27.61
CA GLY B 435 -12.27 -3.34 -26.71
C GLY B 435 -13.64 -2.69 -26.59
N VAL B 436 -13.66 -1.35 -26.52
CA VAL B 436 -14.93 -0.63 -26.46
C VAL B 436 -15.73 -0.85 -27.74
N ILE B 437 -15.04 -0.86 -28.88
CA ILE B 437 -15.72 -1.10 -30.16
C ILE B 437 -16.33 -2.49 -30.19
N ILE B 438 -15.58 -3.49 -29.72
CA ILE B 438 -16.10 -4.85 -29.69
C ILE B 438 -17.30 -4.95 -28.75
N ALA B 439 -17.21 -4.27 -27.60
CA ALA B 439 -18.34 -4.26 -26.67
C ALA B 439 -19.56 -3.61 -27.29
N THR B 440 -19.37 -2.52 -28.05
CA THR B 440 -20.47 -1.88 -28.73
C THR B 440 -21.08 -2.79 -29.80
N VAL B 441 -20.24 -3.55 -30.50
CA VAL B 441 -20.74 -4.50 -31.49
C VAL B 441 -21.60 -5.56 -30.80
N PHE B 442 -21.14 -6.07 -29.66
CA PHE B 442 -21.93 -7.05 -28.91
C PHE B 442 -23.23 -6.43 -28.40
N LEU B 443 -23.18 -5.17 -27.97
CA LEU B 443 -24.38 -4.47 -27.53
C LEU B 443 -25.39 -4.37 -28.66
N ALA B 444 -24.93 -4.00 -29.86
CA ALA B 444 -25.83 -3.93 -31.01
C ALA B 444 -26.40 -5.31 -31.33
N PHE B 445 -25.56 -6.34 -31.29
CA PHE B 445 -26.02 -7.69 -31.62
C PHE B 445 -27.09 -8.18 -30.65
N ASN B 446 -26.91 -7.91 -29.35
CA ASN B 446 -27.89 -8.38 -28.38
C ASN B 446 -29.05 -7.41 -28.19
N ILE B 447 -28.98 -6.21 -28.76
CA ILE B 447 -30.12 -5.30 -28.72
C ILE B 447 -31.04 -5.51 -29.92
N LYS B 448 -30.47 -5.65 -31.12
CA LYS B 448 -31.30 -5.89 -32.29
C LYS B 448 -32.05 -7.22 -32.19
N TYR B 449 -31.37 -8.26 -31.71
CA TYR B 449 -31.96 -9.59 -31.59
C TYR B 449 -32.50 -9.85 -30.19
N ARG B 450 -32.90 -8.80 -29.48
CA ARG B 450 -33.38 -8.97 -28.10
C ARG B 450 -34.68 -9.76 -28.03
N ASN B 451 -35.46 -9.79 -29.11
CA ASN B 451 -36.71 -10.54 -29.13
C ASN B 451 -36.53 -11.98 -29.60
N GLN B 452 -35.34 -12.35 -30.05
CA GLN B 452 -35.07 -13.74 -30.39
C GLN B 452 -35.14 -14.60 -29.13
N ARG B 453 -35.60 -15.85 -29.31
CA ARG B 453 -35.91 -16.69 -28.16
C ARG B 453 -34.68 -16.94 -27.30
N TYR B 454 -33.57 -17.35 -27.92
CA TYR B 454 -32.37 -17.68 -27.15
C TYR B 454 -31.79 -16.44 -26.48
N ILE B 455 -31.76 -15.31 -27.20
CA ILE B 455 -31.25 -14.08 -26.61
C ILE B 455 -32.16 -13.60 -25.49
N LYS B 456 -33.48 -13.65 -25.71
CA LYS B 456 -34.43 -13.21 -24.68
C LYS B 456 -34.35 -14.10 -23.44
N MET B 457 -34.05 -15.38 -23.62
CA MET B 457 -33.93 -16.28 -22.47
C MET B 457 -32.71 -15.95 -21.62
N SER B 458 -31.80 -15.12 -22.12
CA SER B 458 -30.57 -14.78 -21.42
C SER B 458 -30.64 -13.42 -20.73
N SER B 459 -31.84 -12.86 -20.56
CA SER B 459 -32.04 -11.56 -19.93
C SER B 459 -31.21 -10.49 -20.61
N PRO B 460 -31.60 -10.03 -21.80
CA PRO B 460 -30.75 -9.08 -22.55
C PRO B 460 -30.46 -7.79 -21.80
N HIS B 461 -31.34 -7.35 -20.90
CA HIS B 461 -31.05 -6.15 -20.12
C HIS B 461 -29.85 -6.36 -19.20
N LEU B 462 -29.78 -7.52 -18.54
CA LEU B 462 -28.63 -7.82 -17.69
C LEU B 462 -27.37 -8.01 -18.52
N ASN B 463 -27.50 -8.56 -19.72
CA ASN B 463 -26.35 -8.61 -20.63
C ASN B 463 -25.88 -7.22 -21.02
N ASN B 464 -26.82 -6.29 -21.20
CA ASN B 464 -26.46 -4.90 -21.47
C ASN B 464 -25.74 -4.29 -20.27
N LEU B 465 -26.18 -4.61 -19.06
CA LEU B 465 -25.47 -4.17 -17.87
C LEU B 465 -24.05 -4.72 -17.84
N ILE B 466 -23.88 -5.99 -18.22
CA ILE B 466 -22.56 -6.60 -18.29
C ILE B 466 -21.70 -5.86 -19.31
N ILE B 467 -22.28 -5.52 -20.47
CA ILE B 467 -21.54 -4.81 -21.50
C ILE B 467 -21.10 -3.44 -21.01
N VAL B 468 -21.99 -2.73 -20.31
CA VAL B 468 -21.63 -1.42 -19.78
C VAL B 468 -20.51 -1.54 -18.75
N GLY B 469 -20.60 -2.53 -17.86
CA GLY B 469 -19.53 -2.74 -16.90
C GLY B 469 -18.20 -3.05 -17.55
N CYS B 470 -18.22 -3.88 -18.60
CA CYS B 470 -16.99 -4.20 -19.31
C CYS B 470 -16.44 -2.97 -20.02
N MET B 471 -17.32 -2.13 -20.57
CA MET B 471 -16.87 -0.87 -21.20
C MET B 471 -16.18 0.02 -20.18
N ILE B 472 -16.77 0.15 -18.99
CA ILE B 472 -16.16 0.97 -17.95
C ILE B 472 -14.81 0.39 -17.52
N THR B 473 -14.75 -0.93 -17.38
CA THR B 473 -13.49 -1.56 -16.99
C THR B 473 -12.41 -1.35 -18.06
N TYR B 474 -12.78 -1.44 -19.33
CA TYR B 474 -11.83 -1.16 -20.41
C TYR B 474 -11.40 0.31 -20.38
N LEU B 475 -12.33 1.21 -20.08
CA LEU B 475 -11.99 2.62 -19.96
C LEU B 475 -11.05 2.88 -18.79
N SER B 476 -11.08 1.98 -17.78
CA SER B 476 -10.21 2.16 -16.62
C SER B 476 -8.74 2.28 -17.00
N ILE B 477 -8.33 1.67 -18.11
CA ILE B 477 -6.93 1.73 -18.52
C ILE B 477 -6.52 3.15 -18.87
N ILE B 478 -7.45 3.94 -19.45
CA ILE B 478 -7.12 5.31 -19.81
C ILE B 478 -6.75 6.13 -18.59
N PHE B 479 -7.51 5.98 -17.50
CA PHE B 479 -7.22 6.70 -16.27
C PHE B 479 -6.14 6.03 -15.44
N LEU B 480 -5.82 4.76 -15.73
CA LEU B 480 -4.79 4.05 -14.96
C LEU B 480 -3.40 4.57 -15.31
N GLY B 481 -3.12 4.75 -16.60
CA GLY B 481 -1.85 5.26 -17.06
C GLY B 481 -1.78 6.76 -17.24
N LEU B 482 -2.82 7.49 -16.83
CA LEU B 482 -2.84 8.93 -17.01
C LEU B 482 -1.73 9.58 -16.19
N ASP B 483 -0.70 10.07 -16.89
CA ASP B 483 0.45 10.65 -16.21
C ASP B 483 0.05 11.91 -15.44
N THR B 484 0.71 12.12 -14.31
CA THR B 484 0.45 13.30 -13.48
C THR B 484 0.89 14.59 -14.16
N THR B 485 1.68 14.51 -15.23
CA THR B 485 2.07 15.72 -15.95
C THR B 485 0.85 16.43 -16.53
N LEU B 486 -0.07 15.67 -17.11
CA LEU B 486 -1.31 16.24 -17.64
C LEU B 486 -2.38 16.43 -16.59
N SER B 487 -2.16 15.93 -15.37
CA SER B 487 -3.11 16.07 -14.27
C SER B 487 -2.65 17.06 -13.21
N SER B 488 -1.57 17.81 -13.47
CA SER B 488 -1.04 18.82 -12.55
C SER B 488 -0.65 18.11 -11.25
N VAL B 489 -0.99 18.64 -10.08
CA VAL B 489 -0.60 18.07 -8.80
C VAL B 489 -1.82 17.77 -7.94
N ALA B 490 -2.74 18.73 -7.83
CA ALA B 490 -3.89 18.57 -6.94
C ALA B 490 -4.88 17.54 -7.45
N ALA B 491 -4.85 17.19 -8.73
CA ALA B 491 -5.79 16.24 -9.30
C ALA B 491 -5.30 14.80 -9.22
N PHE B 492 -4.09 14.56 -8.70
CA PHE B 492 -3.60 13.19 -8.54
C PHE B 492 -4.49 12.34 -7.64
N PRO B 493 -4.89 12.78 -6.43
CA PRO B 493 -5.84 11.96 -5.66
C PRO B 493 -7.18 11.81 -6.35
N TYR B 494 -7.62 12.82 -7.10
CA TYR B 494 -8.84 12.68 -7.89
C TYR B 494 -8.69 11.59 -8.94
N ILE B 495 -7.53 11.52 -9.60
CA ILE B 495 -7.29 10.49 -10.60
C ILE B 495 -7.26 9.11 -9.94
N CYS B 496 -6.60 9.00 -8.78
CA CYS B 496 -6.55 7.71 -8.09
C CYS B 496 -7.94 7.25 -7.69
N THR B 497 -8.76 8.15 -7.14
CA THR B 497 -10.12 7.79 -6.77
C THR B 497 -10.96 7.42 -7.98
N ALA B 498 -10.79 8.16 -9.08
CA ALA B 498 -11.53 7.86 -10.30
C ALA B 498 -11.18 6.46 -10.81
N ARG B 499 -9.89 6.12 -10.84
CA ARG B 499 -9.48 4.80 -11.29
C ARG B 499 -10.04 3.71 -10.37
N ALA B 500 -9.93 3.92 -9.06
CA ALA B 500 -10.42 2.92 -8.11
C ALA B 500 -11.92 2.68 -8.27
N TRP B 501 -12.70 3.76 -8.34
CA TRP B 501 -14.14 3.60 -8.44
C TRP B 501 -14.55 3.07 -9.80
N ILE B 502 -13.81 3.41 -10.86
CA ILE B 502 -14.12 2.88 -12.17
C ILE B 502 -13.93 1.37 -12.20
N LEU B 503 -12.80 0.89 -11.65
CA LEU B 503 -12.57 -0.54 -11.59
C LEU B 503 -13.63 -1.23 -10.73
N MET B 504 -13.92 -0.66 -9.56
CA MET B 504 -14.90 -1.26 -8.67
C MET B 504 -16.28 -1.31 -9.31
N ALA B 505 -16.68 -0.23 -9.99
CA ALA B 505 -18.00 -0.16 -10.61
C ALA B 505 -18.11 -1.12 -11.78
N GLY B 506 -17.05 -1.23 -12.60
CA GLY B 506 -17.09 -2.19 -13.69
C GLY B 506 -17.21 -3.62 -13.18
N PHE B 507 -16.39 -3.97 -12.18
CA PHE B 507 -16.49 -5.31 -11.59
C PHE B 507 -17.89 -5.54 -11.02
N SER B 508 -18.40 -4.56 -10.26
CA SER B 508 -19.71 -4.71 -9.64
C SER B 508 -20.79 -4.91 -10.68
N LEU B 509 -20.83 -4.05 -11.71
CA LEU B 509 -21.86 -4.17 -12.73
C LEU B 509 -21.80 -5.54 -13.40
N SER B 510 -20.63 -5.91 -13.93
CA SER B 510 -20.55 -7.15 -14.71
C SER B 510 -20.87 -8.37 -13.85
N PHE B 511 -20.18 -8.51 -12.72
CA PHE B 511 -20.36 -9.73 -11.94
C PHE B 511 -21.68 -9.75 -11.18
N GLY B 512 -22.18 -8.60 -10.72
CA GLY B 512 -23.50 -8.58 -10.12
C GLY B 512 -24.59 -8.95 -11.10
N ALA B 513 -24.50 -8.46 -12.35
CA ALA B 513 -25.49 -8.85 -13.34
C ALA B 513 -25.42 -10.35 -13.63
N MET B 514 -24.20 -10.88 -13.78
CA MET B 514 -24.08 -12.31 -14.09
C MET B 514 -24.57 -13.17 -12.93
N PHE B 515 -24.20 -12.81 -11.70
CA PHE B 515 -24.66 -13.57 -10.53
C PHE B 515 -26.15 -13.42 -10.31
N SER B 516 -26.74 -12.27 -10.64
CA SER B 516 -28.19 -12.13 -10.55
C SER B 516 -28.89 -13.02 -11.56
N LYS B 517 -28.35 -13.10 -12.78
CA LYS B 517 -28.90 -14.02 -13.78
C LYS B 517 -28.88 -15.45 -13.25
N THR B 518 -27.72 -15.88 -12.73
CA THR B 518 -27.61 -17.24 -12.24
C THR B 518 -28.44 -17.48 -10.98
N TRP B 519 -28.59 -16.45 -10.13
CA TRP B 519 -29.45 -16.58 -8.96
C TRP B 519 -30.90 -16.77 -9.36
N ARG B 520 -31.37 -16.02 -10.36
CA ARG B 520 -32.73 -16.22 -10.85
C ARG B 520 -32.90 -17.60 -11.45
N VAL B 521 -31.91 -18.07 -12.22
CA VAL B 521 -31.99 -19.41 -12.79
C VAL B 521 -32.05 -20.46 -11.68
N HIS B 522 -31.26 -20.27 -10.63
CA HIS B 522 -31.27 -21.19 -9.50
C HIS B 522 -32.63 -21.19 -8.80
N SER B 523 -33.20 -20.00 -8.58
CA SER B 523 -34.51 -19.92 -7.94
C SER B 523 -35.58 -20.61 -8.78
N ILE B 524 -35.45 -20.51 -10.10
CA ILE B 524 -36.41 -21.17 -10.99
C ILE B 524 -36.23 -22.68 -10.94
N PHE B 525 -34.99 -23.16 -10.95
CA PHE B 525 -34.71 -24.58 -11.14
C PHE B 525 -34.59 -25.39 -9.86
N THR B 526 -34.59 -24.75 -8.69
CA THR B 526 -34.36 -25.50 -7.45
C THR B 526 -35.62 -25.75 -6.63
N ASP B 527 -36.70 -25.02 -6.88
CA ASP B 527 -37.92 -25.15 -6.09
C ASP B 527 -39.02 -25.94 -6.78
N LEU B 528 -39.17 -25.78 -8.10
CA LEU B 528 -40.17 -26.50 -8.89
C LEU B 528 -41.58 -26.24 -8.36
N LYS B 529 -42.00 -24.98 -8.44
CA LYS B 529 -43.34 -24.56 -8.08
C LYS B 529 -43.99 -23.95 -9.31
N LEU B 530 -45.24 -24.36 -9.59
CA LEU B 530 -45.90 -23.94 -10.82
C LEU B 530 -46.06 -22.42 -10.87
N ASN B 531 -46.82 -21.87 -9.93
CA ASN B 531 -47.00 -20.41 -9.83
C ASN B 531 -46.07 -19.91 -8.74
N LYS B 532 -44.95 -19.31 -9.14
CA LYS B 532 -43.92 -18.87 -8.23
C LYS B 532 -43.60 -17.40 -8.48
N LYS B 533 -43.31 -16.67 -7.39
CA LYS B 533 -42.88 -15.29 -7.48
C LYS B 533 -41.38 -15.27 -7.80
N VAL B 534 -41.08 -15.50 -9.08
CA VAL B 534 -39.70 -15.48 -9.54
C VAL B 534 -39.24 -14.03 -9.61
N ILE B 535 -38.02 -13.77 -9.11
CA ILE B 535 -37.51 -12.41 -9.05
C ILE B 535 -37.47 -11.80 -10.44
N LYS B 536 -37.97 -10.57 -10.57
CA LYS B 536 -38.10 -9.91 -11.85
C LYS B 536 -36.85 -9.10 -12.19
N ASP B 537 -36.84 -8.54 -13.39
CA ASP B 537 -35.66 -7.84 -13.89
C ASP B 537 -35.35 -6.60 -13.06
N TYR B 538 -36.38 -5.81 -12.73
CA TYR B 538 -36.12 -4.57 -12.00
C TYR B 538 -35.57 -4.82 -10.61
N GLN B 539 -35.97 -5.93 -9.98
CA GLN B 539 -35.40 -6.28 -8.68
C GLN B 539 -33.91 -6.59 -8.80
N LEU B 540 -33.51 -7.29 -9.86
CA LEU B 540 -32.08 -7.57 -10.07
C LEU B 540 -31.32 -6.29 -10.39
N PHE B 541 -31.94 -5.38 -11.16
CA PHE B 541 -31.34 -4.07 -11.38
C PHE B 541 -31.14 -3.34 -10.06
N MET B 542 -32.13 -3.39 -9.18
CA MET B 542 -32.01 -2.75 -7.86
C MET B 542 -30.91 -3.40 -7.04
N VAL B 543 -30.75 -4.72 -7.14
CA VAL B 543 -29.69 -5.41 -6.39
C VAL B 543 -28.32 -4.97 -6.89
N VAL B 544 -28.14 -4.90 -8.21
CA VAL B 544 -26.86 -4.45 -8.76
C VAL B 544 -26.60 -2.99 -8.39
N GLY B 545 -27.66 -2.17 -8.41
CA GLY B 545 -27.52 -0.80 -7.97
C GLY B 545 -27.13 -0.68 -6.51
N VAL B 546 -27.67 -1.56 -5.66
CA VAL B 546 -27.31 -1.56 -4.25
C VAL B 546 -25.85 -1.98 -4.08
N LEU B 547 -25.39 -2.92 -4.89
CA LEU B 547 -23.99 -3.33 -4.82
C LEU B 547 -23.06 -2.19 -5.20
N LEU B 548 -23.35 -1.51 -6.31
CA LEU B 548 -22.53 -0.35 -6.67
C LEU B 548 -22.69 0.77 -5.66
N ALA B 549 -23.84 0.85 -4.99
CA ALA B 549 -24.04 1.85 -3.96
C ALA B 549 -23.17 1.57 -2.73
N ILE B 550 -23.04 0.30 -2.33
CA ILE B 550 -22.13 0.02 -1.22
C ILE B 550 -20.69 0.24 -1.65
N ASP B 551 -20.37 0.01 -2.93
CA ASP B 551 -19.03 0.33 -3.42
C ASP B 551 -18.74 1.82 -3.30
N ILE B 552 -19.66 2.66 -3.79
CA ILE B 552 -19.47 4.10 -3.70
C ILE B 552 -19.49 4.56 -2.24
N ALA B 553 -20.25 3.87 -1.38
CA ALA B 553 -20.28 4.23 0.03
C ALA B 553 -18.93 3.94 0.70
N ILE B 554 -18.33 2.78 0.43
CA ILE B 554 -17.05 2.49 1.06
C ILE B 554 -15.96 3.39 0.50
N ILE B 555 -16.00 3.71 -0.79
CA ILE B 555 -14.97 4.61 -1.32
C ILE B 555 -15.16 6.03 -0.76
N THR B 556 -16.41 6.45 -0.55
CA THR B 556 -16.66 7.75 0.07
C THR B 556 -16.18 7.77 1.52
N THR B 557 -16.42 6.69 2.27
CA THR B 557 -15.93 6.61 3.64
C THR B 557 -14.41 6.66 3.68
N TRP B 558 -13.75 5.94 2.76
CA TRP B 558 -12.29 5.96 2.70
C TRP B 558 -11.77 7.34 2.31
N GLN B 559 -12.51 8.07 1.47
CA GLN B 559 -12.04 9.40 1.05
C GLN B 559 -12.27 10.44 2.14
N ILE B 560 -13.34 10.30 2.93
CA ILE B 560 -13.55 11.22 4.05
C ILE B 560 -12.80 10.80 5.29
N ALA B 561 -12.18 9.62 5.29
CA ALA B 561 -11.38 9.14 6.41
C ALA B 561 -9.88 9.22 6.14
N ASP B 562 -9.43 8.68 5.01
CA ASP B 562 -8.00 8.64 4.66
C ASP B 562 -7.80 9.18 3.25
N PRO B 563 -7.72 10.51 3.08
CA PRO B 563 -7.32 11.08 1.80
C PRO B 563 -6.06 10.46 1.21
N PHE B 564 -5.86 10.62 -0.09
CA PHE B 564 -4.70 10.08 -0.79
C PHE B 564 -3.51 11.01 -0.58
N TYR B 565 -2.55 10.58 0.23
CA TYR B 565 -1.33 11.33 0.47
C TYR B 565 -0.28 10.89 -0.56
N ARG B 566 -0.27 11.60 -1.69
CA ARG B 566 0.55 11.19 -2.81
C ARG B 566 2.03 11.13 -2.43
N GLU B 567 2.72 10.11 -2.95
CA GLU B 567 4.13 9.90 -2.68
C GLU B 567 4.89 9.78 -3.99
N THR B 568 6.21 9.72 -3.89
CA THR B 568 7.08 9.64 -5.07
C THR B 568 8.13 8.58 -4.85
N LYS B 569 8.61 8.00 -5.97
CA LYS B 569 9.63 6.97 -5.91
C LYS B 569 11.01 7.56 -5.64
N GLN B 570 11.29 8.75 -6.17
CA GLN B 570 12.55 9.46 -5.98
C GLN B 570 13.74 8.61 -6.46
N LEU B 571 13.75 8.37 -7.78
CA LEU B 571 14.84 7.65 -8.42
C LEU B 571 16.10 8.50 -8.39
N GLU B 572 17.09 8.09 -7.60
CA GLU B 572 18.30 8.86 -7.33
C GLU B 572 19.21 8.95 -8.55
N PRO B 573 19.11 8.02 -9.51
CA PRO B 573 20.10 8.01 -10.61
C PRO B 573 20.19 9.30 -11.40
N LEU B 574 19.05 9.96 -11.63
CA LEU B 574 18.99 11.25 -12.33
C LEU B 574 19.55 11.17 -13.75
N HIS B 575 19.55 9.97 -14.35
CA HIS B 575 19.99 9.77 -15.73
C HIS B 575 21.42 10.21 -15.96
N HIS B 576 21.79 10.42 -17.22
CA HIS B 576 23.16 10.77 -17.56
C HIS B 576 23.49 12.19 -17.12
N GLU B 577 24.78 12.43 -16.92
CA GLU B 577 25.30 13.73 -16.50
C GLU B 577 26.13 14.34 -17.62
N ASN B 578 26.68 15.52 -17.35
CA ASN B 578 27.48 16.25 -18.33
C ASN B 578 28.77 16.69 -17.65
N ILE B 579 29.55 17.52 -18.36
CA ILE B 579 30.79 18.04 -17.81
C ILE B 579 30.51 18.95 -16.61
N ASP B 580 29.50 19.80 -16.73
CA ASP B 580 29.11 20.70 -15.65
C ASP B 580 28.30 19.99 -14.56
N ASP B 581 28.18 18.68 -14.63
CA ASP B 581 27.48 17.88 -13.61
C ASP B 581 26.03 18.32 -13.46
N VAL B 582 25.39 18.67 -14.57
CA VAL B 582 23.98 19.03 -14.57
C VAL B 582 23.15 17.76 -14.80
N LEU B 583 22.26 17.48 -13.87
CA LEU B 583 21.47 16.25 -13.92
C LEU B 583 20.02 16.56 -13.56
N VAL B 584 19.11 15.75 -14.10
CA VAL B 584 17.68 15.89 -13.86
C VAL B 584 17.19 14.61 -13.20
N ILE B 585 16.68 14.73 -11.98
CA ILE B 585 16.23 13.56 -11.22
C ILE B 585 14.78 13.26 -11.56
N PRO B 586 14.47 12.03 -12.02
CA PRO B 586 13.07 11.67 -12.28
C PRO B 586 12.37 11.16 -11.03
N GLU B 587 11.12 11.57 -10.87
CA GLU B 587 10.31 11.25 -9.69
C GLU B 587 9.00 10.62 -10.15
N ASN B 588 8.96 9.29 -10.21
CA ASN B 588 7.72 8.60 -10.53
C ASN B 588 6.70 8.77 -9.41
N GLU B 589 5.44 8.94 -9.80
CA GLU B 589 4.37 9.25 -8.86
C GLU B 589 3.52 8.03 -8.58
N TYR B 590 3.24 7.80 -7.30
CA TYR B 590 2.40 6.67 -6.88
C TYR B 590 1.67 7.10 -5.61
N CYS B 591 0.40 7.49 -5.76
CA CYS B 591 -0.37 7.97 -4.63
C CYS B 591 -0.54 6.88 -3.58
N GLN B 592 -0.48 7.28 -2.30
CA GLN B 592 -0.47 6.34 -1.19
C GLN B 592 -1.32 6.91 -0.06
N SER B 593 -1.87 6.02 0.76
CA SER B 593 -2.60 6.43 1.96
C SER B 593 -2.16 5.56 3.13
N GLU B 594 -2.27 6.13 4.33
CA GLU B 594 -1.89 5.39 5.54
C GLU B 594 -2.81 4.19 5.76
N HIS B 595 -4.05 4.26 5.26
CA HIS B 595 -5.00 3.16 5.38
C HIS B 595 -5.25 2.46 4.06
N MET B 596 -4.31 2.58 3.11
CA MET B 596 -4.47 1.89 1.83
C MET B 596 -4.52 0.38 2.03
N THR B 597 -3.68 -0.16 2.91
CA THR B 597 -3.67 -1.59 3.13
C THR B 597 -4.99 -2.08 3.70
N ILE B 598 -5.55 -1.34 4.67
CA ILE B 598 -6.81 -1.75 5.28
C ILE B 598 -7.94 -1.70 4.26
N PHE B 599 -8.03 -0.61 3.50
CA PHE B 599 -9.07 -0.49 2.49
C PHE B 599 -8.94 -1.56 1.42
N VAL B 600 -7.71 -1.83 0.95
CA VAL B 600 -7.49 -2.85 -0.06
C VAL B 600 -7.88 -4.21 0.47
N SER B 601 -7.50 -4.51 1.72
CA SER B 601 -7.88 -5.80 2.31
C SER B 601 -9.39 -5.93 2.41
N ILE B 602 -10.09 -4.87 2.82
CA ILE B 602 -11.54 -4.94 2.98
C ILE B 602 -12.21 -5.15 1.62
N ILE B 603 -11.80 -4.37 0.62
CA ILE B 603 -12.42 -4.48 -0.69
C ILE B 603 -12.14 -5.85 -1.30
N TYR B 604 -10.90 -6.32 -1.20
CA TYR B 604 -10.58 -7.64 -1.72
C TYR B 604 -11.36 -8.71 -0.99
N ALA B 605 -11.55 -8.56 0.32
CA ALA B 605 -12.30 -9.54 1.09
C ALA B 605 -13.75 -9.62 0.61
N TYR B 606 -14.42 -8.49 0.45
CA TYR B 606 -15.83 -8.61 0.12
C TYR B 606 -16.04 -8.95 -1.36
N LYS B 607 -15.14 -8.50 -2.24
CA LYS B 607 -15.20 -8.95 -3.62
C LYS B 607 -14.93 -10.44 -3.74
N GLY B 608 -14.02 -10.98 -2.92
CA GLY B 608 -13.83 -12.41 -2.88
C GLY B 608 -15.03 -13.14 -2.32
N LEU B 609 -15.72 -12.55 -1.34
CA LEU B 609 -16.96 -13.13 -0.86
C LEU B 609 -18.00 -13.20 -1.98
N LEU B 610 -18.11 -12.13 -2.76
CA LEU B 610 -19.00 -12.14 -3.92
C LEU B 610 -18.58 -13.20 -4.93
N LEU B 611 -17.27 -13.37 -5.13
CA LEU B 611 -16.77 -14.35 -6.08
C LEU B 611 -17.08 -15.77 -5.63
N VAL B 612 -16.92 -16.08 -4.34
CA VAL B 612 -17.25 -17.43 -3.89
C VAL B 612 -18.76 -17.64 -3.92
N PHE B 613 -19.55 -16.58 -3.70
CA PHE B 613 -21.00 -16.69 -3.87
C PHE B 613 -21.35 -17.04 -5.32
N GLY B 614 -20.71 -16.36 -6.28
CA GLY B 614 -20.97 -16.68 -7.67
C GLY B 614 -20.52 -18.06 -8.06
N ALA B 615 -19.38 -18.51 -7.53
CA ALA B 615 -18.91 -19.87 -7.79
C ALA B 615 -19.86 -20.89 -7.18
N PHE B 616 -20.42 -20.60 -5.99
CA PHE B 616 -21.41 -21.47 -5.38
C PHE B 616 -22.65 -21.56 -6.26
N LEU B 617 -23.10 -20.42 -6.79
CA LEU B 617 -24.25 -20.43 -7.68
C LEU B 617 -23.98 -21.23 -8.95
N ALA B 618 -22.77 -21.10 -9.50
CA ALA B 618 -22.41 -21.88 -10.68
C ALA B 618 -22.37 -23.38 -10.38
N TRP B 619 -21.79 -23.75 -9.23
CA TRP B 619 -21.74 -25.17 -8.87
C TRP B 619 -23.14 -25.72 -8.59
N GLU B 620 -24.06 -24.87 -8.13
CA GLU B 620 -25.44 -25.28 -7.97
C GLU B 620 -26.09 -25.51 -9.33
N THR B 621 -26.13 -24.48 -10.16
CA THR B 621 -26.71 -24.59 -11.50
C THR B 621 -25.66 -24.95 -12.55
N ARG B 622 -24.88 -26.00 -12.28
CA ARG B 622 -23.97 -26.55 -13.25
C ARG B 622 -24.61 -27.65 -14.11
N HIS B 623 -25.84 -28.04 -13.81
CA HIS B 623 -26.51 -29.15 -14.51
C HIS B 623 -27.78 -28.72 -15.21
N VAL B 624 -27.91 -27.44 -15.56
CA VAL B 624 -29.10 -26.96 -16.24
C VAL B 624 -29.09 -27.46 -17.68
N SER B 625 -30.19 -28.11 -18.09
CA SER B 625 -30.26 -28.69 -19.42
C SER B 625 -30.51 -27.64 -20.50
N ILE B 626 -31.03 -26.47 -20.15
CA ILE B 626 -31.29 -25.43 -21.13
C ILE B 626 -29.97 -24.80 -21.53
N PRO B 627 -29.62 -24.79 -22.82
CA PRO B 627 -28.31 -24.24 -23.22
C PRO B 627 -28.13 -22.77 -22.87
N ALA B 628 -29.18 -21.97 -22.93
CA ALA B 628 -29.07 -20.53 -22.67
C ALA B 628 -29.07 -20.21 -21.18
N LEU B 629 -29.43 -21.16 -20.32
CA LEU B 629 -29.47 -20.94 -18.88
C LEU B 629 -28.41 -21.77 -18.16
N ASN B 630 -27.28 -22.00 -18.82
CA ASN B 630 -26.19 -22.83 -18.30
C ASN B 630 -24.88 -22.04 -18.30
N ASP B 631 -24.91 -20.88 -17.65
CA ASP B 631 -23.77 -19.97 -17.59
C ASP B 631 -22.72 -20.40 -16.57
N SER B 632 -22.76 -21.66 -16.11
CA SER B 632 -21.85 -22.12 -15.07
C SER B 632 -20.40 -22.08 -15.52
N LYS B 633 -20.12 -22.61 -16.71
CA LYS B 633 -18.74 -22.67 -17.18
C LYS B 633 -18.15 -21.28 -17.40
N HIS B 634 -18.93 -20.39 -18.01
CA HIS B 634 -18.45 -19.03 -18.24
C HIS B 634 -18.19 -18.32 -16.91
N ILE B 635 -19.07 -18.52 -15.94
CA ILE B 635 -18.89 -17.91 -14.62
C ILE B 635 -17.61 -18.44 -13.97
N GLY B 636 -17.40 -19.75 -14.05
CA GLY B 636 -16.21 -20.34 -13.47
C GLY B 636 -14.94 -19.79 -14.08
N PHE B 637 -14.89 -19.74 -15.42
CA PHE B 637 -13.71 -19.23 -16.11
C PHE B 637 -13.47 -17.76 -15.78
N SER B 638 -14.54 -16.96 -15.81
CA SER B 638 -14.40 -15.53 -15.52
C SER B 638 -13.97 -15.30 -14.07
N VAL B 639 -14.53 -16.05 -13.14
CA VAL B 639 -14.18 -15.89 -11.73
C VAL B 639 -12.72 -16.26 -11.50
N TYR B 640 -12.28 -17.37 -12.08
CA TYR B 640 -10.89 -17.79 -11.90
C TYR B 640 -9.93 -16.77 -12.50
N ASN B 641 -10.20 -16.33 -13.74
CA ASN B 641 -9.35 -15.36 -14.39
C ASN B 641 -9.29 -14.06 -13.60
N VAL B 642 -10.45 -13.56 -13.18
CA VAL B 642 -10.50 -12.29 -12.46
C VAL B 642 -9.78 -12.40 -11.13
N PHE B 643 -10.00 -13.50 -10.40
CA PHE B 643 -9.37 -13.65 -9.09
C PHE B 643 -7.85 -13.69 -9.21
N ILE B 644 -7.33 -14.51 -10.12
CA ILE B 644 -5.88 -14.57 -10.31
C ILE B 644 -5.35 -13.21 -10.75
N THR B 645 -6.08 -12.53 -11.63
CA THR B 645 -5.64 -11.24 -12.13
C THR B 645 -5.59 -10.19 -11.02
N CYS B 646 -6.60 -10.14 -10.14
CA CYS B 646 -6.55 -9.13 -9.09
C CYS B 646 -5.49 -9.47 -8.05
N LEU B 647 -5.27 -10.76 -7.79
CA LEU B 647 -4.18 -11.14 -6.89
C LEU B 647 -2.84 -10.67 -7.44
N ALA B 648 -2.60 -10.92 -8.73
CA ALA B 648 -1.35 -10.48 -9.35
C ALA B 648 -1.25 -8.95 -9.38
N GLY B 649 -2.36 -8.27 -9.67
CA GLY B 649 -2.32 -6.82 -9.70
C GLY B 649 -2.05 -6.20 -8.34
N ALA B 650 -2.67 -6.75 -7.29
CA ALA B 650 -2.37 -6.30 -5.94
C ALA B 650 -0.91 -6.56 -5.58
N ALA B 651 -0.39 -7.73 -5.95
CA ALA B 651 1.01 -8.02 -5.71
C ALA B 651 1.92 -7.03 -6.42
N ILE B 652 1.59 -6.68 -7.66
CA ILE B 652 2.42 -5.75 -8.43
C ILE B 652 2.36 -4.35 -7.84
N SER B 653 1.14 -3.87 -7.54
CA SER B 653 0.96 -2.48 -7.15
C SER B 653 1.40 -2.22 -5.71
N LEU B 654 1.18 -3.19 -4.81
CA LEU B 654 1.50 -2.97 -3.40
C LEU B 654 3.00 -2.91 -3.15
N VAL B 655 3.82 -3.38 -4.09
CA VAL B 655 5.27 -3.32 -3.97
C VAL B 655 5.82 -2.45 -5.09
N LEU B 656 5.06 -1.43 -5.48
CA LEU B 656 5.39 -0.61 -6.64
C LEU B 656 6.81 -0.08 -6.55
N SER B 657 7.55 -0.21 -7.66
CA SER B 657 8.97 0.08 -7.67
C SER B 657 9.31 1.10 -8.76
N ASP B 658 10.60 1.29 -9.00
CA ASP B 658 11.08 2.29 -9.95
C ASP B 658 10.78 1.94 -11.40
N ARG B 659 10.33 0.72 -11.68
CA ARG B 659 10.04 0.31 -13.05
C ARG B 659 8.97 1.18 -13.68
N LYS B 660 7.74 1.05 -13.20
CA LYS B 660 6.59 1.89 -13.56
C LYS B 660 6.32 1.93 -15.06
N ASP B 661 7.00 1.11 -15.84
CA ASP B 661 6.78 1.03 -17.28
C ASP B 661 6.30 -0.35 -17.71
N LEU B 662 7.03 -1.40 -17.35
CA LEU B 662 6.49 -2.74 -17.51
C LEU B 662 5.34 -3.00 -16.55
N VAL B 663 5.28 -2.26 -15.44
CA VAL B 663 4.13 -2.35 -14.54
C VAL B 663 2.87 -1.87 -15.23
N PHE B 664 2.94 -0.74 -15.93
CA PHE B 664 1.78 -0.24 -16.65
C PHE B 664 1.37 -1.20 -17.75
N VAL B 665 2.34 -1.77 -18.46
CA VAL B 665 2.03 -2.76 -19.49
C VAL B 665 1.34 -3.97 -18.88
N LEU B 666 1.84 -4.43 -17.73
CA LEU B 666 1.26 -5.60 -17.08
C LEU B 666 -0.17 -5.33 -16.64
N LEU B 667 -0.43 -4.19 -16.00
CA LEU B 667 -1.79 -3.88 -15.58
C LEU B 667 -2.72 -3.70 -16.77
N SER B 668 -2.25 -3.06 -17.84
CA SER B 668 -3.07 -2.92 -19.03
C SER B 668 -3.43 -4.28 -19.61
N PHE B 669 -2.46 -5.18 -19.69
CA PHE B 669 -2.73 -6.52 -20.18
C PHE B 669 -3.69 -7.25 -19.26
N PHE B 670 -3.55 -7.07 -17.94
CA PHE B 670 -4.45 -7.72 -17.00
C PHE B 670 -5.89 -7.29 -17.25
N ILE B 671 -6.12 -5.98 -17.34
CA ILE B 671 -7.47 -5.46 -17.52
C ILE B 671 -8.02 -5.89 -18.88
N ILE B 672 -7.21 -5.79 -19.94
CA ILE B 672 -7.67 -6.17 -21.27
C ILE B 672 -8.02 -7.64 -21.31
N PHE B 673 -7.16 -8.49 -20.76
CA PHE B 673 -7.41 -9.93 -20.77
C PHE B 673 -8.67 -10.26 -20.00
N CYS B 674 -8.84 -9.69 -18.81
CA CYS B 674 -10.04 -9.98 -18.03
C CYS B 674 -11.30 -9.56 -18.77
N THR B 675 -11.35 -8.31 -19.23
CA THR B 675 -12.55 -7.81 -19.89
C THR B 675 -12.86 -8.59 -21.16
N THR B 676 -11.85 -8.79 -22.02
CA THR B 676 -12.06 -9.47 -23.29
C THR B 676 -12.42 -10.94 -23.06
N ALA B 677 -11.78 -11.60 -22.09
CA ALA B 677 -12.10 -12.99 -21.82
C ALA B 677 -13.54 -13.13 -21.34
N THR B 678 -13.96 -12.25 -20.43
CA THR B 678 -15.35 -12.31 -19.98
C THR B 678 -16.32 -12.07 -21.14
N LEU B 679 -16.03 -11.04 -21.96
CA LEU B 679 -16.94 -10.68 -23.05
C LEU B 679 -17.04 -11.81 -24.07
N CYS B 680 -15.91 -12.37 -24.48
CA CYS B 680 -15.90 -13.44 -25.46
C CYS B 680 -16.26 -14.79 -24.85
N LEU B 681 -16.39 -14.88 -23.53
CA LEU B 681 -16.95 -16.08 -22.93
C LEU B 681 -18.47 -16.01 -22.86
N VAL B 682 -19.03 -14.83 -22.61
CA VAL B 682 -20.47 -14.75 -22.40
C VAL B 682 -21.22 -14.43 -23.70
N PHE B 683 -20.62 -13.69 -24.64
CA PHE B 683 -21.36 -13.33 -25.85
C PHE B 683 -21.00 -14.15 -27.07
N VAL B 684 -19.79 -14.70 -27.16
CA VAL B 684 -19.42 -15.49 -28.33
C VAL B 684 -20.33 -16.71 -28.51
N PRO B 685 -20.64 -17.49 -27.47
CA PRO B 685 -21.69 -18.51 -27.65
C PRO B 685 -23.04 -17.92 -28.02
N LYS B 686 -23.34 -16.71 -27.54
CA LYS B 686 -24.57 -16.02 -27.88
C LYS B 686 -24.58 -15.48 -29.31
N LEU B 687 -23.43 -15.50 -29.99
CA LEU B 687 -23.33 -15.03 -31.36
C LEU B 687 -23.14 -16.14 -32.38
N VAL B 688 -22.43 -17.21 -32.03
CA VAL B 688 -22.25 -18.32 -32.98
C VAL B 688 -23.43 -19.28 -32.99
N GLU B 689 -24.35 -19.18 -32.03
CA GLU B 689 -25.49 -20.07 -31.97
C GLU B 689 -26.68 -19.58 -32.78
N LEU B 690 -26.68 -18.31 -33.22
CA LEU B 690 -27.82 -17.79 -33.96
C LEU B 690 -27.39 -17.17 -35.29
N LYS B 691 -26.17 -16.63 -35.35
CA LYS B 691 -25.68 -16.03 -36.58
C LYS B 691 -24.91 -17.02 -37.44
N ARG B 692 -24.47 -18.13 -36.87
CA ARG B 692 -23.85 -19.21 -37.63
C ARG B 692 -24.65 -20.50 -37.55
N ASN B 693 -25.05 -20.91 -36.35
CA ASN B 693 -26.01 -21.98 -36.21
C ASN B 693 -27.38 -21.48 -36.64
N PRO B 694 -28.32 -22.40 -36.97
CA PRO B 694 -29.64 -21.98 -37.47
C PRO B 694 -30.28 -20.83 -36.70
N GLN B 695 -30.53 -19.73 -37.41
CA GLN B 695 -31.13 -18.56 -36.80
C GLN B 695 -32.60 -18.83 -36.48
N GLY B 696 -33.02 -18.44 -35.28
CA GLY B 696 -34.38 -18.68 -34.84
C GLY B 696 -34.47 -19.94 -34.00
N VAL B 697 -34.63 -19.77 -32.69
CA VAL B 697 -34.63 -20.92 -31.78
C VAL B 697 -35.94 -21.67 -31.93
N VAL B 698 -35.90 -22.80 -32.63
CA VAL B 698 -37.07 -23.64 -32.87
C VAL B 698 -36.98 -24.94 -32.09
N ASP B 699 -35.96 -25.10 -31.26
CA ASP B 699 -35.74 -26.32 -30.48
C ASP B 699 -35.70 -27.54 -31.38
N LYS B 700 -34.73 -27.55 -32.29
CA LYS B 700 -34.60 -28.64 -33.25
C LYS B 700 -34.15 -29.93 -32.57
N ARG B 701 -33.36 -29.82 -31.51
CA ARG B 701 -32.83 -30.98 -30.80
C ARG B 701 -33.60 -31.31 -29.53
N VAL B 702 -34.73 -30.64 -29.29
CA VAL B 702 -35.52 -30.89 -28.08
C VAL B 702 -36.50 -32.02 -28.36
N ARG B 703 -36.38 -33.10 -27.61
CA ARG B 703 -37.29 -34.23 -27.79
C ARG B 703 -38.72 -33.87 -27.41
N ALA B 704 -38.89 -33.08 -26.33
CA ALA B 704 -40.22 -32.71 -25.89
C ALA B 704 -40.96 -31.87 -26.93
N THR B 705 -40.25 -30.93 -27.58
CA THR B 705 -40.87 -30.08 -28.58
C THR B 705 -40.91 -30.78 -29.94
N CYS C 3 -51.50 1.16 20.13
CA CYS C 3 -51.55 2.46 20.78
C CYS C 3 -52.78 2.57 21.67
N THR C 4 -53.91 3.01 21.10
CA THR C 4 -55.15 3.14 21.83
C THR C 4 -55.87 1.82 22.02
N LEU C 5 -55.40 0.74 21.38
CA LEU C 5 -56.02 -0.57 21.51
C LEU C 5 -55.80 -1.14 22.91
N SER C 6 -56.82 -1.80 23.43
CA SER C 6 -56.75 -2.37 24.77
C SER C 6 -56.05 -3.72 24.74
N ALA C 7 -55.98 -4.37 25.91
CA ALA C 7 -55.30 -5.66 26.01
C ALA C 7 -56.02 -6.74 25.22
N GLU C 8 -57.35 -6.77 25.28
CA GLU C 8 -58.10 -7.75 24.50
C GLU C 8 -57.92 -7.52 23.01
N ASP C 9 -57.75 -6.26 22.60
CA ASP C 9 -57.43 -5.99 21.20
C ASP C 9 -56.09 -6.63 20.82
N LYS C 10 -55.10 -6.54 21.70
CA LYS C 10 -53.81 -7.17 21.44
C LYS C 10 -53.94 -8.69 21.39
N ALA C 11 -54.76 -9.27 22.27
CA ALA C 11 -54.98 -10.70 22.24
C ALA C 11 -55.63 -11.14 20.92
N ALA C 12 -56.63 -10.39 20.47
CA ALA C 12 -57.27 -10.70 19.19
C ALA C 12 -56.28 -10.56 18.03
N VAL C 13 -55.43 -9.53 18.08
CA VAL C 13 -54.43 -9.33 17.04
C VAL C 13 -53.46 -10.51 17.00
N GLU C 14 -53.02 -10.97 18.18
CA GLU C 14 -52.11 -12.11 18.22
C GLU C 14 -52.77 -13.38 17.72
N ARG C 15 -54.04 -13.60 18.08
CA ARG C 15 -54.76 -14.77 17.58
C ARG C 15 -54.90 -14.73 16.06
N SER C 16 -55.25 -13.57 15.52
CA SER C 16 -55.32 -13.42 14.07
C SER C 16 -53.97 -13.69 13.43
N LYS C 17 -52.90 -13.16 14.02
CA LYS C 17 -51.57 -13.33 13.46
C LYS C 17 -51.16 -14.81 13.43
N MET C 18 -51.43 -15.54 14.52
CA MET C 18 -51.03 -16.94 14.54
C MET C 18 -51.87 -17.79 13.58
N ILE C 19 -53.18 -17.52 13.51
CA ILE C 19 -54.01 -18.26 12.56
C ILE C 19 -53.57 -17.97 11.12
N ASP C 20 -53.30 -16.70 10.82
CA ASP C 20 -52.86 -16.35 9.47
C ASP C 20 -51.51 -16.97 9.15
N ARG C 21 -50.60 -17.02 10.12
CA ARG C 21 -49.31 -17.64 9.88
C ARG C 21 -49.46 -19.13 9.60
N ASN C 22 -50.31 -19.81 10.38
CA ASN C 22 -50.54 -21.24 10.14
C ASN C 22 -51.15 -21.48 8.77
N LEU C 23 -52.14 -20.65 8.40
CA LEU C 23 -52.78 -20.82 7.09
C LEU C 23 -51.81 -20.52 5.95
N ARG C 24 -50.97 -19.51 6.12
CA ARG C 24 -49.96 -19.19 5.10
C ARG C 24 -48.97 -20.33 4.94
N GLU C 25 -48.53 -20.93 6.06
CA GLU C 25 -47.63 -22.07 5.96
C GLU C 25 -48.31 -23.24 5.26
N ASP C 26 -49.58 -23.51 5.60
CA ASP C 26 -50.29 -24.61 4.96
C ASP C 26 -50.44 -24.39 3.46
N GLY C 27 -50.78 -23.16 3.06
CA GLY C 27 -50.85 -22.85 1.65
C GLY C 27 -49.50 -22.96 0.96
N GLU C 28 -48.43 -22.60 1.66
CA GLU C 28 -47.09 -22.71 1.09
C GLU C 28 -46.72 -24.17 0.84
N LYS C 29 -46.97 -25.05 1.81
CA LYS C 29 -46.62 -26.45 1.58
C LYS C 29 -47.63 -27.16 0.68
N ALA C 30 -48.80 -26.56 0.45
CA ALA C 30 -49.78 -27.16 -0.46
C ALA C 30 -49.56 -26.80 -1.92
N ALA C 31 -48.75 -25.79 -2.20
CA ALA C 31 -48.54 -25.36 -3.59
C ALA C 31 -47.53 -26.23 -4.32
N ARG C 32 -46.55 -26.80 -3.60
CA ARG C 32 -45.51 -27.59 -4.25
C ARG C 32 -46.03 -28.92 -4.78
N GLU C 33 -47.19 -29.37 -4.32
CA GLU C 33 -47.77 -30.62 -4.80
C GLU C 33 -48.43 -30.36 -6.16
N VAL C 34 -47.88 -30.97 -7.21
CA VAL C 34 -48.43 -30.77 -8.56
C VAL C 34 -49.80 -31.41 -8.64
N LYS C 35 -50.68 -30.80 -9.45
CA LYS C 35 -52.03 -31.29 -9.66
C LYS C 35 -52.24 -31.55 -11.14
N LEU C 36 -52.60 -32.78 -11.48
CA LEU C 36 -52.86 -33.18 -12.85
C LEU C 36 -54.33 -33.57 -13.01
N LEU C 37 -54.70 -33.92 -14.24
CA LEU C 37 -56.07 -34.36 -14.51
C LEU C 37 -56.03 -35.27 -15.73
N LEU C 38 -56.08 -36.58 -15.50
CA LEU C 38 -56.10 -37.55 -16.59
C LEU C 38 -57.52 -37.75 -17.09
N LEU C 39 -57.64 -37.97 -18.40
CA LEU C 39 -58.94 -38.12 -19.03
C LEU C 39 -58.70 -38.66 -20.44
N GLY C 40 -59.78 -38.88 -21.17
CA GLY C 40 -59.70 -39.45 -22.50
C GLY C 40 -61.05 -39.55 -23.17
N ALA C 41 -61.35 -40.69 -23.78
CA ALA C 41 -62.61 -40.91 -24.49
C ALA C 41 -63.57 -41.79 -23.69
N GLY C 42 -63.58 -41.64 -22.38
CA GLY C 42 -64.47 -42.43 -21.53
C GLY C 42 -63.85 -43.74 -21.08
N GLU C 43 -62.68 -43.67 -20.46
CA GLU C 43 -61.92 -44.81 -19.95
C GLU C 43 -61.52 -45.78 -21.04
N SER C 44 -61.64 -45.39 -22.32
CA SER C 44 -61.23 -46.28 -23.40
C SER C 44 -59.71 -46.36 -23.51
N GLY C 45 -59.02 -45.24 -23.35
CA GLY C 45 -57.58 -45.21 -23.47
C GLY C 45 -56.87 -45.28 -22.14
N LYS C 46 -57.55 -45.79 -21.11
CA LYS C 46 -56.95 -45.87 -19.78
C LYS C 46 -55.70 -46.75 -19.79
N ASN C 47 -55.83 -47.97 -20.32
CA ASN C 47 -54.71 -48.92 -20.44
C ASN C 47 -54.03 -49.17 -19.09
N THR C 48 -54.78 -49.03 -18.00
CA THR C 48 -54.27 -49.24 -16.65
C THR C 48 -53.02 -48.37 -16.38
N ILE C 49 -53.04 -47.15 -16.90
CA ILE C 49 -51.92 -46.25 -16.70
C ILE C 49 -51.77 -45.88 -15.23
N VAL C 50 -52.89 -45.75 -14.51
CA VAL C 50 -52.84 -45.46 -13.07
C VAL C 50 -52.15 -46.59 -12.31
N LYS C 51 -52.18 -47.81 -12.87
CA LYS C 51 -51.58 -48.95 -12.20
C LYS C 51 -50.07 -49.01 -12.35
N GLN C 52 -49.47 -48.14 -13.14
CA GLN C 52 -48.01 -48.15 -13.30
C GLN C 52 -47.30 -47.83 -11.99
N MET C 53 -47.83 -46.87 -11.22
CA MET C 53 -47.23 -46.54 -9.94
C MET C 53 -47.28 -47.72 -8.98
N LYS C 54 -48.40 -48.45 -8.96
CA LYS C 54 -48.48 -49.67 -8.15
C LYS C 54 -47.52 -50.73 -8.65
N ILE C 55 -47.36 -50.83 -9.98
CA ILE C 55 -46.44 -51.82 -10.54
C ILE C 55 -45.02 -51.55 -10.07
N ILE C 56 -44.56 -50.30 -10.20
CA ILE C 56 -43.22 -49.96 -9.74
C ILE C 56 -43.16 -49.96 -8.22
N HIS C 57 -44.19 -49.43 -7.57
CA HIS C 57 -44.33 -49.41 -6.11
C HIS C 57 -43.23 -48.60 -5.43
N GLU C 58 -42.52 -47.76 -6.18
CA GLU C 58 -41.53 -46.88 -5.57
C GLU C 58 -42.21 -45.81 -4.72
N ALA C 59 -43.34 -45.28 -5.18
CA ALA C 59 -44.10 -44.29 -4.42
C ALA C 59 -45.02 -44.99 -3.41
N GLY C 60 -44.38 -45.69 -2.47
CA GLY C 60 -45.10 -46.43 -1.45
C GLY C 60 -45.55 -45.55 -0.29
N TYR C 61 -46.27 -46.18 0.63
CA TYR C 61 -46.77 -45.49 1.81
C TYR C 61 -45.70 -45.41 2.90
N LYS C 180 -65.83 -46.60 -2.63
CA LYS C 180 -67.11 -45.90 -2.68
C LYS C 180 -67.50 -45.58 -4.12
N THR C 181 -66.52 -45.13 -4.90
CA THR C 181 -66.71 -44.78 -6.31
C THR C 181 -67.80 -43.72 -6.47
N THR C 182 -67.57 -42.58 -5.81
CA THR C 182 -68.50 -41.44 -5.84
C THR C 182 -67.76 -40.23 -6.37
N GLY C 183 -68.28 -39.63 -7.44
CA GLY C 183 -67.71 -38.43 -8.00
C GLY C 183 -66.36 -38.64 -8.67
N ILE C 184 -65.31 -38.06 -8.10
CA ILE C 184 -63.97 -38.12 -8.66
C ILE C 184 -63.04 -38.74 -7.63
N VAL C 185 -62.27 -39.74 -8.05
CA VAL C 185 -61.28 -40.37 -7.19
C VAL C 185 -59.91 -39.75 -7.47
N GLU C 186 -59.13 -39.56 -6.42
CA GLU C 186 -57.85 -38.88 -6.49
C GLU C 186 -56.71 -39.87 -6.34
N THR C 187 -55.67 -39.70 -7.15
CA THR C 187 -54.46 -40.51 -7.07
C THR C 187 -53.36 -39.66 -6.45
N HIS C 188 -52.81 -40.12 -5.34
CA HIS C 188 -51.80 -39.39 -4.59
C HIS C 188 -50.54 -40.22 -4.45
N PHE C 189 -49.40 -39.64 -4.82
CA PHE C 189 -48.10 -40.29 -4.69
C PHE C 189 -47.03 -39.22 -4.80
N THR C 190 -45.78 -39.64 -4.64
CA THR C 190 -44.64 -38.74 -4.75
C THR C 190 -43.58 -39.37 -5.64
N PHE C 191 -42.88 -38.53 -6.40
CA PHE C 191 -41.82 -38.99 -7.31
C PHE C 191 -40.68 -38.00 -7.23
N LYS C 192 -39.52 -38.47 -6.75
CA LYS C 192 -38.31 -37.68 -6.63
C LYS C 192 -38.56 -36.39 -5.85
N ASP C 193 -39.02 -36.57 -4.61
CA ASP C 193 -39.26 -35.46 -3.68
C ASP C 193 -40.23 -34.43 -4.27
N LEU C 194 -41.23 -34.92 -5.00
CA LEU C 194 -42.26 -34.07 -5.59
C LEU C 194 -43.61 -34.75 -5.43
N HIS C 195 -44.48 -34.15 -4.61
CA HIS C 195 -45.80 -34.72 -4.37
C HIS C 195 -46.66 -34.57 -5.61
N PHE C 196 -47.31 -35.65 -6.02
CA PHE C 196 -48.17 -35.67 -7.20
C PHE C 196 -49.61 -35.88 -6.75
N LYS C 197 -50.50 -34.98 -7.18
CA LYS C 197 -51.94 -35.15 -7.01
C LYS C 197 -52.56 -35.33 -8.38
N MET C 198 -53.32 -36.40 -8.56
CA MET C 198 -53.83 -36.77 -9.87
C MET C 198 -55.32 -37.06 -9.75
N PHE C 199 -56.14 -36.29 -10.47
CA PHE C 199 -57.59 -36.35 -10.38
C PHE C 199 -58.17 -36.86 -11.69
N ASP C 200 -59.20 -37.70 -11.58
CA ASP C 200 -59.90 -38.21 -12.76
C ASP C 200 -61.40 -38.07 -12.55
N VAL C 201 -62.10 -37.63 -13.59
CA VAL C 201 -63.56 -37.55 -13.57
C VAL C 201 -64.07 -38.81 -14.25
N GLY C 202 -64.28 -39.86 -13.44
CA GLY C 202 -64.70 -41.15 -13.97
C GLY C 202 -66.20 -41.26 -14.16
N ALA C 203 -66.64 -41.24 -15.41
CA ALA C 203 -68.06 -41.35 -15.77
C ALA C 203 -68.90 -40.30 -15.04
N GLN C 204 -68.38 -39.08 -14.97
CA GLN C 204 -69.08 -38.00 -14.30
C GLN C 204 -70.37 -37.65 -15.03
N ARG C 205 -70.35 -37.65 -16.37
CA ARG C 205 -71.48 -37.24 -17.19
C ARG C 205 -71.96 -35.85 -16.80
N SER C 206 -73.17 -35.76 -16.25
CA SER C 206 -73.76 -34.51 -15.74
C SER C 206 -73.60 -33.42 -16.80
N GLU C 207 -73.08 -32.24 -16.46
CA GLU C 207 -72.78 -31.20 -17.43
C GLU C 207 -71.31 -30.84 -17.31
N ARG C 208 -70.62 -30.79 -18.45
CA ARG C 208 -69.18 -30.57 -18.44
C ARG C 208 -68.82 -29.25 -17.78
N LYS C 209 -69.49 -28.16 -18.19
CA LYS C 209 -69.18 -26.84 -17.66
C LYS C 209 -69.45 -26.70 -16.17
N LYS C 210 -70.21 -27.63 -15.58
CA LYS C 210 -70.49 -27.57 -14.15
C LYS C 210 -69.22 -27.73 -13.32
N TRP C 211 -68.34 -28.66 -13.71
CA TRP C 211 -67.13 -28.93 -12.93
C TRP C 211 -65.84 -28.66 -13.68
N ILE C 212 -65.87 -28.45 -15.00
CA ILE C 212 -64.64 -28.20 -15.74
C ILE C 212 -64.02 -26.88 -15.33
N HIS C 213 -64.85 -25.84 -15.16
CA HIS C 213 -64.34 -24.52 -14.84
C HIS C 213 -63.64 -24.44 -13.49
N CYS C 214 -63.87 -25.41 -12.60
CA CYS C 214 -63.23 -25.43 -11.30
C CYS C 214 -61.88 -26.16 -11.31
N PHE C 215 -61.54 -26.82 -12.41
CA PHE C 215 -60.30 -27.57 -12.53
C PHE C 215 -59.18 -26.77 -13.17
N GLU C 216 -59.39 -25.48 -13.41
CA GLU C 216 -58.33 -24.66 -13.96
C GLU C 216 -57.24 -24.43 -12.91
N GLY C 217 -56.04 -24.12 -13.38
CA GLY C 217 -54.89 -23.99 -12.52
C GLY C 217 -54.10 -25.27 -12.33
N VAL C 218 -54.56 -26.40 -12.90
CA VAL C 218 -53.80 -27.63 -12.81
C VAL C 218 -52.52 -27.49 -13.62
N THR C 219 -51.50 -28.26 -13.22
CA THR C 219 -50.21 -28.19 -13.90
C THR C 219 -50.34 -28.64 -15.36
N ALA C 220 -51.06 -29.73 -15.60
CA ALA C 220 -51.27 -30.24 -16.95
C ALA C 220 -52.46 -31.18 -16.95
N ILE C 221 -52.91 -31.54 -18.15
CA ILE C 221 -53.99 -32.51 -18.33
C ILE C 221 -53.47 -33.66 -19.16
N ILE C 222 -53.66 -34.89 -18.66
CA ILE C 222 -53.20 -36.09 -19.33
C ILE C 222 -54.32 -36.58 -20.26
N PHE C 223 -54.07 -36.52 -21.56
CA PHE C 223 -55.01 -37.02 -22.55
C PHE C 223 -54.53 -38.37 -23.05
N CYS C 224 -55.31 -39.41 -22.81
CA CYS C 224 -54.96 -40.77 -23.18
C CYS C 224 -55.81 -41.22 -24.35
N VAL C 225 -55.18 -41.74 -25.40
CA VAL C 225 -55.85 -42.19 -26.60
C VAL C 225 -55.47 -43.65 -26.85
N ALA C 226 -56.46 -44.51 -27.06
CA ALA C 226 -56.23 -45.93 -27.27
C ALA C 226 -55.83 -46.16 -28.73
N LEU C 227 -54.57 -46.53 -28.95
CA LEU C 227 -54.10 -46.82 -30.31
C LEU C 227 -54.61 -48.16 -30.83
N SER C 228 -54.99 -49.08 -29.94
CA SER C 228 -55.51 -50.37 -30.39
C SER C 228 -56.90 -50.25 -31.01
N ASP C 229 -57.54 -49.10 -30.85
CA ASP C 229 -58.88 -48.83 -31.38
C ASP C 229 -58.87 -48.21 -32.76
N TYR C 230 -57.82 -48.39 -33.56
CA TYR C 230 -57.77 -47.76 -34.87
C TYR C 230 -58.63 -48.49 -35.88
N ASP C 231 -59.05 -49.72 -35.59
CA ASP C 231 -59.86 -50.52 -36.52
C ASP C 231 -61.06 -51.11 -35.77
N LEU C 232 -61.46 -50.46 -34.68
CA LEU C 232 -62.59 -50.92 -33.89
C LEU C 232 -63.58 -49.77 -33.73
N VAL C 233 -64.84 -50.02 -34.12
CA VAL C 233 -65.86 -48.98 -34.04
C VAL C 233 -66.29 -48.76 -32.60
N LEU C 234 -66.61 -47.51 -32.27
CA LEU C 234 -67.06 -47.16 -30.92
C LEU C 234 -68.29 -47.96 -30.53
N ALA C 235 -68.25 -48.55 -29.33
CA ALA C 235 -69.38 -49.34 -28.87
C ALA C 235 -70.56 -48.46 -28.46
N GLU C 236 -70.29 -47.23 -28.01
CA GLU C 236 -71.37 -46.33 -27.61
C GLU C 236 -72.30 -46.02 -28.78
N ASP C 237 -71.73 -45.76 -29.95
CA ASP C 237 -72.52 -45.54 -31.16
C ASP C 237 -71.72 -46.01 -32.36
N GLU C 238 -72.36 -46.77 -33.24
CA GLU C 238 -71.71 -47.27 -34.43
C GLU C 238 -71.61 -46.24 -35.54
N GLU C 239 -72.30 -45.10 -35.41
CA GLU C 239 -72.25 -44.07 -36.44
C GLU C 239 -70.87 -43.44 -36.53
N MET C 240 -70.23 -43.19 -35.39
CA MET C 240 -68.93 -42.53 -35.33
C MET C 240 -67.93 -43.41 -34.60
N ASN C 241 -66.68 -43.36 -35.04
CA ASN C 241 -65.64 -44.22 -34.50
C ASN C 241 -64.99 -43.60 -33.27
N ARG C 242 -64.16 -44.40 -32.59
CA ARG C 242 -63.61 -43.98 -31.30
C ARG C 242 -62.60 -42.85 -31.45
N MET C 243 -61.74 -42.92 -32.47
CA MET C 243 -60.75 -41.86 -32.64
C MET C 243 -61.42 -40.52 -32.93
N HIS C 244 -62.56 -40.55 -33.64
CA HIS C 244 -63.30 -39.32 -33.87
C HIS C 244 -63.81 -38.73 -32.56
N ALA C 245 -64.33 -39.57 -31.67
CA ALA C 245 -64.79 -39.10 -30.37
C ALA C 245 -63.65 -38.52 -29.56
N SER C 246 -62.49 -39.18 -29.59
CA SER C 246 -61.31 -38.65 -28.93
C SER C 246 -60.94 -37.29 -29.51
N MET C 247 -61.04 -37.15 -30.83
CA MET C 247 -60.67 -35.90 -31.48
C MET C 247 -61.60 -34.76 -31.08
N LYS C 248 -62.92 -34.98 -31.12
CA LYS C 248 -63.81 -33.89 -30.74
C LYS C 248 -63.69 -33.57 -29.25
N LEU C 249 -63.46 -34.59 -28.41
CA LEU C 249 -63.28 -34.31 -26.99
C LEU C 249 -61.99 -33.53 -26.74
N PHE C 250 -60.92 -33.85 -27.48
CA PHE C 250 -59.70 -33.06 -27.37
C PHE C 250 -59.92 -31.62 -27.81
N ASP C 251 -60.69 -31.42 -28.88
CA ASP C 251 -61.02 -30.07 -29.31
C ASP C 251 -61.80 -29.33 -28.23
N SER C 252 -62.75 -30.01 -27.58
CA SER C 252 -63.58 -29.36 -26.57
C SER C 252 -62.79 -29.05 -25.31
N ILE C 253 -61.84 -29.90 -24.92
CA ILE C 253 -61.14 -29.74 -23.66
C ILE C 253 -59.81 -29.01 -23.81
N CYS C 254 -59.34 -28.77 -25.03
CA CYS C 254 -58.09 -28.03 -25.23
C CYS C 254 -58.32 -26.55 -25.48
N ASN C 255 -59.50 -26.18 -25.99
CA ASN C 255 -59.76 -24.81 -26.43
C ASN C 255 -60.69 -24.05 -25.48
N ASN C 256 -60.84 -24.48 -24.23
CA ASN C 256 -61.67 -23.73 -23.30
C ASN C 256 -60.98 -22.43 -22.90
N LYS C 257 -61.79 -21.49 -22.42
CA LYS C 257 -61.25 -20.24 -21.89
C LYS C 257 -60.46 -20.46 -20.61
N TRP C 258 -60.66 -21.59 -19.93
CA TRP C 258 -59.91 -21.89 -18.73
C TRP C 258 -58.57 -22.55 -19.06
N PHE C 259 -58.60 -23.61 -19.86
CA PHE C 259 -57.38 -24.30 -20.24
C PHE C 259 -56.71 -23.61 -21.43
N THR C 260 -56.49 -22.30 -21.32
CA THR C 260 -55.84 -21.55 -22.37
C THR C 260 -54.32 -21.56 -22.26
N ASP C 261 -53.78 -21.81 -21.06
CA ASP C 261 -52.35 -21.91 -20.86
C ASP C 261 -51.92 -23.25 -20.27
N THR C 262 -52.86 -24.17 -20.06
CA THR C 262 -52.54 -25.47 -19.47
C THR C 262 -51.96 -26.37 -20.54
N SER C 263 -50.73 -26.85 -20.30
CA SER C 263 -50.09 -27.77 -21.22
C SER C 263 -50.79 -29.13 -21.20
N ILE C 264 -50.71 -29.84 -22.32
CA ILE C 264 -51.34 -31.13 -22.49
C ILE C 264 -50.27 -32.16 -22.82
N ILE C 265 -50.29 -33.30 -22.13
CA ILE C 265 -49.44 -34.44 -22.44
C ILE C 265 -50.32 -35.55 -22.98
N LEU C 266 -49.85 -36.22 -24.04
CA LEU C 266 -50.65 -37.19 -24.77
C LEU C 266 -50.05 -38.58 -24.63
N PHE C 267 -50.89 -39.55 -24.30
CA PHE C 267 -50.50 -40.94 -24.17
C PHE C 267 -51.04 -41.73 -25.35
N LEU C 268 -50.15 -42.47 -26.03
CA LEU C 268 -50.54 -43.39 -27.10
C LEU C 268 -50.54 -44.79 -26.50
N ASN C 269 -51.71 -45.24 -26.05
CA ASN C 269 -51.83 -46.47 -25.28
C ASN C 269 -51.97 -47.67 -26.22
N LYS C 270 -51.36 -48.79 -25.81
CA LYS C 270 -51.44 -50.05 -26.54
C LYS C 270 -50.99 -49.90 -27.98
N LYS C 271 -49.82 -49.28 -28.17
CA LYS C 271 -49.28 -49.09 -29.51
C LYS C 271 -48.72 -50.36 -30.10
N ASP C 272 -48.41 -51.37 -29.27
CA ASP C 272 -47.93 -52.64 -29.80
C ASP C 272 -49.02 -53.33 -30.62
N LEU C 273 -50.26 -53.32 -30.12
CA LEU C 273 -51.37 -53.86 -30.89
C LEU C 273 -51.58 -53.08 -32.18
N PHE C 274 -51.43 -51.75 -32.12
CA PHE C 274 -51.54 -50.92 -33.31
C PHE C 274 -50.49 -51.31 -34.34
N GLU C 275 -49.25 -51.52 -33.91
CA GLU C 275 -48.20 -51.94 -34.83
C GLU C 275 -48.48 -53.32 -35.40
N GLU C 276 -48.98 -54.23 -34.57
CA GLU C 276 -49.28 -55.58 -35.05
C GLU C 276 -50.53 -55.64 -35.91
N LYS C 277 -51.36 -54.59 -35.94
CA LYS C 277 -52.60 -54.60 -36.70
C LYS C 277 -52.54 -53.78 -37.98
N ILE C 278 -51.65 -52.79 -38.07
CA ILE C 278 -51.61 -51.93 -39.25
C ILE C 278 -51.22 -52.69 -40.51
N LYS C 279 -50.45 -53.77 -40.38
CA LYS C 279 -50.01 -54.54 -41.53
C LYS C 279 -51.10 -55.37 -42.16
N LYS C 280 -52.30 -55.42 -41.57
CA LYS C 280 -53.39 -56.22 -42.08
C LYS C 280 -54.57 -55.42 -42.61
N SER C 281 -54.58 -54.09 -42.44
CA SER C 281 -55.70 -53.28 -42.88
C SER C 281 -55.23 -51.89 -43.26
N PRO C 282 -55.81 -51.27 -44.30
CA PRO C 282 -55.43 -49.91 -44.65
C PRO C 282 -55.97 -48.91 -43.64
N LEU C 283 -55.37 -47.72 -43.65
CA LEU C 283 -55.74 -46.63 -42.75
C LEU C 283 -56.84 -45.74 -43.33
N THR C 284 -57.31 -46.02 -44.55
CA THR C 284 -58.36 -45.22 -45.15
C THR C 284 -59.73 -45.46 -44.54
N ILE C 285 -59.86 -46.45 -43.64
CA ILE C 285 -61.14 -46.73 -43.02
C ILE C 285 -61.64 -45.55 -42.20
N CYS C 286 -60.72 -44.72 -41.70
CA CYS C 286 -61.10 -43.51 -40.98
C CYS C 286 -60.29 -42.28 -41.34
N TYR C 287 -59.30 -42.40 -42.22
CA TYR C 287 -58.49 -41.26 -42.66
C TYR C 287 -58.37 -41.30 -44.18
N PRO C 288 -59.45 -41.03 -44.90
CA PRO C 288 -59.36 -41.04 -46.37
C PRO C 288 -58.45 -39.97 -46.94
N GLU C 289 -58.32 -38.83 -46.27
CA GLU C 289 -57.56 -37.70 -46.80
C GLU C 289 -56.06 -37.95 -46.83
N TYR C 290 -55.56 -39.00 -46.17
CA TYR C 290 -54.14 -39.31 -46.16
C TYR C 290 -53.85 -40.36 -47.21
N ALA C 291 -53.00 -40.00 -48.18
CA ALA C 291 -52.58 -40.91 -49.23
C ALA C 291 -51.18 -41.45 -49.01
N GLY C 292 -50.61 -41.25 -47.83
CA GLY C 292 -49.27 -41.73 -47.57
C GLY C 292 -49.19 -43.24 -47.46
N SER C 293 -47.98 -43.75 -47.65
CA SER C 293 -47.76 -45.18 -47.59
C SER C 293 -47.98 -45.71 -46.18
N ASN C 294 -48.51 -46.93 -46.08
CA ASN C 294 -48.77 -47.55 -44.78
C ASN C 294 -47.46 -47.93 -44.14
N THR C 295 -47.00 -47.11 -43.20
CA THR C 295 -45.76 -47.35 -42.47
C THR C 295 -45.94 -46.83 -41.06
N TYR C 296 -45.23 -47.45 -40.11
CA TYR C 296 -45.35 -47.05 -38.72
C TYR C 296 -44.96 -45.58 -38.53
N GLU C 297 -43.83 -45.18 -39.12
CA GLU C 297 -43.39 -43.80 -38.99
C GLU C 297 -44.39 -42.84 -39.64
N GLU C 298 -44.86 -43.17 -40.84
CA GLU C 298 -45.82 -42.31 -41.52
C GLU C 298 -47.14 -42.23 -40.77
N ALA C 299 -47.65 -43.36 -40.28
CA ALA C 299 -48.90 -43.36 -39.54
C ALA C 299 -48.77 -42.56 -38.26
N ALA C 300 -47.66 -42.74 -37.52
CA ALA C 300 -47.46 -41.99 -36.29
C ALA C 300 -47.34 -40.49 -36.56
N ALA C 301 -46.61 -40.12 -37.62
CA ALA C 301 -46.48 -38.71 -37.97
C ALA C 301 -47.83 -38.11 -38.35
N TYR C 302 -48.63 -38.84 -39.13
CA TYR C 302 -49.95 -38.33 -39.50
C TYR C 302 -50.86 -38.18 -38.30
N ILE C 303 -50.82 -39.15 -37.38
CA ILE C 303 -51.64 -39.07 -36.17
C ILE C 303 -51.22 -37.87 -35.33
N GLN C 304 -49.91 -37.68 -35.15
CA GLN C 304 -49.42 -36.55 -34.40
C GLN C 304 -49.81 -35.23 -35.05
N CYS C 305 -49.69 -35.14 -36.37
CA CYS C 305 -50.09 -33.92 -37.06
C CYS C 305 -51.57 -33.64 -36.90
N GLN C 306 -52.40 -34.67 -37.04
CA GLN C 306 -53.85 -34.49 -36.89
C GLN C 306 -54.20 -34.03 -35.48
N PHE C 307 -53.53 -34.59 -34.46
CA PHE C 307 -53.86 -34.22 -33.10
C PHE C 307 -53.35 -32.83 -32.76
N GLU C 308 -52.15 -32.46 -33.24
CA GLU C 308 -51.58 -31.16 -32.90
C GLU C 308 -52.11 -30.03 -33.76
N ASP C 309 -52.74 -30.33 -34.90
CA ASP C 309 -53.34 -29.25 -35.69
C ASP C 309 -54.57 -28.67 -35.03
N LEU C 310 -55.09 -29.31 -33.98
CA LEU C 310 -56.25 -28.82 -33.24
C LEU C 310 -55.88 -27.78 -32.19
N ASN C 311 -54.60 -27.49 -32.02
CA ASN C 311 -54.11 -26.57 -30.99
C ASN C 311 -54.21 -25.15 -31.54
N LYS C 312 -55.32 -24.48 -31.25
CA LYS C 312 -55.51 -23.09 -31.68
C LYS C 312 -54.72 -22.11 -30.84
N ARG C 313 -54.24 -22.54 -29.67
CA ARG C 313 -53.46 -21.70 -28.76
C ARG C 313 -52.00 -22.15 -28.69
N LYS C 314 -51.43 -22.52 -29.85
CA LYS C 314 -50.07 -23.05 -29.89
C LYS C 314 -49.03 -22.00 -29.48
N ASP C 315 -49.39 -20.72 -29.46
CA ASP C 315 -48.43 -19.68 -29.14
C ASP C 315 -47.91 -19.82 -27.71
N THR C 316 -48.82 -19.92 -26.74
CA THR C 316 -48.44 -19.96 -25.33
C THR C 316 -48.69 -21.30 -24.67
N LYS C 317 -49.36 -22.23 -25.32
CA LYS C 317 -49.66 -23.54 -24.76
C LYS C 317 -48.83 -24.59 -25.47
N GLU C 318 -48.16 -25.44 -24.68
CA GLU C 318 -47.28 -26.46 -25.20
C GLU C 318 -47.95 -27.83 -25.11
N ILE C 319 -47.58 -28.71 -26.03
CA ILE C 319 -48.18 -30.04 -26.16
C ILE C 319 -47.07 -31.08 -26.18
N TYR C 320 -47.25 -32.16 -25.43
CA TYR C 320 -46.28 -33.24 -25.34
C TYR C 320 -46.94 -34.53 -25.79
N THR C 321 -46.20 -35.34 -26.55
CA THR C 321 -46.70 -36.60 -27.09
C THR C 321 -45.90 -37.76 -26.48
N HIS C 322 -45.71 -37.72 -25.17
CA HIS C 322 -45.01 -38.78 -24.45
C HIS C 322 -45.91 -40.01 -24.40
N PHE C 323 -45.64 -40.97 -25.28
CA PHE C 323 -46.47 -42.16 -25.39
C PHE C 323 -46.17 -43.12 -24.23
N THR C 324 -46.84 -44.27 -24.25
CA THR C 324 -46.67 -45.30 -23.23
C THR C 324 -46.41 -46.63 -23.90
N CYS C 325 -45.45 -47.38 -23.38
CA CYS C 325 -45.05 -48.67 -23.94
C CYS C 325 -44.78 -49.63 -22.80
N SER C 326 -45.64 -50.64 -22.65
CA SER C 326 -45.48 -51.71 -21.67
C SER C 326 -45.41 -51.18 -20.25
N THR C 327 -45.06 -52.05 -19.30
CA THR C 327 -44.98 -51.67 -17.89
C THR C 327 -43.54 -51.33 -17.53
N ASP C 328 -43.09 -50.19 -18.04
CA ASP C 328 -41.74 -49.69 -17.82
C ASP C 328 -41.78 -48.40 -17.03
N THR C 329 -40.70 -48.12 -16.31
CA THR C 329 -40.57 -46.86 -15.58
C THR C 329 -40.36 -45.66 -16.49
N LYS C 330 -40.14 -45.89 -17.78
CA LYS C 330 -39.90 -44.79 -18.70
C LYS C 330 -41.10 -43.86 -18.79
N ASN C 331 -42.31 -44.41 -18.73
CA ASN C 331 -43.50 -43.58 -18.85
C ASN C 331 -43.60 -42.57 -17.70
N VAL C 332 -43.46 -43.05 -16.46
CA VAL C 332 -43.54 -42.14 -15.32
C VAL C 332 -42.32 -41.21 -15.29
N GLN C 333 -41.16 -41.70 -15.71
CA GLN C 333 -39.97 -40.84 -15.74
C GLN C 333 -40.16 -39.67 -16.71
N PHE C 334 -40.69 -39.95 -17.90
CA PHE C 334 -40.95 -38.89 -18.85
C PHE C 334 -42.15 -38.03 -18.44
N VAL C 335 -43.09 -38.57 -17.68
CA VAL C 335 -44.15 -37.74 -17.11
C VAL C 335 -43.55 -36.73 -16.15
N PHE C 336 -42.63 -37.17 -15.30
CA PHE C 336 -41.91 -36.27 -14.40
C PHE C 336 -41.13 -35.23 -15.19
N ASP C 337 -40.47 -35.66 -16.26
CA ASP C 337 -39.75 -34.72 -17.11
C ASP C 337 -40.70 -33.68 -17.70
N ALA C 338 -41.88 -34.12 -18.14
CA ALA C 338 -42.84 -33.20 -18.75
C ALA C 338 -43.36 -32.19 -17.73
N VAL C 339 -43.70 -32.63 -16.52
CA VAL C 339 -44.23 -31.68 -15.55
C VAL C 339 -43.13 -30.72 -15.10
N THR C 340 -41.90 -31.21 -14.98
CA THR C 340 -40.78 -30.31 -14.68
C THR C 340 -40.61 -29.27 -15.78
N ASP C 341 -40.72 -29.71 -17.04
CA ASP C 341 -40.61 -28.78 -18.17
C ASP C 341 -41.72 -27.73 -18.11
N VAL C 342 -42.94 -28.16 -17.80
CA VAL C 342 -44.08 -27.24 -17.73
C VAL C 342 -43.85 -26.21 -16.64
N ILE C 343 -43.40 -26.67 -15.47
CA ILE C 343 -43.18 -25.75 -14.35
C ILE C 343 -42.08 -24.74 -14.71
N ILE C 344 -40.98 -25.23 -15.29
CA ILE C 344 -39.86 -24.37 -15.63
C ILE C 344 -40.28 -23.34 -16.67
N LYS C 345 -41.04 -23.78 -17.69
CA LYS C 345 -41.50 -22.87 -18.73
C LYS C 345 -42.45 -21.83 -18.18
N ASN C 346 -43.33 -22.23 -17.26
CA ASN C 346 -44.24 -21.28 -16.63
C ASN C 346 -43.47 -20.22 -15.84
N ASN C 347 -42.46 -20.66 -15.09
CA ASN C 347 -41.63 -19.70 -14.36
C ASN C 347 -40.88 -18.77 -15.29
N LEU C 348 -40.34 -19.31 -16.39
CA LEU C 348 -39.61 -18.49 -17.36
C LEU C 348 -40.53 -17.44 -17.98
N LYS C 349 -41.76 -17.83 -18.31
CA LYS C 349 -42.73 -16.87 -18.83
C LYS C 349 -43.07 -15.83 -17.77
N ASP C 350 -43.15 -16.26 -16.50
CA ASP C 350 -43.47 -15.33 -15.42
C ASP C 350 -42.39 -14.27 -15.24
N CYS C 351 -41.12 -14.66 -15.32
CA CYS C 351 -40.05 -13.71 -15.07
C CYS C 351 -39.68 -12.87 -16.27
N GLY C 352 -40.27 -13.13 -17.44
CA GLY C 352 -39.99 -12.36 -18.62
C GLY C 352 -38.96 -12.91 -19.57
N LEU C 353 -38.54 -14.17 -19.39
CA LEU C 353 -37.60 -14.80 -20.30
C LEU C 353 -38.28 -15.59 -21.41
N PHE C 354 -39.61 -15.56 -21.46
CA PHE C 354 -40.35 -16.25 -22.52
C PHE C 354 -41.60 -15.48 -22.91
N SER D 20 -99.88 -44.46 -29.84
CA SER D 20 -101.19 -44.12 -29.28
C SER D 20 -101.05 -43.49 -27.91
N GLU D 21 -100.50 -44.25 -26.96
CA GLU D 21 -100.32 -43.73 -25.60
C GLU D 21 -99.37 -42.54 -25.59
N LEU D 22 -98.26 -42.63 -26.34
CA LEU D 22 -97.32 -41.52 -26.40
C LEU D 22 -97.96 -40.31 -27.06
N ASP D 23 -98.70 -40.52 -28.16
CA ASP D 23 -99.36 -39.41 -28.84
C ASP D 23 -100.41 -38.77 -27.95
N GLN D 24 -101.21 -39.59 -27.25
CA GLN D 24 -102.23 -39.05 -26.36
C GLN D 24 -101.61 -38.27 -25.21
N LEU D 25 -100.53 -38.81 -24.63
CA LEU D 25 -99.84 -38.11 -23.54
C LEU D 25 -99.26 -36.78 -24.02
N ARG D 26 -98.64 -36.78 -25.20
CA ARG D 26 -98.09 -35.54 -25.74
C ARG D 26 -99.18 -34.52 -26.01
N GLN D 27 -100.32 -34.96 -26.56
CA GLN D 27 -101.43 -34.05 -26.81
C GLN D 27 -101.97 -33.47 -25.51
N GLU D 28 -102.11 -34.31 -24.47
CA GLU D 28 -102.59 -33.83 -23.18
C GLU D 28 -101.62 -32.84 -22.57
N ALA D 29 -100.31 -33.13 -22.64
CA ALA D 29 -99.33 -32.20 -22.11
C ALA D 29 -99.35 -30.87 -22.85
N GLU D 30 -99.47 -30.92 -24.18
CA GLU D 30 -99.53 -29.68 -24.96
C GLU D 30 -100.78 -28.89 -24.63
N GLN D 31 -101.92 -29.57 -24.44
CA GLN D 31 -103.15 -28.88 -24.07
C GLN D 31 -103.01 -28.23 -22.71
N LEU D 32 -102.42 -28.94 -21.74
CA LEU D 32 -102.20 -28.35 -20.42
C LEU D 32 -101.27 -27.15 -20.50
N LYS D 33 -100.22 -27.24 -21.31
CA LYS D 33 -99.30 -26.13 -21.46
C LYS D 33 -99.98 -24.91 -22.08
N ASN D 34 -100.81 -25.14 -23.11
CA ASN D 34 -101.55 -24.04 -23.71
C ASN D 34 -102.53 -23.41 -22.72
N GLN D 35 -103.20 -24.25 -21.93
CA GLN D 35 -104.16 -23.74 -20.96
C GLN D 35 -103.47 -22.90 -19.89
N ILE D 36 -102.34 -23.39 -19.37
CA ILE D 36 -101.64 -22.62 -18.34
C ILE D 36 -101.03 -21.36 -18.94
N ARG D 37 -100.59 -21.40 -20.20
CA ARG D 37 -100.08 -20.19 -20.84
C ARG D 37 -101.19 -19.15 -21.00
N ASP D 38 -102.39 -19.58 -21.40
CA ASP D 38 -103.51 -18.66 -21.52
C ASP D 38 -103.89 -18.08 -20.16
N ALA D 39 -103.91 -18.92 -19.12
CA ALA D 39 -104.22 -18.43 -17.78
C ALA D 39 -103.17 -17.43 -17.30
N ARG D 40 -101.89 -17.70 -17.58
CA ARG D 40 -100.83 -16.78 -17.20
C ARG D 40 -100.97 -15.45 -17.94
N LYS D 41 -101.29 -15.50 -19.23
CA LYS D 41 -101.50 -14.27 -20.00
C LYS D 41 -102.66 -13.47 -19.45
N ALA D 42 -103.75 -14.15 -19.09
CA ALA D 42 -104.89 -13.46 -18.50
C ALA D 42 -104.55 -12.86 -17.14
N CYS D 43 -103.71 -13.54 -16.35
CA CYS D 43 -103.36 -13.05 -15.02
C CYS D 43 -102.52 -11.78 -15.07
N ALA D 44 -101.74 -11.60 -16.13
CA ALA D 44 -100.88 -10.42 -16.26
C ALA D 44 -101.71 -9.21 -16.70
N ASP D 45 -102.61 -8.80 -15.82
CA ASP D 45 -103.53 -7.70 -16.15
C ASP D 45 -102.81 -6.35 -16.11
N ALA D 46 -101.95 -6.15 -15.12
CA ALA D 46 -101.27 -4.87 -14.94
C ALA D 46 -99.76 -5.07 -15.03
N THR D 47 -99.10 -4.21 -15.80
CA THR D 47 -97.66 -4.30 -16.00
C THR D 47 -96.94 -3.82 -14.75
N LEU D 48 -95.89 -4.56 -14.36
CA LEU D 48 -95.14 -4.21 -13.15
C LEU D 48 -94.46 -2.84 -13.30
N SER D 49 -93.89 -2.57 -14.46
CA SER D 49 -93.21 -1.29 -14.69
C SER D 49 -94.18 -0.11 -14.72
N GLN D 50 -95.47 -0.37 -14.98
CA GLN D 50 -96.45 0.70 -15.05
C GLN D 50 -97.08 1.01 -13.70
N ILE D 51 -97.21 0.02 -12.82
CA ILE D 51 -97.84 0.25 -11.52
C ILE D 51 -97.01 1.21 -10.68
N THR D 52 -95.69 1.00 -10.65
CA THR D 52 -94.79 1.80 -9.84
C THR D 52 -94.03 2.84 -10.67
N ASN D 53 -94.53 3.18 -11.85
CA ASN D 53 -93.86 4.18 -12.68
C ASN D 53 -93.87 5.56 -12.02
N ASN D 54 -94.84 5.83 -11.17
CA ASN D 54 -94.94 7.09 -10.46
C ASN D 54 -94.11 7.13 -9.18
N ILE D 55 -93.46 6.03 -8.82
CA ILE D 55 -92.66 5.97 -7.60
C ILE D 55 -91.23 6.38 -7.96
N ASP D 56 -90.72 7.40 -7.29
CA ASP D 56 -89.37 7.88 -7.55
C ASP D 56 -88.33 6.91 -6.97
N PRO D 57 -87.16 6.84 -7.57
CA PRO D 57 -86.07 6.01 -7.02
C PRO D 57 -85.47 6.69 -5.79
N VAL D 58 -84.55 5.97 -5.15
CA VAL D 58 -83.92 6.43 -3.92
C VAL D 58 -82.51 6.96 -4.17
N GLY D 59 -82.18 7.24 -5.43
CA GLY D 59 -80.88 7.81 -5.74
C GLY D 59 -79.76 6.77 -5.67
N ARG D 60 -78.55 7.29 -5.67
CA ARG D 60 -77.35 6.45 -5.63
C ARG D 60 -76.92 6.22 -4.19
N ILE D 61 -76.63 4.96 -3.85
CA ILE D 61 -76.19 4.58 -2.52
C ILE D 61 -74.72 4.16 -2.60
N GLN D 62 -73.90 4.73 -1.74
CA GLN D 62 -72.46 4.46 -1.75
C GLN D 62 -72.15 3.27 -0.86
N MET D 63 -71.42 2.29 -1.42
CA MET D 63 -71.08 1.05 -0.72
C MET D 63 -69.57 1.03 -0.48
N ARG D 64 -69.15 1.56 0.67
CA ARG D 64 -67.74 1.61 0.99
C ARG D 64 -67.25 0.26 1.51
N THR D 65 -66.04 -0.11 1.13
CA THR D 65 -65.41 -1.33 1.61
C THR D 65 -64.97 -1.11 3.06
N ARG D 66 -65.83 -1.50 4.00
CA ARG D 66 -65.53 -1.27 5.41
C ARG D 66 -64.45 -2.22 5.92
N ARG D 67 -64.53 -3.49 5.57
CA ARG D 67 -63.58 -4.50 6.04
C ARG D 67 -63.03 -5.28 4.85
N THR D 68 -61.71 -5.43 4.83
CA THR D 68 -61.02 -6.24 3.83
C THR D 68 -60.60 -7.54 4.50
N LEU D 69 -61.23 -8.65 4.12
CA LEU D 69 -61.00 -9.95 4.74
C LEU D 69 -60.16 -10.79 3.80
N ARG D 70 -58.91 -11.06 4.20
CA ARG D 70 -57.98 -11.83 3.41
C ARG D 70 -57.42 -12.98 4.24
N GLY D 71 -56.87 -13.97 3.55
CA GLY D 71 -56.36 -15.16 4.21
C GLY D 71 -56.61 -16.42 3.41
N HIS D 72 -57.64 -16.40 2.57
CA HIS D 72 -57.87 -17.50 1.64
C HIS D 72 -56.78 -17.51 0.58
N LEU D 73 -56.40 -18.72 0.14
CA LEU D 73 -55.34 -18.88 -0.84
C LEU D 73 -55.83 -19.66 -2.07
N ALA D 74 -57.11 -19.52 -2.40
CA ALA D 74 -57.68 -20.15 -3.59
C ALA D 74 -58.97 -19.42 -3.94
N LYS D 75 -59.54 -19.80 -5.08
CA LYS D 75 -60.79 -19.19 -5.53
C LYS D 75 -61.94 -19.63 -4.64
N ILE D 76 -62.70 -18.66 -4.14
CA ILE D 76 -63.82 -18.95 -3.24
C ILE D 76 -65.04 -19.31 -4.06
N TYR D 77 -65.64 -20.47 -3.77
CA TYR D 77 -66.80 -20.95 -4.49
C TYR D 77 -68.09 -20.94 -3.68
N ALA D 78 -68.02 -20.69 -2.38
CA ALA D 78 -69.21 -20.69 -1.55
C ALA D 78 -69.02 -19.73 -0.39
N MET D 79 -70.14 -19.24 0.14
CA MET D 79 -70.13 -18.36 1.30
C MET D 79 -71.54 -18.30 1.86
N HIS D 80 -71.65 -18.42 3.19
CA HIS D 80 -72.93 -18.34 3.87
C HIS D 80 -72.79 -17.43 5.08
N TRP D 81 -73.77 -16.55 5.27
CA TRP D 81 -73.81 -15.68 6.43
C TRP D 81 -74.34 -16.46 7.64
N GLY D 82 -74.62 -15.76 8.73
CA GLY D 82 -75.15 -16.39 9.91
C GLY D 82 -76.20 -15.51 10.56
N THR D 83 -77.02 -16.15 11.41
CA THR D 83 -78.05 -15.41 12.12
C THR D 83 -77.45 -14.39 13.09
N ASP D 84 -76.21 -14.62 13.54
CA ASP D 84 -75.52 -13.65 14.37
C ASP D 84 -75.01 -12.46 13.58
N SER D 85 -75.03 -12.53 12.25
CA SER D 85 -74.58 -11.46 11.37
C SER D 85 -73.11 -11.13 11.53
N ARG D 86 -72.34 -12.05 12.10
CA ARG D 86 -70.89 -11.86 12.22
C ARG D 86 -70.08 -13.09 11.86
N LEU D 87 -70.68 -14.27 11.77
CA LEU D 87 -69.97 -15.52 11.47
C LEU D 87 -70.32 -15.95 10.05
N LEU D 88 -69.36 -15.85 9.15
CA LEU D 88 -69.54 -16.22 7.76
C LEU D 88 -68.56 -17.33 7.39
N VAL D 89 -69.06 -18.37 6.75
CA VAL D 89 -68.25 -19.52 6.33
C VAL D 89 -67.85 -19.34 4.88
N SER D 90 -66.55 -19.34 4.62
CA SER D 90 -66.01 -19.24 3.27
C SER D 90 -65.42 -20.58 2.86
N ALA D 91 -65.75 -21.04 1.66
CA ALA D 91 -65.29 -22.32 1.15
C ALA D 91 -64.53 -22.11 -0.15
N SER D 92 -63.42 -22.83 -0.30
CA SER D 92 -62.59 -22.72 -1.49
C SER D 92 -61.88 -24.06 -1.71
N GLN D 93 -61.10 -24.12 -2.79
CA GLN D 93 -60.38 -25.34 -3.16
C GLN D 93 -59.02 -25.46 -2.48
N ASP D 94 -58.64 -24.52 -1.63
CA ASP D 94 -57.42 -24.70 -0.84
C ASP D 94 -57.62 -25.67 0.32
N GLY D 95 -58.85 -26.12 0.54
CA GLY D 95 -59.14 -27.05 1.62
C GLY D 95 -59.27 -26.36 2.96
N LYS D 96 -60.16 -25.38 3.06
CA LYS D 96 -60.31 -24.63 4.30
C LYS D 96 -61.71 -24.01 4.34
N LEU D 97 -62.57 -24.52 5.21
CA LEU D 97 -63.79 -23.84 5.58
C LEU D 97 -63.50 -22.95 6.79
N ILE D 98 -63.41 -21.64 6.56
CA ILE D 98 -62.97 -20.70 7.56
C ILE D 98 -64.16 -19.89 8.03
N ILE D 99 -64.36 -19.84 9.35
CA ILE D 99 -65.41 -19.01 9.95
C ILE D 99 -64.77 -17.68 10.32
N TRP D 100 -65.26 -16.61 9.70
CA TRP D 100 -64.65 -15.29 9.89
C TRP D 100 -65.46 -14.49 10.90
N ASP D 101 -65.04 -13.24 11.11
CA ASP D 101 -65.75 -12.33 12.01
C ASP D 101 -65.61 -10.93 11.43
N SER D 102 -66.72 -10.38 10.91
CA SER D 102 -66.67 -9.08 10.26
C SER D 102 -66.34 -7.96 11.23
N TYR D 103 -66.61 -8.16 12.53
CA TYR D 103 -66.38 -7.10 13.50
C TYR D 103 -64.90 -6.80 13.67
N THR D 104 -64.09 -7.85 13.85
CA THR D 104 -62.67 -7.67 14.17
C THR D 104 -61.75 -8.33 13.14
N THR D 105 -62.28 -8.82 12.02
CA THR D 105 -61.50 -9.50 10.98
C THR D 105 -60.67 -10.64 11.58
N ASN D 106 -61.29 -11.39 12.49
CA ASN D 106 -60.63 -12.46 13.23
C ASN D 106 -61.23 -13.80 12.83
N LYS D 107 -60.39 -14.71 12.36
CA LYS D 107 -60.84 -16.07 12.09
C LYS D 107 -61.09 -16.80 13.40
N VAL D 108 -62.08 -17.68 13.39
CA VAL D 108 -62.49 -18.40 14.59
C VAL D 108 -62.06 -19.87 14.54
N HIS D 109 -62.39 -20.57 13.46
CA HIS D 109 -62.07 -21.99 13.37
C HIS D 109 -61.93 -22.37 11.91
N ALA D 110 -60.68 -22.51 11.45
CA ALA D 110 -60.42 -22.98 10.09
C ALA D 110 -60.58 -24.49 10.06
N ILE D 111 -61.47 -24.97 9.20
CA ILE D 111 -61.88 -26.37 9.16
C ILE D 111 -61.20 -27.02 7.96
N PRO D 112 -60.28 -27.95 8.16
CA PRO D 112 -59.74 -28.72 7.02
C PRO D 112 -60.77 -29.72 6.53
N LEU D 113 -60.57 -30.18 5.29
CA LEU D 113 -61.49 -31.08 4.63
C LEU D 113 -60.74 -32.28 4.06
N ARG D 114 -61.46 -33.40 3.95
CA ARG D 114 -60.88 -34.58 3.31
C ARG D 114 -60.77 -34.40 1.80
N SER D 115 -61.63 -33.57 1.21
CA SER D 115 -61.63 -33.32 -0.22
C SER D 115 -61.65 -31.81 -0.45
N SER D 116 -60.68 -31.31 -1.23
CA SER D 116 -60.60 -29.89 -1.51
C SER D 116 -61.66 -29.43 -2.51
N TRP D 117 -62.17 -30.32 -3.36
CA TRP D 117 -63.12 -29.96 -4.40
C TRP D 117 -64.49 -29.77 -3.77
N VAL D 118 -64.71 -28.58 -3.22
CA VAL D 118 -66.00 -28.20 -2.64
C VAL D 118 -66.47 -26.91 -3.28
N MET D 119 -67.80 -26.78 -3.39
CA MET D 119 -68.39 -25.58 -3.95
C MET D 119 -69.61 -25.08 -3.19
N THR D 120 -70.09 -25.80 -2.18
CA THR D 120 -71.27 -25.42 -1.42
C THR D 120 -70.92 -25.35 0.06
N CYS D 121 -71.42 -24.31 0.72
CA CYS D 121 -71.28 -24.20 2.17
C CYS D 121 -72.61 -23.71 2.73
N ALA D 122 -72.90 -24.13 3.96
CA ALA D 122 -74.15 -23.78 4.61
C ALA D 122 -73.90 -23.51 6.08
N TYR D 123 -74.80 -22.72 6.67
CA TYR D 123 -74.73 -22.37 8.09
C TYR D 123 -76.04 -22.76 8.77
N ALA D 124 -75.92 -23.42 9.91
CA ALA D 124 -77.10 -23.75 10.69
C ALA D 124 -77.69 -22.47 11.30
N PRO D 125 -79.01 -22.35 11.38
CA PRO D 125 -79.60 -21.15 12.00
C PRO D 125 -79.18 -20.95 13.44
N SER D 126 -79.00 -22.03 14.20
CA SER D 126 -78.54 -21.89 15.58
C SER D 126 -77.06 -21.50 15.66
N GLY D 127 -76.30 -21.73 14.60
CA GLY D 127 -74.89 -21.46 14.60
C GLY D 127 -74.02 -22.56 15.17
N ASN D 128 -74.63 -23.66 15.62
CA ASN D 128 -73.86 -24.77 16.18
C ASN D 128 -73.15 -25.57 15.10
N TYR D 129 -73.80 -25.80 13.97
CA TYR D 129 -73.30 -26.68 12.92
C TYR D 129 -72.89 -25.88 11.70
N VAL D 130 -72.07 -26.52 10.85
CA VAL D 130 -71.65 -25.97 9.56
C VAL D 130 -71.59 -27.11 8.56
N ALA D 131 -72.24 -26.94 7.42
CA ALA D 131 -72.30 -27.97 6.38
C ALA D 131 -71.44 -27.57 5.20
N CYS D 132 -71.15 -28.56 4.35
CA CYS D 132 -70.35 -28.36 3.16
C CYS D 132 -70.55 -29.55 2.23
N GLY D 133 -70.04 -29.43 1.01
CA GLY D 133 -70.13 -30.51 0.04
C GLY D 133 -69.46 -30.10 -1.24
N GLY D 134 -69.20 -31.11 -2.08
CA GLY D 134 -68.49 -30.86 -3.32
C GLY D 134 -68.62 -31.95 -4.38
N LEU D 135 -67.51 -32.26 -5.05
CA LEU D 135 -67.48 -33.17 -6.18
C LEU D 135 -67.50 -34.63 -5.76
N ASP D 136 -67.33 -34.95 -4.49
CA ASP D 136 -67.31 -36.33 -4.02
C ASP D 136 -68.70 -36.86 -3.70
N ASN D 137 -69.75 -36.09 -3.98
CA ASN D 137 -71.13 -36.48 -3.71
C ASN D 137 -71.36 -36.75 -2.23
N ILE D 138 -70.68 -36.00 -1.36
CA ILE D 138 -70.80 -36.13 0.08
C ILE D 138 -71.13 -34.76 0.67
N CYS D 139 -72.17 -34.72 1.49
CA CYS D 139 -72.55 -33.52 2.22
C CYS D 139 -72.17 -33.72 3.68
N SER D 140 -71.12 -33.06 4.13
CA SER D 140 -70.55 -33.26 5.46
C SER D 140 -70.91 -32.09 6.36
N ILE D 141 -71.29 -32.42 7.60
CA ILE D 141 -71.67 -31.43 8.60
C ILE D 141 -70.68 -31.52 9.76
N TYR D 142 -70.25 -30.35 10.25
CA TYR D 142 -69.24 -30.27 11.30
C TYR D 142 -69.81 -29.60 12.53
N ASN D 143 -69.53 -30.18 13.70
CA ASN D 143 -69.93 -29.60 14.97
C ASN D 143 -68.92 -28.53 15.36
N LEU D 144 -69.38 -27.31 15.56
CA LEU D 144 -68.52 -26.17 15.86
C LEU D 144 -68.51 -25.82 17.35
N LYS D 145 -69.68 -25.65 17.95
CA LYS D 145 -69.78 -25.30 19.36
C LYS D 145 -69.89 -26.58 20.18
N THR D 146 -68.88 -26.85 21.00
CA THR D 146 -68.84 -28.04 21.84
C THR D 146 -67.86 -27.79 22.98
N ARG D 147 -67.87 -28.70 23.94
CA ARG D 147 -66.94 -28.59 25.07
C ARG D 147 -65.49 -28.66 24.60
N GLU D 148 -65.19 -29.58 23.69
CA GLU D 148 -63.87 -29.65 23.10
C GLU D 148 -63.71 -28.53 22.08
N GLY D 149 -62.57 -27.83 22.14
CA GLY D 149 -62.39 -26.68 21.26
C GLY D 149 -62.30 -27.05 19.80
N ASN D 150 -61.55 -28.09 19.48
CA ASN D 150 -61.32 -28.46 18.08
C ASN D 150 -62.61 -28.95 17.43
N VAL D 151 -62.83 -28.51 16.19
CA VAL D 151 -64.02 -28.94 15.45
C VAL D 151 -63.84 -30.38 14.97
N ARG D 152 -64.95 -30.99 14.59
CA ARG D 152 -64.95 -32.37 14.14
C ARG D 152 -66.11 -32.59 13.19
N VAL D 153 -66.02 -33.67 12.41
CA VAL D 153 -67.06 -34.02 11.45
C VAL D 153 -68.25 -34.61 12.21
N SER D 154 -69.28 -33.80 12.42
CA SER D 154 -70.44 -34.25 13.18
C SER D 154 -71.14 -35.40 12.47
N ARG D 155 -71.31 -35.31 11.16
CA ARG D 155 -71.97 -36.37 10.40
C ARG D 155 -71.55 -36.28 8.94
N GLU D 156 -71.64 -37.43 8.26
CA GLU D 156 -71.37 -37.52 6.83
C GLU D 156 -72.61 -38.04 6.13
N LEU D 157 -72.99 -37.39 5.04
CA LEU D 157 -74.25 -37.72 4.37
C LEU D 157 -74.02 -37.99 2.88
N ALA D 158 -73.06 -38.84 2.56
CA ALA D 158 -72.81 -39.22 1.17
C ALA D 158 -74.08 -39.76 0.53
N GLY D 159 -74.63 -39.03 -0.44
CA GLY D 159 -75.93 -39.36 -0.99
C GLY D 159 -75.98 -39.66 -2.47
N HIS D 160 -76.56 -38.72 -3.23
CA HIS D 160 -76.88 -38.95 -4.63
C HIS D 160 -75.62 -39.10 -5.47
N THR D 161 -75.77 -39.79 -6.60
CA THR D 161 -74.63 -40.09 -7.47
C THR D 161 -74.06 -38.82 -8.11
N GLY D 162 -74.93 -37.88 -8.47
CA GLY D 162 -74.47 -36.68 -9.16
C GLY D 162 -73.71 -35.74 -8.25
N TYR D 163 -72.97 -34.84 -8.86
CA TYR D 163 -72.16 -33.88 -8.12
C TYR D 163 -73.05 -32.92 -7.34
N LEU D 164 -72.52 -32.43 -6.23
CA LEU D 164 -73.32 -31.62 -5.31
C LEU D 164 -73.21 -30.15 -5.71
N SER D 165 -74.37 -29.49 -5.81
CA SER D 165 -74.42 -28.12 -6.31
C SER D 165 -74.89 -27.09 -5.29
N CYS D 166 -75.77 -27.47 -4.37
CA CYS D 166 -76.23 -26.53 -3.34
C CYS D 166 -76.75 -27.32 -2.16
N CYS D 167 -76.80 -26.66 -1.01
CA CYS D 167 -77.30 -27.26 0.22
C CYS D 167 -77.76 -26.17 1.16
N ARG D 168 -78.88 -26.42 1.85
CA ARG D 168 -79.43 -25.48 2.81
C ARG D 168 -80.10 -26.25 3.92
N PHE D 169 -79.89 -25.81 5.16
CA PHE D 169 -80.43 -26.45 6.34
C PHE D 169 -81.51 -25.56 6.96
N LEU D 170 -82.74 -26.06 6.99
CA LEU D 170 -83.83 -25.31 7.61
C LEU D 170 -83.58 -25.13 9.10
N ASP D 171 -83.14 -26.18 9.76
CA ASP D 171 -82.78 -26.14 11.18
C ASP D 171 -81.70 -27.20 11.41
N ASP D 172 -81.40 -27.48 12.66
CA ASP D 172 -80.47 -28.56 12.98
C ASP D 172 -81.08 -29.91 12.61
N ASN D 173 -80.20 -30.86 12.28
CA ASN D 173 -80.56 -32.24 12.00
C ASN D 173 -81.31 -32.40 10.68
N GLN D 174 -81.57 -31.30 9.98
CA GLN D 174 -82.27 -31.33 8.70
C GLN D 174 -81.60 -30.37 7.74
N ILE D 175 -81.37 -30.83 6.51
CA ILE D 175 -80.74 -29.99 5.48
C ILE D 175 -81.22 -30.47 4.11
N VAL D 176 -81.77 -29.53 3.33
CA VAL D 176 -82.11 -29.81 1.94
C VAL D 176 -80.86 -29.66 1.08
N THR D 177 -80.69 -30.57 0.13
CA THR D 177 -79.48 -30.60 -0.67
C THR D 177 -79.83 -30.90 -2.12
N SER D 178 -78.98 -30.42 -3.03
CA SER D 178 -79.15 -30.63 -4.45
C SER D 178 -78.23 -31.77 -4.93
N SER D 179 -78.20 -32.01 -6.23
CA SER D 179 -77.38 -33.08 -6.79
C SER D 179 -77.16 -32.83 -8.27
N GLY D 180 -76.15 -33.52 -8.81
CA GLY D 180 -75.84 -33.49 -10.21
C GLY D 180 -76.48 -34.58 -11.04
N ASP D 181 -77.37 -35.37 -10.46
CA ASP D 181 -78.15 -36.37 -11.19
C ASP D 181 -79.60 -35.93 -11.36
N THR D 182 -79.87 -34.62 -11.24
CA THR D 182 -81.21 -34.05 -11.37
C THR D 182 -82.18 -34.68 -10.36
N THR D 183 -81.78 -34.62 -9.09
CA THR D 183 -82.60 -35.17 -8.00
C THR D 183 -82.27 -34.40 -6.73
N CYS D 184 -83.13 -33.44 -6.38
CA CYS D 184 -83.03 -32.79 -5.09
C CYS D 184 -83.52 -33.74 -3.99
N ALA D 185 -83.04 -33.52 -2.77
CA ALA D 185 -83.39 -34.40 -1.67
C ALA D 185 -83.37 -33.63 -0.36
N LEU D 186 -84.10 -34.16 0.61
CA LEU D 186 -84.09 -33.68 1.98
C LEU D 186 -83.39 -34.72 2.86
N TRP D 187 -82.47 -34.25 3.70
CA TRP D 187 -81.60 -35.14 4.45
C TRP D 187 -81.89 -35.02 5.95
N ASP D 188 -81.99 -36.17 6.62
CA ASP D 188 -82.05 -36.24 8.06
C ASP D 188 -80.66 -36.60 8.58
N ILE D 189 -80.04 -35.67 9.32
CA ILE D 189 -78.65 -35.83 9.71
C ILE D 189 -78.48 -37.01 10.66
N GLU D 190 -79.36 -37.12 11.66
CA GLU D 190 -79.18 -38.13 12.69
C GLU D 190 -79.31 -39.54 12.13
N THR D 191 -80.31 -39.79 11.28
CA THR D 191 -80.50 -41.12 10.73
C THR D 191 -79.61 -41.40 9.52
N GLY D 192 -78.99 -40.38 8.95
CA GLY D 192 -78.13 -40.59 7.78
C GLY D 192 -78.87 -41.13 6.58
N GLN D 193 -80.12 -40.71 6.38
CA GLN D 193 -80.92 -41.18 5.26
C GLN D 193 -81.79 -40.04 4.76
N GLN D 194 -82.24 -40.17 3.51
CA GLN D 194 -83.09 -39.16 2.87
C GLN D 194 -84.54 -39.53 3.11
N THR D 195 -85.25 -38.70 3.89
CA THR D 195 -86.65 -38.97 4.19
C THR D 195 -87.59 -38.53 3.07
N THR D 196 -87.13 -37.67 2.16
CA THR D 196 -87.96 -37.19 1.07
C THR D 196 -87.10 -36.97 -0.15
N THR D 197 -87.63 -37.35 -1.32
CA THR D 197 -86.93 -37.19 -2.59
C THR D 197 -87.68 -36.17 -3.46
N PHE D 198 -86.96 -35.63 -4.44
CA PHE D 198 -87.52 -34.66 -5.38
C PHE D 198 -86.97 -35.00 -6.76
N THR D 199 -87.81 -35.63 -7.59
CA THR D 199 -87.42 -36.08 -8.91
C THR D 199 -88.34 -35.45 -9.95
N GLY D 200 -87.76 -35.04 -11.07
CA GLY D 200 -88.52 -34.42 -12.14
C GLY D 200 -87.76 -33.30 -12.84
N HIS D 201 -86.61 -32.92 -12.29
CA HIS D 201 -85.81 -31.87 -12.90
C HIS D 201 -85.25 -32.34 -14.24
N THR D 202 -85.62 -31.64 -15.32
CA THR D 202 -85.10 -31.98 -16.64
C THR D 202 -83.60 -31.73 -16.70
N GLY D 203 -83.15 -30.58 -16.19
CA GLY D 203 -81.75 -30.23 -16.22
C GLY D 203 -81.05 -30.43 -14.89
N ASP D 204 -79.74 -30.18 -14.89
CA ASP D 204 -78.92 -30.37 -13.71
C ASP D 204 -79.18 -29.27 -12.69
N VAL D 205 -79.50 -29.67 -11.46
CA VAL D 205 -79.79 -28.72 -10.40
C VAL D 205 -78.54 -27.91 -10.07
N MET D 206 -78.70 -26.60 -9.92
CA MET D 206 -77.58 -25.71 -9.68
C MET D 206 -77.66 -25.03 -8.31
N SER D 207 -78.75 -24.34 -7.99
CA SER D 207 -78.83 -23.56 -6.77
C SER D 207 -80.17 -23.80 -6.09
N LEU D 208 -80.18 -23.65 -4.77
CA LEU D 208 -81.37 -23.81 -3.95
C LEU D 208 -81.48 -22.67 -2.95
N SER D 209 -82.71 -22.39 -2.54
CA SER D 209 -82.99 -21.45 -1.47
C SER D 209 -84.26 -21.89 -0.76
N LEU D 210 -84.42 -21.41 0.47
CA LEU D 210 -85.54 -21.82 1.30
C LEU D 210 -86.39 -20.61 1.69
N ALA D 211 -87.70 -20.84 1.77
CA ALA D 211 -88.61 -19.84 2.27
C ALA D 211 -88.43 -19.68 3.78
N PRO D 212 -88.80 -18.52 4.33
CA PRO D 212 -88.68 -18.34 5.80
C PRO D 212 -89.68 -19.19 6.56
N ASP D 213 -89.67 -20.50 6.30
CA ASP D 213 -90.57 -21.45 6.92
C ASP D 213 -90.04 -22.85 6.62
N THR D 214 -90.83 -23.87 6.95
CA THR D 214 -90.45 -25.25 6.71
C THR D 214 -91.46 -25.92 5.79
N ARG D 215 -91.85 -25.23 4.72
CA ARG D 215 -92.86 -25.77 3.83
C ARG D 215 -92.45 -25.78 2.36
N LEU D 216 -91.76 -24.74 1.90
CA LEU D 216 -91.45 -24.58 0.49
C LEU D 216 -89.99 -24.21 0.31
N PHE D 217 -89.40 -24.69 -0.79
CA PHE D 217 -88.06 -24.28 -1.18
C PHE D 217 -87.99 -24.22 -2.69
N VAL D 218 -87.23 -23.26 -3.20
CA VAL D 218 -87.07 -23.04 -4.63
C VAL D 218 -85.82 -23.76 -5.12
N SER D 219 -85.83 -24.15 -6.39
CA SER D 219 -84.74 -24.95 -6.95
C SER D 219 -84.75 -24.81 -8.46
N GLY D 220 -83.70 -24.19 -9.01
CA GLY D 220 -83.49 -24.16 -10.44
C GLY D 220 -82.77 -25.40 -10.94
N ALA D 221 -82.54 -25.44 -12.25
CA ALA D 221 -81.83 -26.56 -12.86
C ALA D 221 -81.18 -26.09 -14.15
N CYS D 222 -80.39 -26.99 -14.75
CA CYS D 222 -79.73 -26.71 -16.02
C CYS D 222 -80.71 -26.93 -17.18
N ASP D 223 -81.87 -26.28 -17.09
CA ASP D 223 -82.84 -26.31 -18.18
C ASP D 223 -83.53 -24.97 -18.36
N ALA D 224 -82.95 -23.89 -17.82
CA ALA D 224 -83.50 -22.54 -17.91
C ALA D 224 -84.92 -22.49 -17.33
N SER D 225 -85.03 -22.89 -16.06
CA SER D 225 -86.33 -22.91 -15.39
C SER D 225 -86.12 -22.92 -13.88
N ALA D 226 -87.23 -22.73 -13.16
CA ALA D 226 -87.23 -22.80 -11.70
C ALA D 226 -88.49 -23.54 -11.27
N LYS D 227 -88.39 -24.22 -10.13
CA LYS D 227 -89.48 -25.03 -9.62
C LYS D 227 -89.78 -24.66 -8.17
N LEU D 228 -91.03 -24.90 -7.78
CA LEU D 228 -91.50 -24.66 -6.41
C LEU D 228 -91.81 -26.02 -5.79
N TRP D 229 -90.82 -26.60 -5.11
CA TRP D 229 -91.04 -27.88 -4.46
C TRP D 229 -91.64 -27.68 -3.07
N ASP D 230 -92.11 -28.78 -2.49
CA ASP D 230 -92.61 -28.82 -1.13
C ASP D 230 -91.86 -29.90 -0.36
N VAL D 231 -91.35 -29.54 0.82
CA VAL D 231 -90.50 -30.47 1.56
C VAL D 231 -91.29 -31.68 2.03
N ARG D 232 -92.50 -31.47 2.57
CA ARG D 232 -93.26 -32.58 3.14
C ARG D 232 -93.85 -33.47 2.06
N GLU D 233 -94.41 -32.89 1.01
CA GLU D 233 -95.05 -33.69 -0.04
C GLU D 233 -94.04 -34.22 -1.04
N GLY D 234 -93.35 -33.32 -1.74
CA GLY D 234 -92.33 -33.73 -2.69
C GLY D 234 -92.74 -33.62 -4.15
N MET D 235 -93.69 -32.72 -4.44
CA MET D 235 -94.16 -32.49 -5.80
C MET D 235 -94.14 -31.00 -6.09
N CYS D 236 -93.56 -30.62 -7.22
CA CYS D 236 -93.41 -29.22 -7.58
C CYS D 236 -94.74 -28.51 -7.71
N ARG D 237 -94.97 -27.50 -6.86
CA ARG D 237 -96.25 -26.78 -6.90
C ARG D 237 -96.34 -25.86 -8.11
N GLN D 238 -95.28 -25.12 -8.40
CA GLN D 238 -95.26 -24.19 -9.53
C GLN D 238 -93.92 -24.26 -10.24
N THR D 239 -93.96 -24.19 -11.56
CA THR D 239 -92.77 -24.17 -12.39
C THR D 239 -92.67 -22.83 -13.09
N PHE D 240 -91.50 -22.22 -13.03
CA PHE D 240 -91.25 -20.92 -13.62
C PHE D 240 -90.20 -21.05 -14.72
N THR D 241 -90.52 -20.55 -15.92
CA THR D 241 -89.59 -20.60 -17.04
C THR D 241 -89.38 -19.21 -17.61
N GLY D 242 -88.69 -19.12 -18.75
CA GLY D 242 -88.44 -17.86 -19.41
C GLY D 242 -86.98 -17.48 -19.53
N HIS D 243 -86.05 -18.28 -19.02
CA HIS D 243 -84.64 -17.97 -19.13
C HIS D 243 -84.08 -18.50 -20.45
N GLU D 244 -83.06 -17.81 -20.96
CA GLU D 244 -82.40 -18.19 -22.20
C GLU D 244 -81.17 -19.06 -21.98
N SER D 245 -80.84 -19.36 -20.72
CA SER D 245 -79.66 -20.16 -20.41
C SER D 245 -79.89 -20.84 -19.07
N ASP D 246 -79.04 -21.81 -18.76
CA ASP D 246 -79.21 -22.60 -17.55
C ASP D 246 -79.05 -21.73 -16.31
N ILE D 247 -79.61 -22.19 -15.19
CA ILE D 247 -79.62 -21.38 -13.98
C ILE D 247 -78.25 -21.43 -13.32
N ASN D 248 -77.91 -20.36 -12.59
CA ASN D 248 -76.66 -20.31 -11.86
C ASN D 248 -76.87 -19.96 -10.40
N ALA D 249 -77.84 -19.09 -10.12
CA ALA D 249 -78.07 -18.63 -8.76
C ALA D 249 -79.49 -18.09 -8.65
N ILE D 250 -80.16 -18.46 -7.56
CA ILE D 250 -81.55 -18.11 -7.30
C ILE D 250 -81.68 -17.58 -5.88
N CYS D 251 -82.77 -16.85 -5.63
CA CYS D 251 -82.94 -16.12 -4.38
C CYS D 251 -84.40 -16.27 -3.92
N PHE D 252 -84.79 -15.44 -2.95
CA PHE D 252 -86.13 -15.48 -2.40
C PHE D 252 -86.47 -14.11 -1.81
N PHE D 253 -87.75 -13.74 -1.87
CA PHE D 253 -88.21 -12.53 -1.22
C PHE D 253 -88.27 -12.72 0.29
N PRO D 254 -88.10 -11.66 1.07
CA PRO D 254 -88.10 -11.81 2.54
C PRO D 254 -89.35 -12.47 3.11
N ASN D 255 -90.53 -12.20 2.56
CA ASN D 255 -91.75 -12.73 3.17
C ASN D 255 -92.05 -14.16 2.71
N GLY D 256 -91.91 -14.43 1.41
CA GLY D 256 -92.19 -15.74 0.88
C GLY D 256 -93.16 -15.79 -0.29
N ASN D 257 -93.40 -14.66 -0.97
CA ASN D 257 -94.31 -14.64 -2.11
C ASN D 257 -93.60 -14.43 -3.44
N ALA D 258 -92.34 -13.98 -3.43
CA ALA D 258 -91.58 -13.72 -4.65
C ALA D 258 -90.20 -14.34 -4.50
N PHE D 259 -89.45 -14.36 -5.60
CA PHE D 259 -88.08 -14.84 -5.57
C PHE D 259 -87.37 -14.42 -6.84
N ALA D 260 -86.15 -13.89 -6.69
CA ALA D 260 -85.34 -13.51 -7.83
C ALA D 260 -84.71 -14.75 -8.48
N THR D 261 -84.21 -14.56 -9.69
CA THR D 261 -83.65 -15.68 -10.45
C THR D 261 -82.75 -15.12 -11.55
N GLY D 262 -81.47 -15.44 -11.49
CA GLY D 262 -80.49 -14.95 -12.46
C GLY D 262 -79.73 -16.09 -13.10
N SER D 263 -79.42 -15.95 -14.39
CA SER D 263 -78.75 -16.99 -15.15
C SER D 263 -77.68 -16.33 -16.02
N ASP D 264 -77.13 -17.11 -16.95
CA ASP D 264 -76.09 -16.62 -17.86
C ASP D 264 -76.61 -15.61 -18.87
N ASP D 265 -77.93 -15.47 -19.02
CA ASP D 265 -78.49 -14.51 -19.96
C ASP D 265 -78.28 -13.06 -19.51
N ALA D 266 -77.56 -12.84 -18.42
CA ALA D 266 -77.30 -11.50 -17.88
C ALA D 266 -78.58 -10.77 -17.55
N THR D 267 -79.61 -11.52 -17.16
CA THR D 267 -80.93 -10.97 -16.86
C THR D 267 -81.44 -11.61 -15.59
N CYS D 268 -81.82 -10.80 -14.61
CA CYS D 268 -82.47 -11.29 -13.40
C CYS D 268 -83.98 -11.28 -13.64
N ARG D 269 -84.60 -12.45 -13.48
CA ARG D 269 -86.02 -12.62 -13.75
C ARG D 269 -86.75 -12.82 -12.42
N LEU D 270 -87.35 -11.74 -11.92
CA LEU D 270 -88.16 -11.84 -10.71
C LEU D 270 -89.44 -12.61 -11.02
N PHE D 271 -89.90 -13.39 -10.04
CA PHE D 271 -91.11 -14.19 -10.17
C PHE D 271 -91.98 -13.97 -8.93
N ASP D 272 -93.22 -14.45 -9.00
CA ASP D 272 -94.16 -14.32 -7.90
C ASP D 272 -94.88 -15.65 -7.68
N LEU D 273 -95.07 -16.00 -6.41
CA LEU D 273 -95.69 -17.28 -6.08
C LEU D 273 -97.16 -17.31 -6.49
N ARG D 274 -97.92 -16.29 -6.11
CA ARG D 274 -99.35 -16.28 -6.40
C ARG D 274 -99.64 -15.99 -7.87
N ALA D 275 -98.89 -15.05 -8.47
CA ALA D 275 -99.14 -14.70 -9.86
C ALA D 275 -98.66 -15.78 -10.82
N ASP D 276 -97.65 -16.56 -10.41
CA ASP D 276 -97.09 -17.62 -11.23
C ASP D 276 -96.58 -17.10 -12.57
N GLN D 277 -95.98 -15.90 -12.56
CA GLN D 277 -95.48 -15.29 -13.78
C GLN D 277 -94.34 -14.35 -13.46
N GLU D 278 -93.51 -14.08 -14.46
CA GLU D 278 -92.41 -13.14 -14.31
C GLU D 278 -92.96 -11.72 -14.18
N LEU D 279 -92.37 -10.94 -13.28
CA LEU D 279 -92.82 -9.59 -12.99
C LEU D 279 -92.01 -8.54 -13.75
N MET D 280 -90.69 -8.51 -13.53
CA MET D 280 -89.83 -7.49 -14.11
C MET D 280 -88.60 -8.17 -14.72
N THR D 281 -87.74 -7.34 -15.31
CA THR D 281 -86.50 -7.81 -15.91
C THR D 281 -85.36 -6.87 -15.52
N TYR D 282 -84.29 -7.42 -14.97
CA TYR D 282 -83.13 -6.65 -14.55
C TYR D 282 -81.99 -6.98 -15.51
N SER D 283 -81.76 -6.10 -16.48
CA SER D 283 -80.73 -6.33 -17.49
C SER D 283 -80.21 -5.00 -18.00
N HIS D 284 -79.02 -5.05 -18.59
CA HIS D 284 -78.41 -3.88 -19.21
C HIS D 284 -77.84 -4.28 -20.57
N ASP D 285 -77.71 -3.27 -21.44
CA ASP D 285 -77.30 -3.53 -22.81
C ASP D 285 -75.85 -4.03 -22.89
N ASN D 286 -74.94 -3.39 -22.16
CA ASN D 286 -73.52 -3.68 -22.27
C ASN D 286 -73.08 -4.86 -21.40
N ILE D 287 -73.98 -5.46 -20.65
CA ILE D 287 -73.65 -6.58 -19.76
C ILE D 287 -73.87 -7.88 -20.52
N ILE D 288 -72.81 -8.67 -20.65
CA ILE D 288 -72.87 -9.94 -21.38
C ILE D 288 -72.36 -11.05 -20.48
N CYS D 289 -72.19 -10.75 -19.20
CA CYS D 289 -71.62 -11.68 -18.23
C CYS D 289 -72.73 -12.43 -17.51
N GLY D 290 -72.57 -13.74 -17.40
CA GLY D 290 -73.56 -14.53 -16.69
C GLY D 290 -73.59 -14.23 -15.21
N ILE D 291 -74.78 -14.33 -14.63
CA ILE D 291 -74.96 -14.11 -13.20
C ILE D 291 -74.46 -15.34 -12.44
N THR D 292 -73.98 -15.12 -11.22
CA THR D 292 -73.48 -16.21 -10.39
C THR D 292 -73.97 -16.17 -8.95
N SER D 293 -74.57 -15.06 -8.49
CA SER D 293 -75.02 -14.94 -7.11
C SER D 293 -76.01 -13.80 -7.03
N VAL D 294 -77.23 -14.09 -6.59
CA VAL D 294 -78.29 -13.10 -6.46
C VAL D 294 -78.89 -13.19 -5.06
N SER D 295 -79.00 -12.04 -4.39
CA SER D 295 -79.62 -11.97 -3.08
C SER D 295 -80.44 -10.69 -2.98
N PHE D 296 -81.51 -10.74 -2.19
CA PHE D 296 -82.39 -9.61 -2.00
C PHE D 296 -81.91 -8.78 -0.81
N SER D 297 -82.73 -7.83 -0.39
CA SER D 297 -82.46 -7.01 0.79
C SER D 297 -83.61 -7.17 1.78
N LYS D 298 -83.49 -6.46 2.91
CA LYS D 298 -84.52 -6.55 3.95
C LYS D 298 -85.86 -6.04 3.46
N SER D 299 -85.88 -4.82 2.92
CA SER D 299 -87.14 -4.25 2.45
C SER D 299 -87.60 -4.91 1.15
N GLY D 300 -86.70 -5.56 0.43
CA GLY D 300 -87.01 -6.08 -0.88
C GLY D 300 -86.94 -5.07 -2.00
N ARG D 301 -86.58 -3.82 -1.71
CA ARG D 301 -86.44 -2.82 -2.76
C ARG D 301 -85.17 -3.02 -3.57
N LEU D 302 -84.08 -3.39 -2.91
CA LEU D 302 -82.81 -3.61 -3.59
C LEU D 302 -82.68 -5.07 -4.01
N LEU D 303 -81.80 -5.30 -4.99
CA LEU D 303 -81.52 -6.64 -5.49
C LEU D 303 -80.03 -6.74 -5.77
N LEU D 304 -79.32 -7.50 -4.96
CA LEU D 304 -77.88 -7.68 -5.11
C LEU D 304 -77.62 -8.84 -6.06
N ALA D 305 -76.80 -8.58 -7.10
CA ALA D 305 -76.47 -9.59 -8.08
C ALA D 305 -75.00 -9.47 -8.45
N GLY D 306 -74.34 -10.62 -8.59
CA GLY D 306 -72.95 -10.67 -9.00
C GLY D 306 -72.80 -11.44 -10.29
N TYR D 307 -71.97 -10.93 -11.19
CA TYR D 307 -71.75 -11.51 -12.50
C TYR D 307 -70.28 -11.86 -12.69
N ASP D 308 -69.95 -12.26 -13.91
CA ASP D 308 -68.58 -12.60 -14.29
C ASP D 308 -67.77 -11.39 -14.73
N ASP D 309 -68.37 -10.19 -14.71
CA ASP D 309 -67.69 -8.97 -15.11
C ASP D 309 -66.59 -8.56 -14.14
N PHE D 310 -66.50 -9.23 -12.99
CA PHE D 310 -65.64 -8.91 -11.84
C PHE D 310 -66.28 -7.78 -11.03
N ASN D 311 -67.52 -7.43 -11.34
CA ASN D 311 -68.24 -6.35 -10.68
C ASN D 311 -69.63 -6.83 -10.30
N CYS D 312 -70.20 -6.19 -9.28
CA CYS D 312 -71.58 -6.43 -8.88
C CYS D 312 -72.32 -5.10 -8.83
N ASN D 313 -73.59 -5.14 -9.21
CA ASN D 313 -74.43 -3.96 -9.27
C ASN D 313 -75.75 -4.23 -8.59
N VAL D 314 -76.32 -3.18 -7.98
CA VAL D 314 -77.55 -3.27 -7.23
C VAL D 314 -78.71 -2.83 -8.11
N TRP D 315 -79.74 -3.66 -8.20
CA TRP D 315 -80.93 -3.38 -9.00
C TRP D 315 -82.09 -3.01 -8.09
N ASP D 316 -82.78 -1.92 -8.42
CA ASP D 316 -84.01 -1.57 -7.73
C ASP D 316 -85.10 -2.54 -8.15
N ALA D 317 -85.62 -3.30 -7.19
CA ALA D 317 -86.62 -4.32 -7.49
C ALA D 317 -87.97 -3.72 -7.88
N LEU D 318 -88.17 -2.42 -7.71
CA LEU D 318 -89.41 -1.75 -8.07
C LEU D 318 -89.35 -1.09 -9.44
N LYS D 319 -88.34 -0.25 -9.67
CA LYS D 319 -88.21 0.49 -10.92
C LYS D 319 -87.46 -0.27 -12.00
N ALA D 320 -86.96 -1.47 -11.69
CA ALA D 320 -86.20 -2.29 -12.65
C ALA D 320 -84.99 -1.55 -13.19
N ASP D 321 -84.38 -0.69 -12.37
CA ASP D 321 -83.22 0.09 -12.76
C ASP D 321 -82.07 -0.19 -11.80
N ARG D 322 -80.85 -0.05 -12.32
CA ARG D 322 -79.67 -0.20 -11.49
C ARG D 322 -79.59 0.92 -10.47
N ALA D 323 -79.25 0.55 -9.23
CA ALA D 323 -79.11 1.53 -8.16
C ALA D 323 -77.70 2.08 -8.05
N GLY D 324 -76.70 1.23 -8.25
CA GLY D 324 -75.31 1.67 -8.18
C GLY D 324 -74.39 0.53 -8.57
N VAL D 325 -73.11 0.87 -8.66
CA VAL D 325 -72.08 -0.07 -9.06
C VAL D 325 -71.26 -0.45 -7.83
N LEU D 326 -70.50 -1.54 -7.96
CA LEU D 326 -69.63 -2.00 -6.88
C LEU D 326 -68.52 -2.83 -7.49
N ALA D 327 -67.27 -2.45 -7.22
CA ALA D 327 -66.10 -3.15 -7.73
C ALA D 327 -65.10 -3.36 -6.60
N GLY D 328 -64.03 -4.07 -6.90
CA GLY D 328 -63.00 -4.34 -5.91
C GLY D 328 -62.46 -5.75 -6.00
N HIS D 329 -63.09 -6.59 -6.82
CA HIS D 329 -62.66 -7.96 -7.03
C HIS D 329 -62.06 -8.11 -8.42
N ASP D 330 -60.98 -8.89 -8.50
CA ASP D 330 -60.24 -9.05 -9.75
C ASP D 330 -60.67 -10.27 -10.54
N ASN D 331 -61.70 -10.99 -10.11
CA ASN D 331 -62.16 -12.18 -10.81
C ASN D 331 -63.65 -12.34 -10.58
N ARG D 332 -64.18 -13.50 -10.97
CA ARG D 332 -65.61 -13.74 -10.90
C ARG D 332 -66.12 -13.66 -9.46
N VAL D 333 -67.24 -12.96 -9.28
CA VAL D 333 -67.93 -12.92 -8.00
C VAL D 333 -68.89 -14.09 -7.97
N SER D 334 -68.55 -15.12 -7.18
CA SER D 334 -69.29 -16.37 -7.17
C SER D 334 -70.10 -16.60 -5.90
N CYS D 335 -70.05 -15.67 -4.95
CA CYS D 335 -70.76 -15.84 -3.69
C CYS D 335 -71.44 -14.53 -3.31
N LEU D 336 -72.52 -14.64 -2.55
CA LEU D 336 -73.26 -13.47 -2.10
C LEU D 336 -74.13 -13.88 -0.92
N GLY D 337 -74.32 -12.94 0.01
CA GLY D 337 -75.12 -13.19 1.18
C GLY D 337 -75.56 -11.93 1.89
N VAL D 338 -76.68 -12.01 2.61
CA VAL D 338 -77.23 -10.88 3.35
C VAL D 338 -77.53 -11.35 4.77
N THR D 339 -77.16 -10.52 5.75
CA THR D 339 -77.31 -10.88 7.14
C THR D 339 -78.78 -10.88 7.55
N ASP D 340 -79.03 -11.37 8.76
CA ASP D 340 -80.40 -11.38 9.29
C ASP D 340 -80.94 -9.97 9.46
N ASP D 341 -80.11 -9.04 9.92
CA ASP D 341 -80.51 -7.65 10.09
C ASP D 341 -80.23 -6.79 8.87
N GLY D 342 -79.35 -7.23 7.97
CA GLY D 342 -79.10 -6.49 6.75
C GLY D 342 -78.20 -5.28 6.87
N MET D 343 -77.39 -5.21 7.93
CA MET D 343 -76.44 -4.10 8.05
C MET D 343 -75.40 -4.14 6.94
N ALA D 344 -74.92 -5.33 6.58
CA ALA D 344 -73.80 -5.46 5.67
C ALA D 344 -74.07 -6.55 4.64
N VAL D 345 -73.39 -6.43 3.50
CA VAL D 345 -73.41 -7.43 2.44
C VAL D 345 -71.96 -7.78 2.11
N ALA D 346 -71.74 -9.06 1.78
CA ALA D 346 -70.40 -9.56 1.51
C ALA D 346 -70.40 -10.34 0.21
N THR D 347 -69.20 -10.56 -0.33
CA THR D 347 -69.03 -11.26 -1.59
C THR D 347 -67.89 -12.27 -1.48
N GLY D 348 -67.98 -13.31 -2.28
CA GLY D 348 -66.90 -14.27 -2.41
C GLY D 348 -66.45 -14.41 -3.85
N SER D 349 -65.24 -13.94 -4.16
CA SER D 349 -64.75 -13.91 -5.52
C SER D 349 -63.78 -15.06 -5.78
N TRP D 350 -63.20 -15.08 -6.97
CA TRP D 350 -62.24 -16.09 -7.36
C TRP D 350 -60.79 -15.64 -7.14
N ASP D 351 -60.58 -14.46 -6.56
CA ASP D 351 -59.24 -13.92 -6.36
C ASP D 351 -58.74 -14.15 -4.93
N SER D 352 -59.40 -15.00 -4.16
CA SER D 352 -59.00 -15.33 -2.79
C SER D 352 -59.11 -14.12 -1.87
N PHE D 353 -60.23 -13.40 -1.95
CA PHE D 353 -60.48 -12.25 -1.10
C PHE D 353 -61.97 -12.20 -0.75
N LEU D 354 -62.27 -11.50 0.35
CA LEU D 354 -63.63 -11.23 0.75
C LEU D 354 -63.74 -9.78 1.21
N LYS D 355 -64.91 -9.19 0.99
CA LYS D 355 -65.13 -7.78 1.30
C LYS D 355 -66.45 -7.61 2.03
N ILE D 356 -66.54 -6.51 2.78
CA ILE D 356 -67.74 -6.17 3.54
C ILE D 356 -68.14 -4.74 3.18
N TRP D 357 -69.41 -4.54 2.84
CA TRP D 357 -69.93 -3.24 2.47
C TRP D 357 -71.09 -2.86 3.38
N ASN D 358 -71.13 -1.60 3.78
CA ASN D 358 -72.16 -1.06 4.69
C ASN D 358 -72.15 -1.75 6.05
N THR E 6 -92.68 -49.36 -21.17
CA THR E 6 -92.66 -48.07 -21.85
C THR E 6 -92.27 -46.95 -20.89
N ALA E 7 -90.96 -46.77 -20.70
CA ALA E 7 -90.47 -45.72 -19.80
C ALA E 7 -90.84 -44.33 -20.31
N SER E 8 -90.73 -44.11 -21.62
CA SER E 8 -91.06 -42.80 -22.19
C SER E 8 -92.53 -42.47 -21.98
N ILE E 9 -93.42 -43.45 -22.17
CA ILE E 9 -94.84 -43.21 -21.98
C ILE E 9 -95.15 -42.88 -20.53
N ALA E 10 -94.53 -43.61 -19.60
CA ALA E 10 -94.73 -43.32 -18.17
C ALA E 10 -94.21 -41.93 -17.82
N GLN E 11 -93.06 -41.55 -18.36
CA GLN E 11 -92.52 -40.23 -18.08
C GLN E 11 -93.42 -39.14 -18.64
N ALA E 12 -93.95 -39.34 -19.85
CA ALA E 12 -94.88 -38.37 -20.43
C ALA E 12 -96.16 -38.26 -19.60
N ARG E 13 -96.67 -39.40 -19.12
CA ARG E 13 -97.85 -39.37 -18.26
C ARG E 13 -97.58 -38.63 -16.96
N LYS E 14 -96.40 -38.86 -16.37
CA LYS E 14 -96.05 -38.15 -15.14
C LYS E 14 -95.93 -36.65 -15.38
N LEU E 15 -95.33 -36.26 -16.50
CA LEU E 15 -95.22 -34.84 -16.83
C LEU E 15 -96.59 -34.21 -17.06
N VAL E 16 -97.49 -34.94 -17.72
CA VAL E 16 -98.85 -34.45 -17.94
C VAL E 16 -99.57 -34.29 -16.61
N GLU E 17 -99.40 -35.25 -15.70
CA GLU E 17 -100.01 -35.15 -14.39
C GLU E 17 -99.47 -33.96 -13.60
N GLN E 18 -98.16 -33.73 -13.69
CA GLN E 18 -97.57 -32.57 -13.03
C GLN E 18 -98.12 -31.27 -13.60
N LEU E 19 -98.24 -31.19 -14.93
CA LEU E 19 -98.80 -30.00 -15.56
C LEU E 19 -100.26 -29.78 -15.13
N LYS E 20 -101.03 -30.86 -15.05
CA LYS E 20 -102.42 -30.75 -14.61
C LYS E 20 -102.50 -30.28 -13.16
N MET E 21 -101.62 -30.80 -12.30
CA MET E 21 -101.58 -30.36 -10.91
C MET E 21 -101.21 -28.88 -10.82
N GLU E 22 -100.27 -28.43 -11.65
CA GLU E 22 -99.94 -27.02 -11.70
C GLU E 22 -101.13 -26.18 -12.15
N ALA E 23 -101.89 -26.69 -13.12
CA ALA E 23 -103.09 -26.01 -13.57
C ALA E 23 -104.18 -25.97 -12.50
N ASN E 24 -104.08 -26.82 -11.48
CA ASN E 24 -105.04 -26.86 -10.39
C ASN E 24 -104.73 -25.85 -9.29
N ILE E 25 -103.92 -24.83 -9.59
CA ILE E 25 -103.57 -23.78 -8.65
C ILE E 25 -104.46 -22.58 -8.91
N ASP E 26 -105.11 -22.08 -7.87
CA ASP E 26 -106.00 -20.92 -7.98
C ASP E 26 -105.14 -19.66 -8.10
N ARG E 27 -104.62 -19.44 -9.31
CA ARG E 27 -103.78 -18.28 -9.56
C ARG E 27 -104.60 -17.00 -9.44
N ILE E 28 -104.01 -15.99 -8.80
CA ILE E 28 -104.67 -14.71 -8.61
C ILE E 28 -104.09 -13.70 -9.60
N LYS E 29 -104.77 -12.56 -9.71
CA LYS E 29 -104.33 -11.52 -10.63
C LYS E 29 -102.98 -10.96 -10.21
N VAL E 30 -102.15 -10.64 -11.20
CA VAL E 30 -100.83 -10.08 -10.93
C VAL E 30 -100.93 -8.71 -10.28
N SER E 31 -102.07 -8.04 -10.40
CA SER E 31 -102.25 -6.75 -9.74
C SER E 31 -102.16 -6.88 -8.23
N LYS E 32 -102.79 -7.91 -7.67
CA LYS E 32 -102.74 -8.11 -6.22
C LYS E 32 -101.32 -8.42 -5.75
N ALA E 33 -100.59 -9.25 -6.50
CA ALA E 33 -99.22 -9.57 -6.14
C ALA E 33 -98.34 -8.32 -6.19
N ALA E 34 -98.48 -7.52 -7.25
CA ALA E 34 -97.70 -6.29 -7.34
C ALA E 34 -98.05 -5.33 -6.22
N ALA E 35 -99.34 -5.23 -5.87
CA ALA E 35 -99.75 -4.39 -4.75
C ALA E 35 -99.13 -4.85 -3.44
N ASP E 36 -99.10 -6.16 -3.22
CA ASP E 36 -98.46 -6.69 -2.02
C ASP E 36 -96.97 -6.36 -2.01
N LEU E 37 -96.30 -6.49 -3.16
CA LEU E 37 -94.88 -6.17 -3.23
C LEU E 37 -94.62 -4.70 -2.90
N MET E 38 -95.40 -3.79 -3.50
CA MET E 38 -95.14 -2.38 -3.26
C MET E 38 -95.48 -1.98 -1.82
N ALA E 39 -96.56 -2.57 -1.28
CA ALA E 39 -96.90 -2.28 0.11
C ALA E 39 -95.82 -2.77 1.07
N TYR E 40 -95.28 -3.96 0.82
CA TYR E 40 -94.20 -4.47 1.66
C TYR E 40 -92.95 -3.61 1.54
N CYS E 41 -92.61 -3.19 0.32
CA CYS E 41 -91.42 -2.37 0.14
C CYS E 41 -91.58 -1.00 0.79
N GLU E 42 -92.76 -0.40 0.70
CA GLU E 42 -92.99 0.90 1.31
C GLU E 42 -93.02 0.82 2.82
N ALA E 43 -93.65 -0.23 3.37
CA ALA E 43 -93.73 -0.37 4.82
C ALA E 43 -92.38 -0.71 5.44
N HIS E 44 -91.53 -1.43 4.71
CA HIS E 44 -90.24 -1.85 5.22
C HIS E 44 -89.10 -0.96 4.75
N ALA E 45 -89.40 0.19 4.14
CA ALA E 45 -88.35 1.08 3.65
C ALA E 45 -87.50 1.62 4.80
N LYS E 46 -88.13 1.99 5.91
CA LYS E 46 -87.39 2.57 7.02
C LYS E 46 -86.52 1.54 7.74
N GLU E 47 -86.94 0.28 7.75
CA GLU E 47 -86.23 -0.78 8.47
C GLU E 47 -85.19 -1.49 7.60
N ASP E 48 -84.78 -0.87 6.50
CA ASP E 48 -83.73 -1.44 5.66
C ASP E 48 -82.43 -0.68 5.91
N PRO E 49 -81.43 -1.31 6.55
CA PRO E 49 -80.15 -0.62 6.75
C PRO E 49 -79.46 -0.23 5.46
N LEU E 50 -79.58 -1.04 4.41
CA LEU E 50 -78.91 -0.73 3.15
C LEU E 50 -79.58 0.46 2.45
N LEU E 51 -80.90 0.58 2.58
CA LEU E 51 -81.61 1.67 1.93
C LEU E 51 -81.38 2.98 2.67
N THR E 52 -81.79 3.05 3.93
CA THR E 52 -81.67 4.29 4.69
C THR E 52 -80.23 4.47 5.16
N PRO E 53 -79.61 5.62 4.86
CA PRO E 53 -78.27 5.88 5.41
C PRO E 53 -78.30 5.87 6.94
N VAL E 54 -77.24 5.33 7.53
CA VAL E 54 -77.20 5.13 8.97
C VAL E 54 -75.92 5.75 9.53
N PRO E 55 -75.95 6.28 10.76
CA PRO E 55 -74.74 6.87 11.34
C PRO E 55 -73.71 5.81 11.69
N ALA E 56 -72.46 6.27 11.82
CA ALA E 56 -71.36 5.35 12.11
C ALA E 56 -71.42 4.83 13.54
N SER E 57 -71.96 5.61 14.47
CA SER E 57 -72.01 5.18 15.87
C SER E 57 -72.85 3.92 16.04
N GLU E 58 -74.04 3.90 15.43
CA GLU E 58 -74.86 2.70 15.48
C GLU E 58 -74.37 1.64 14.50
N ASN E 59 -73.56 2.05 13.53
CA ASN E 59 -72.98 1.11 12.58
C ASN E 59 -71.90 0.29 13.26
N PRO E 60 -71.97 -1.04 13.22
CA PRO E 60 -70.91 -1.85 13.85
C PRO E 60 -69.53 -1.59 13.26
N PHE E 61 -69.44 -1.32 11.96
CA PHE E 61 -68.15 -1.07 11.32
C PHE E 61 -67.71 0.38 11.43
N ARG E 62 -68.58 1.26 11.91
CA ARG E 62 -68.27 2.69 12.03
C ARG E 62 -67.82 3.28 10.70
N ABU F . 58.59 16.98 29.52
CD ABU F . 58.83 18.40 29.62
CB ABU F . 58.84 19.00 28.22
CG ABU F . 59.09 20.51 28.31
C ABU F . 59.13 21.10 26.92
O ABU F . 59.64 20.45 25.98
OXT ABU F . 58.65 22.25 26.70
#